data_4KGL
#
_entry.id   4KGL
#
_cell.length_a   259.359
_cell.length_b   259.359
_cell.length_c   71.568
_cell.angle_alpha   90.00
_cell.angle_beta   90.00
_cell.angle_gamma   120.00
#
_symmetry.space_group_name_H-M   'H 3'
#
loop_
_entity.id
_entity.type
_entity.pdbx_description
1 polymer Alpha-L-iduronidase
2 branched 2-acetamido-2-deoxy-beta-D-glucopyranose-(1-4)-2-acetamido-2-deoxy-beta-D-glucopyranose
3 branched alpha-D-mannopyranose-(1-3)-[alpha-D-mannopyranose-(1-6)]beta-D-mannopyranose-(1-4)-2-acetamido-2-deoxy-beta-D-glucopyranose-(1-4)-2-acetamido-2-deoxy-beta-D-glucopyranose
4 branched alpha-D-mannopyranose-(1-2)-alpha-D-mannopyranose-(1-6)-[alpha-D-mannopyranose-(1-3)]alpha-D-mannopyranose-(1-6)-[alpha-D-mannopyranose-(1-2)-alpha-D-mannopyranose-(1-3)]beta-D-mannopyranose-(1-4)-2-acetamido-2-deoxy-beta-D-glucopyranose-(1-4)-2-acetamido-2-deoxy-beta-D-glucopyranose
5 non-polymer 2-acetamido-2-deoxy-beta-D-glucopyranose
6 non-polymer GLYCEROL
7 non-polymer '(2R,3R,4R,5S)-3,4,5-trihydroxypiperidine-2-carboxylic acid'
8 non-polymer 'L(+)-TARTARIC ACID'
9 water water
#
_entity_poly.entity_id   1
_entity_poly.type   'polypeptide(L)'
_entity_poly.pdbx_seq_one_letter_code
;EAPHLVQVDAARALWPLRRFWRSTGFCPPLPHSQADPYVLSWDQQLNLAYVGAVPHRGIKQVRTHWLLELVTTRGSTGQG
LSYNFTHLDGYLDLLRENQLLPGFELMGSASGHFTDFEDKQQVFEWKDLVSSLARRYIGRYGLAHVSKWNFETWNEPDHH
DFDNVSMTMQGFLNYYDACSEGLRAASPALRLGGPGDSFHTPPRSPLSWGLLRHCHDGTNFFTGEAGVRLDYISLHRKGA
RSSISILEQEKVVAQQIRQLFPKFADTPIYNDEADPLVGWSLPQPWRADVTYAAMVVKVIAQHQNLLLANTTSAFPYALL
SNDNAFLSYHPHPFAQRTLTARFQVNNTRPPHVQLLRKPVLTAMGLLALLDEEQLWAEVSQAGTVLDSNHTVGVLASAHR
PQGPADAWRAAVLIYASDDTRAHPNRSVAVTLRLRGVPPGPGLVYVTRYLDNGLCSPDGEWRRLGRPVFPTAEQFRRMRA
AEDPVAAAPRPLPAGGRLTLRPALRLPSLLLVHVCARPEKPPGQVTRLRALPLTQGQLVLVWSDEHVGSKCLWTYEIQFS
QDGKAYTPVSRKPSTFNLFVFSPDTGAVSGSYRVRALDYWARPGPFSDPVPYLEVPVPRGPPSPGNP
;
_entity_poly.pdbx_strand_id   A,B
#
loop_
_chem_comp.id
_chem_comp.type
_chem_comp.name
_chem_comp.formula
BMA D-saccharide, beta linking beta-D-mannopyranose 'C6 H12 O6'
GOL non-polymer GLYCEROL 'C3 H8 O3'
IDJ non-polymer '(2R,3R,4R,5S)-3,4,5-trihydroxypiperidine-2-carboxylic acid' 'C6 H11 N O5'
MAN D-saccharide, alpha linking alpha-D-mannopyranose 'C6 H12 O6'
NAG D-saccharide, beta linking 2-acetamido-2-deoxy-beta-D-glucopyranose 'C8 H15 N O6'
TLA non-polymer 'L(+)-TARTARIC ACID' 'C4 H6 O6'
#
# COMPACT_ATOMS: atom_id res chain seq x y z
N ALA A 2 25.82 27.54 9.58
CA ALA A 2 25.81 28.32 10.86
C ALA A 2 24.53 28.05 11.65
N PRO A 3 24.68 27.66 12.94
CA PRO A 3 23.56 27.20 13.77
C PRO A 3 22.49 28.27 14.04
N HIS A 4 21.28 27.82 14.38
CA HIS A 4 20.25 28.71 14.90
C HIS A 4 20.43 28.77 16.41
N LEU A 5 20.36 29.97 16.95
CA LEU A 5 20.49 30.18 18.39
C LEU A 5 19.13 30.52 18.99
N VAL A 6 18.73 29.75 20.00
CA VAL A 6 17.48 29.99 20.72
C VAL A 6 17.81 30.37 22.16
N GLN A 7 17.36 31.56 22.54
CA GLN A 7 17.61 32.11 23.87
C GLN A 7 16.31 32.26 24.65
N VAL A 8 16.32 31.77 25.88
CA VAL A 8 15.16 31.88 26.76
C VAL A 8 15.56 32.48 28.11
N ASP A 9 14.85 33.53 28.51
CA ASP A 9 15.04 34.18 29.81
C ASP A 9 13.86 33.85 30.72
N ALA A 10 14.10 32.91 31.64
CA ALA A 10 13.05 32.39 32.51
C ALA A 10 12.62 33.37 33.62
N ALA A 11 13.49 34.34 33.90
CA ALA A 11 13.20 35.39 34.89
C ALA A 11 12.29 36.48 34.31
N ARG A 12 12.35 36.66 32.99
CA ARG A 12 11.54 37.68 32.28
C ARG A 12 10.18 37.15 31.84
N ALA A 13 9.28 36.95 32.80
CA ALA A 13 7.91 36.56 32.50
C ALA A 13 7.12 37.76 31.93
N LEU A 14 7.03 37.82 30.60
CA LEU A 14 6.49 39.01 29.92
C LEU A 14 5.01 39.29 30.14
N TRP A 15 4.14 38.56 29.46
CA TRP A 15 2.70 38.79 29.52
C TRP A 15 1.91 37.48 29.60
N PRO A 16 0.59 37.55 29.88
CA PRO A 16 -0.20 36.32 29.86
C PRO A 16 -0.09 35.57 28.54
N LEU A 17 0.12 34.25 28.62
CA LEU A 17 0.03 33.38 27.46
C LEU A 17 -1.24 32.55 27.59
N ARG A 18 -2.16 32.74 26.65
CA ARG A 18 -3.45 32.06 26.68
C ARG A 18 -3.51 30.91 25.69
N ARG A 19 -4.00 29.76 26.15
CA ARG A 19 -4.13 28.58 25.30
C ARG A 19 -5.32 28.69 24.31
N PHE A 20 -5.13 29.53 23.31
CA PHE A 20 -6.20 29.96 22.41
C PHE A 20 -6.53 28.99 21.28
N TRP A 21 -5.81 27.87 21.20
CA TRP A 21 -5.87 26.97 20.04
C TRP A 21 -6.54 25.64 20.32
N ARG A 22 -7.26 25.51 21.42
CA ARG A 22 -7.69 24.19 21.90
C ARG A 22 -9.04 23.77 21.33
N SER A 23 -9.11 23.67 20.02
CA SER A 23 -10.37 23.43 19.34
C SER A 23 -10.18 22.59 18.09
N THR A 24 -11.20 21.80 17.77
CA THR A 24 -11.21 21.02 16.54
C THR A 24 -12.60 21.06 15.88
N GLY A 25 -12.78 20.31 14.79
CA GLY A 25 -14.09 20.24 14.18
C GLY A 25 -14.24 19.21 13.10
N PHE A 26 -15.48 19.03 12.64
CA PHE A 26 -15.79 18.18 11.48
C PHE A 26 -17.20 18.38 10.95
N CYS A 27 -17.44 17.85 9.75
CA CYS A 27 -18.76 17.80 9.16
C CYS A 27 -19.12 16.35 8.93
N PRO A 28 -20.26 15.90 9.51
CA PRO A 28 -20.84 14.62 9.10
C PRO A 28 -21.18 14.56 7.60
N PRO A 29 -21.17 13.35 7.01
CA PRO A 29 -21.56 13.18 5.61
C PRO A 29 -23.09 13.15 5.44
N TYR A 38 -24.77 8.74 12.41
CA TYR A 38 -23.34 8.70 12.11
C TYR A 38 -22.46 9.10 13.29
N VAL A 39 -22.78 10.21 13.94
CA VAL A 39 -21.97 10.73 15.05
C VAL A 39 -22.05 9.85 16.31
N LEU A 40 -22.97 8.88 16.30
CA LEU A 40 -23.17 7.97 17.42
C LEU A 40 -22.47 6.63 17.22
N SER A 41 -21.99 6.39 15.99
CA SER A 41 -21.27 5.16 15.63
C SER A 41 -20.04 4.93 16.51
N TRP A 42 -19.63 3.66 16.60
CA TRP A 42 -18.49 3.28 17.40
C TRP A 42 -17.21 3.98 16.96
N ASP A 43 -17.05 4.14 15.64
CA ASP A 43 -15.91 4.85 15.07
C ASP A 43 -15.79 6.21 15.75
N GLN A 44 -16.87 6.99 15.65
CA GLN A 44 -16.94 8.33 16.21
C GLN A 44 -16.77 8.35 17.72
N GLN A 45 -17.22 7.29 18.39
CA GLN A 45 -17.05 7.20 19.83
C GLN A 45 -15.58 7.08 20.22
N LEU A 46 -14.85 6.28 19.47
CA LEU A 46 -13.42 6.13 19.71
C LEU A 46 -12.67 7.42 19.35
N ASN A 47 -13.06 8.05 18.25
CA ASN A 47 -12.44 9.30 17.80
C ASN A 47 -12.36 10.35 18.90
N LEU A 48 -13.50 10.65 19.53
CA LEU A 48 -13.57 11.66 20.57
C LEU A 48 -12.93 11.18 21.87
N ALA A 49 -12.77 9.87 22.03
CA ALA A 49 -12.03 9.37 23.18
C ALA A 49 -10.56 9.72 22.99
N TYR A 50 -10.13 9.72 21.73
CA TYR A 50 -8.77 10.08 21.41
C TYR A 50 -8.56 11.58 21.58
N VAL A 51 -9.51 12.38 21.09
CA VAL A 51 -9.47 13.84 21.23
C VAL A 51 -9.43 14.27 22.69
N GLY A 52 -10.37 13.78 23.49
CA GLY A 52 -10.43 14.09 24.92
C GLY A 52 -9.23 13.60 25.72
N ALA A 53 -8.41 12.76 25.11
CA ALA A 53 -7.28 12.12 25.81
C ALA A 53 -6.02 12.98 25.77
N VAL A 54 -6.06 14.03 24.95
CA VAL A 54 -4.98 15.02 24.90
C VAL A 54 -4.88 15.64 26.29
N PRO A 55 -3.71 15.47 26.95
CA PRO A 55 -3.57 15.79 28.37
C PRO A 55 -3.80 17.26 28.73
N HIS A 56 -4.14 17.51 29.99
CA HIS A 56 -4.31 18.86 30.54
C HIS A 56 -5.27 19.74 29.73
N ARG A 57 -6.42 19.15 29.39
CA ARG A 57 -7.49 19.82 28.63
C ARG A 57 -7.00 20.39 27.28
N GLY A 58 -6.06 19.69 26.65
CA GLY A 58 -5.40 20.15 25.43
C GLY A 58 -6.28 20.40 24.21
N ILE A 59 -7.45 19.77 24.17
CA ILE A 59 -8.48 20.11 23.17
C ILE A 59 -9.83 20.20 23.87
N LYS A 60 -10.45 21.36 23.77
CA LYS A 60 -11.66 21.66 24.53
C LYS A 60 -12.94 21.58 23.71
N GLN A 61 -12.92 22.10 22.49
CA GLN A 61 -14.13 22.33 21.69
C GLN A 61 -14.18 21.52 20.38
N VAL A 62 -15.29 20.83 20.15
CA VAL A 62 -15.47 20.13 18.88
C VAL A 62 -16.55 20.81 18.04
N ARG A 63 -16.12 21.69 17.13
CA ARG A 63 -17.04 22.46 16.29
C ARG A 63 -17.75 21.55 15.27
N THR A 64 -19.00 21.20 15.59
CA THR A 64 -19.75 20.17 14.86
C THR A 64 -20.86 20.71 13.94
N HIS A 65 -20.76 20.42 12.65
CA HIS A 65 -21.81 20.84 11.69
C HIS A 65 -23.09 20.01 11.83
N TRP A 66 -24.19 20.59 11.34
CA TRP A 66 -25.50 19.91 11.22
C TRP A 66 -26.08 19.34 12.53
N LEU A 67 -25.78 19.98 13.66
CA LEU A 67 -26.25 19.52 14.97
C LEU A 67 -27.77 19.49 15.11
N LEU A 68 -28.46 20.33 14.33
CA LEU A 68 -29.93 20.37 14.39
C LEU A 68 -30.57 19.53 13.29
N GLU A 69 -29.81 18.58 12.77
CA GLU A 69 -30.40 17.51 11.99
C GLU A 69 -30.50 16.28 12.90
N LEU A 70 -29.83 16.34 14.05
CA LEU A 70 -29.94 15.33 15.09
C LEU A 70 -31.19 15.53 15.95
N VAL A 71 -32.16 16.28 15.44
CA VAL A 71 -33.39 16.58 16.17
C VAL A 71 -34.59 16.52 15.21
N THR A 72 -35.60 15.72 15.56
CA THR A 72 -36.80 15.54 14.72
C THR A 72 -38.03 16.32 15.18
N THR A 73 -38.97 16.51 14.27
CA THR A 73 -40.25 17.16 14.55
C THR A 73 -41.44 16.25 14.24
N LEU A 81 -46.41 21.77 18.64
CA LEU A 81 -45.15 21.41 17.99
C LEU A 81 -44.08 21.07 19.04
N SER A 82 -43.53 19.86 18.95
CA SER A 82 -42.43 19.45 19.84
C SER A 82 -41.34 18.66 19.09
N TYR A 83 -40.25 18.34 19.81
CA TYR A 83 -39.06 17.80 19.19
C TYR A 83 -38.53 16.55 19.88
N ASN A 84 -37.89 15.67 19.10
CA ASN A 84 -37.17 14.53 19.66
C ASN A 84 -35.67 14.87 19.78
N PHE A 85 -35.23 15.15 20.99
CA PHE A 85 -33.84 15.53 21.27
C PHE A 85 -32.99 14.32 21.63
N THR A 86 -33.40 13.14 21.20
CA THR A 86 -32.73 11.88 21.55
C THR A 86 -31.33 11.80 20.93
N HIS A 87 -31.24 12.00 19.62
CA HIS A 87 -29.95 11.92 18.93
C HIS A 87 -28.98 13.02 19.37
N LEU A 88 -29.46 14.26 19.48
CA LEU A 88 -28.64 15.35 20.02
C LEU A 88 -28.16 15.09 21.46
N ASP A 89 -29.07 14.58 22.30
CA ASP A 89 -28.75 14.16 23.68
C ASP A 89 -27.55 13.22 23.72
N GLY A 90 -27.51 12.31 22.74
CA GLY A 90 -26.51 11.24 22.71
C GLY A 90 -25.13 11.75 22.35
N TYR A 91 -25.07 12.55 21.30
CA TYR A 91 -23.82 13.19 20.87
C TYR A 91 -23.23 14.12 21.93
N LEU A 92 -24.10 14.90 22.57
CA LEU A 92 -23.67 15.86 23.58
C LEU A 92 -23.23 15.16 24.87
N ASP A 93 -23.97 14.11 25.25
CA ASP A 93 -23.56 13.26 26.36
C ASP A 93 -22.21 12.63 26.08
N LEU A 94 -22.01 12.23 24.82
CA LEU A 94 -20.75 11.65 24.36
C LEU A 94 -19.62 12.66 24.51
N LEU A 95 -19.83 13.87 23.99
CA LEU A 95 -18.90 14.98 24.21
C LEU A 95 -18.57 15.17 25.69
N ARG A 96 -19.61 15.28 26.50
CA ARG A 96 -19.50 15.49 27.94
C ARG A 96 -18.64 14.42 28.64
N GLU A 97 -18.83 13.16 28.26
CA GLU A 97 -18.09 12.06 28.88
C GLU A 97 -16.58 12.11 28.59
N ASN A 98 -16.21 12.77 27.50
CA ASN A 98 -14.81 12.95 27.11
C ASN A 98 -14.28 14.36 27.43
N GLN A 99 -14.99 15.05 28.34
CA GLN A 99 -14.61 16.40 28.77
C GLN A 99 -14.41 17.34 27.58
N LEU A 100 -15.41 17.40 26.72
CA LEU A 100 -15.39 18.30 25.58
C LEU A 100 -16.66 19.14 25.59
N LEU A 101 -16.63 20.27 24.90
CA LEU A 101 -17.82 21.08 24.70
C LEU A 101 -18.06 21.21 23.20
N PRO A 102 -19.33 21.37 22.79
CA PRO A 102 -19.58 21.56 21.36
C PRO A 102 -19.36 22.99 20.91
N GLY A 103 -18.72 23.18 19.76
CA GLY A 103 -18.88 24.42 19.02
C GLY A 103 -20.28 24.29 18.44
N PHE A 104 -21.25 24.88 19.12
CA PHE A 104 -22.64 24.63 18.80
C PHE A 104 -23.17 25.49 17.65
N GLU A 105 -23.01 25.01 16.44
CA GLU A 105 -23.52 25.73 15.27
C GLU A 105 -25.03 25.50 15.15
N LEU A 106 -25.81 26.57 15.26
CA LEU A 106 -27.25 26.46 15.16
C LEU A 106 -27.62 26.20 13.70
N MET A 107 -27.42 24.95 13.30
CA MET A 107 -27.31 24.57 11.91
C MET A 107 -28.07 23.27 11.69
N GLY A 108 -29.03 23.32 10.76
CA GLY A 108 -29.90 22.17 10.51
C GLY A 108 -31.33 22.59 10.29
N SER A 109 -32.16 21.69 9.79
CA SER A 109 -33.54 22.00 9.42
C SER A 109 -34.54 21.33 10.36
N ALA A 110 -34.03 20.85 11.50
CA ALA A 110 -34.77 20.02 12.45
C ALA A 110 -35.49 18.88 11.71
N SER A 111 -34.67 18.05 11.07
CA SER A 111 -35.13 16.96 10.20
C SER A 111 -36.23 17.37 9.24
N GLY A 112 -36.05 18.50 8.55
CA GLY A 112 -36.88 18.86 7.40
C GLY A 112 -38.03 19.82 7.62
N HIS A 113 -38.23 20.25 8.86
CA HIS A 113 -39.36 21.15 9.18
C HIS A 113 -39.12 22.58 8.68
N PHE A 114 -38.00 23.18 9.08
CA PHE A 114 -37.64 24.53 8.67
C PHE A 114 -37.19 24.60 7.22
N THR A 115 -37.77 25.53 6.47
CA THR A 115 -37.47 25.65 5.04
C THR A 115 -37.19 27.09 4.55
N ASP A 116 -37.86 28.07 5.14
CA ASP A 116 -37.76 29.47 4.70
C ASP A 116 -37.66 30.40 5.91
N PHE A 117 -36.62 31.21 5.99
CA PHE A 117 -36.46 32.12 7.12
C PHE A 117 -36.98 33.53 6.85
N GLU A 118 -37.75 33.68 5.77
CA GLU A 118 -38.52 34.90 5.54
C GLU A 118 -39.99 34.64 5.83
N ASP A 119 -40.28 33.40 6.20
CA ASP A 119 -41.58 32.99 6.71
C ASP A 119 -41.64 33.42 8.17
N LYS A 120 -42.41 34.46 8.44
CA LYS A 120 -42.53 35.06 9.76
C LYS A 120 -42.82 34.01 10.86
N GLN A 121 -43.67 33.04 10.54
CA GLN A 121 -44.03 31.99 11.49
C GLN A 121 -42.85 31.07 11.81
N GLN A 122 -42.00 30.85 10.81
CA GLN A 122 -40.84 29.97 10.96
C GLN A 122 -39.75 30.60 11.81
N VAL A 123 -39.61 31.91 11.71
CA VAL A 123 -38.65 32.67 12.53
C VAL A 123 -39.00 32.55 14.02
N PHE A 124 -40.30 32.65 14.34
CA PHE A 124 -40.78 32.45 15.71
C PHE A 124 -40.51 31.02 16.20
N GLU A 125 -40.78 30.04 15.32
CA GLU A 125 -40.54 28.64 15.65
C GLU A 125 -39.08 28.40 16.00
N TRP A 126 -38.18 28.92 15.18
CA TRP A 126 -36.76 28.76 15.37
C TRP A 126 -36.30 29.34 16.71
N LYS A 127 -36.87 30.48 17.10
CA LYS A 127 -36.54 31.09 18.38
C LYS A 127 -36.92 30.14 19.51
N ASP A 128 -38.16 29.65 19.48
CA ASP A 128 -38.67 28.73 20.49
C ASP A 128 -37.91 27.41 20.54
N LEU A 129 -37.47 26.93 19.38
CA LEU A 129 -36.61 25.75 19.33
C LEU A 129 -35.27 25.99 20.05
N VAL A 130 -34.63 27.11 19.72
CA VAL A 130 -33.32 27.45 20.28
C VAL A 130 -33.41 27.63 21.79
N SER A 131 -34.46 28.32 22.23
CA SER A 131 -34.74 28.47 23.66
C SER A 131 -34.95 27.12 24.30
N SER A 132 -35.69 26.27 23.59
CA SER A 132 -36.05 24.93 24.04
C SER A 132 -34.84 24.07 24.35
N LEU A 133 -33.93 23.95 23.38
CA LEU A 133 -32.73 23.11 23.55
C LEU A 133 -31.77 23.71 24.56
N ALA A 134 -31.59 25.03 24.49
CA ALA A 134 -30.69 25.73 25.38
C ALA A 134 -31.08 25.45 26.83
N ARG A 135 -32.36 25.63 27.13
CA ARG A 135 -32.91 25.34 28.46
C ARG A 135 -32.76 23.86 28.83
N ARG A 136 -33.04 22.98 27.86
CA ARG A 136 -32.88 21.55 28.02
C ARG A 136 -31.51 21.18 28.60
N TYR A 137 -30.45 21.71 27.99
CA TYR A 137 -29.11 21.29 28.34
C TYR A 137 -28.51 22.07 29.50
N ILE A 138 -29.08 23.23 29.78
CA ILE A 138 -28.83 23.89 31.06
C ILE A 138 -29.31 22.97 32.19
N GLY A 139 -30.50 22.39 32.02
CA GLY A 139 -31.02 21.43 32.97
C GLY A 139 -30.22 20.15 33.02
N ARG A 140 -29.57 19.81 31.90
CA ARG A 140 -28.84 18.55 31.78
C ARG A 140 -27.41 18.66 32.31
N TYR A 141 -26.74 19.78 32.05
CA TYR A 141 -25.34 19.92 32.46
C TYR A 141 -25.07 21.04 33.46
N GLY A 142 -26.01 21.98 33.58
CA GLY A 142 -25.81 23.15 34.46
C GLY A 142 -25.43 24.38 33.67
N LEU A 143 -25.91 25.55 34.12
CA LEU A 143 -25.65 26.83 33.46
C LEU A 143 -24.16 27.15 33.43
N ALA A 144 -23.47 26.82 34.54
CA ALA A 144 -22.03 26.97 34.66
C ALA A 144 -21.27 26.25 33.53
N HIS A 145 -21.82 25.13 33.06
CA HIS A 145 -21.22 24.42 31.93
C HIS A 145 -21.64 25.04 30.60
N VAL A 146 -22.94 25.15 30.37
CA VAL A 146 -23.47 25.59 29.07
C VAL A 146 -22.99 26.98 28.68
N SER A 147 -22.75 27.83 29.67
CA SER A 147 -22.24 29.19 29.43
C SER A 147 -20.88 29.23 28.74
N LYS A 148 -20.09 28.17 28.89
CA LYS A 148 -18.80 28.06 28.22
C LYS A 148 -18.93 27.78 26.73
N TRP A 149 -20.06 27.21 26.30
CA TRP A 149 -20.26 26.82 24.89
C TRP A 149 -20.23 28.02 23.94
N ASN A 150 -19.52 27.86 22.84
CA ASN A 150 -19.57 28.84 21.76
C ASN A 150 -20.70 28.52 20.81
N PHE A 151 -21.88 29.08 21.06
CA PHE A 151 -22.95 28.97 20.07
C PHE A 151 -22.59 29.76 18.82
N GLU A 152 -22.95 29.23 17.66
CA GLU A 152 -22.55 29.88 16.42
C GLU A 152 -23.64 29.82 15.33
N THR A 153 -23.53 30.70 14.34
CA THR A 153 -24.47 30.67 13.23
C THR A 153 -24.16 29.50 12.30
N TRP A 154 -25.11 29.22 11.42
CA TRP A 154 -24.95 28.27 10.32
C TRP A 154 -23.59 28.44 9.66
N ASN A 155 -22.82 27.35 9.55
CA ASN A 155 -21.48 27.43 8.96
C ASN A 155 -21.47 27.97 7.53
N GLU A 156 -20.45 28.79 7.25
CA GLU A 156 -20.24 29.41 5.94
C GLU A 156 -21.51 29.78 5.20
N PRO A 157 -22.24 30.80 5.70
CA PRO A 157 -23.50 31.23 5.08
C PRO A 157 -23.37 31.71 3.65
N ASP A 158 -22.18 32.20 3.29
CA ASP A 158 -21.95 32.70 1.95
C ASP A 158 -21.61 31.59 0.95
N HIS A 159 -21.41 30.37 1.46
CA HIS A 159 -21.09 29.21 0.64
C HIS A 159 -22.31 28.39 0.20
N HIS A 160 -23.51 28.86 0.56
CA HIS A 160 -24.80 28.21 0.20
C HIS A 160 -24.96 26.82 0.81
N ASP A 161 -24.39 26.67 2.00
CA ASP A 161 -24.31 25.42 2.77
C ASP A 161 -25.64 25.05 3.44
N PHE A 162 -26.74 25.13 2.69
CA PHE A 162 -28.08 25.16 3.32
C PHE A 162 -29.02 23.96 3.15
N ASP A 163 -28.69 23.02 2.26
CA ASP A 163 -29.64 21.96 1.88
C ASP A 163 -30.91 22.59 1.31
N ASN A 164 -32.08 22.09 1.74
CA ASN A 164 -33.37 22.60 1.25
C ASN A 164 -33.84 23.88 1.94
N VAL A 165 -33.10 24.32 2.96
CA VAL A 165 -33.40 25.57 3.66
C VAL A 165 -33.10 26.75 2.75
N SER A 166 -34.06 27.66 2.68
CA SER A 166 -33.91 28.88 1.92
C SER A 166 -33.44 29.97 2.88
N MET A 167 -32.30 30.57 2.55
CA MET A 167 -31.66 31.56 3.43
C MET A 167 -31.10 32.71 2.61
N THR A 168 -31.94 33.71 2.38
CA THR A 168 -31.53 34.93 1.72
C THR A 168 -30.80 35.83 2.72
N MET A 169 -30.34 37.00 2.27
CA MET A 169 -29.71 37.97 3.16
C MET A 169 -30.67 38.31 4.30
N GLN A 170 -31.87 38.77 3.93
CA GLN A 170 -32.88 39.12 4.92
C GLN A 170 -33.21 37.95 5.85
N GLY A 171 -33.32 36.76 5.27
CA GLY A 171 -33.57 35.54 6.01
C GLY A 171 -32.48 35.22 7.01
N PHE A 172 -31.23 35.49 6.65
CA PHE A 172 -30.11 35.22 7.53
C PHE A 172 -30.17 36.10 8.77
N LEU A 173 -30.69 37.32 8.60
CA LEU A 173 -30.83 38.26 9.71
C LEU A 173 -31.96 37.85 10.63
N ASN A 174 -33.08 37.43 10.05
CA ASN A 174 -34.18 36.86 10.83
C ASN A 174 -33.70 35.64 11.63
N TYR A 175 -33.07 34.70 10.92
CA TYR A 175 -32.38 33.56 11.51
C TYR A 175 -31.51 33.98 12.69
N TYR A 176 -30.66 34.98 12.46
CA TYR A 176 -29.72 35.42 13.51
C TYR A 176 -30.45 35.93 14.75
N ASP A 177 -31.37 36.87 14.54
CA ASP A 177 -32.15 37.46 15.63
C ASP A 177 -32.81 36.39 16.48
N ALA A 178 -33.43 35.42 15.80
CA ALA A 178 -34.11 34.30 16.45
C ALA A 178 -33.14 33.46 17.27
N CYS A 179 -31.96 33.23 16.71
CA CYS A 179 -30.89 32.55 17.42
C CYS A 179 -30.54 33.33 18.69
N SER A 180 -30.41 34.65 18.53
CA SER A 180 -29.98 35.54 19.63
C SER A 180 -31.04 35.68 20.72
N GLU A 181 -32.25 36.01 20.31
CA GLU A 181 -33.39 36.17 21.22
C GLU A 181 -33.77 34.86 21.90
N GLY A 182 -33.67 33.75 21.15
CA GLY A 182 -33.96 32.42 21.69
C GLY A 182 -32.97 32.01 22.76
N LEU A 183 -31.69 32.23 22.49
CA LEU A 183 -30.65 31.93 23.47
C LEU A 183 -30.79 32.80 24.72
N ARG A 184 -31.15 34.06 24.52
CA ARG A 184 -31.34 34.99 25.63
C ARG A 184 -32.50 34.51 26.49
N ALA A 185 -33.57 34.06 25.83
CA ALA A 185 -34.76 33.55 26.50
C ALA A 185 -34.42 32.41 27.45
N ALA A 186 -33.39 31.64 27.09
CA ALA A 186 -32.90 30.58 27.95
C ALA A 186 -32.11 31.18 29.10
N SER A 187 -31.14 32.02 28.75
CA SER A 187 -30.30 32.73 29.73
C SER A 187 -29.43 33.77 29.02
N PRO A 188 -29.30 34.97 29.62
CA PRO A 188 -28.44 36.03 29.09
C PRO A 188 -26.93 35.72 29.11
N ALA A 189 -26.53 34.69 29.85
CA ALA A 189 -25.11 34.37 30.01
C ALA A 189 -24.55 33.55 28.84
N LEU A 190 -25.42 33.18 27.91
CA LEU A 190 -25.02 32.32 26.80
C LEU A 190 -24.50 33.16 25.65
N ARG A 191 -23.35 32.75 25.14
CA ARG A 191 -22.58 33.51 24.14
C ARG A 191 -22.97 33.13 22.71
N LEU A 192 -22.92 34.09 21.80
CA LEU A 192 -23.28 33.81 20.40
C LEU A 192 -22.43 34.61 19.42
N GLY A 193 -21.81 33.92 18.46
CA GLY A 193 -20.99 34.55 17.45
C GLY A 193 -21.27 34.06 16.04
N GLY A 194 -20.73 34.77 15.05
CA GLY A 194 -20.85 34.42 13.64
C GLY A 194 -19.89 35.26 12.82
N PRO A 195 -20.00 35.21 11.48
CA PRO A 195 -20.84 34.32 10.69
C PRO A 195 -20.17 32.97 10.42
N GLY A 196 -18.87 32.87 10.68
CA GLY A 196 -18.11 31.67 10.31
C GLY A 196 -17.90 31.57 8.81
N ASP A 197 -17.39 32.65 8.22
CA ASP A 197 -17.09 32.69 6.78
C ASP A 197 -15.82 33.46 6.51
N SER A 198 -15.52 33.68 5.23
CA SER A 198 -14.20 34.13 4.81
C SER A 198 -14.01 35.65 4.76
N PHE A 199 -15.09 36.40 4.50
CA PHE A 199 -15.03 37.87 4.45
C PHE A 199 -14.16 38.37 3.29
N HIS A 200 -14.55 38.03 2.08
CA HIS A 200 -13.87 38.52 0.90
C HIS A 200 -14.35 39.93 0.62
N THR A 201 -13.53 40.71 -0.10
CA THR A 201 -13.86 42.09 -0.50
C THR A 201 -15.24 42.21 -1.15
N PRO A 202 -16.07 43.16 -0.68
CA PRO A 202 -17.37 43.44 -1.31
C PRO A 202 -17.26 43.67 -2.82
N PRO A 203 -18.27 43.25 -3.62
CA PRO A 203 -19.59 42.68 -3.28
C PRO A 203 -19.60 41.22 -2.85
N ARG A 204 -18.42 40.63 -2.64
CA ARG A 204 -18.34 39.28 -2.10
C ARG A 204 -18.78 39.24 -0.64
N SER A 205 -19.14 38.04 -0.18
CA SER A 205 -19.53 37.75 1.21
C SER A 205 -20.73 38.55 1.77
N PRO A 206 -21.74 38.86 0.93
CA PRO A 206 -22.81 39.77 1.35
C PRO A 206 -23.45 39.42 2.69
N LEU A 207 -23.65 38.13 2.95
CA LEU A 207 -24.31 37.69 4.18
C LEU A 207 -23.44 37.91 5.41
N SER A 208 -22.13 37.71 5.27
CA SER A 208 -21.18 37.92 6.36
C SER A 208 -21.04 39.41 6.72
N TRP A 209 -20.95 40.25 5.70
CA TRP A 209 -20.84 41.68 5.89
C TRP A 209 -22.18 42.24 6.34
N GLY A 210 -23.25 41.73 5.73
CA GLY A 210 -24.61 42.10 6.09
C GLY A 210 -24.94 41.85 7.56
N LEU A 211 -24.41 40.76 8.11
CA LEU A 211 -24.64 40.42 9.52
C LEU A 211 -24.08 41.46 10.48
N LEU A 212 -22.83 41.84 10.25
CA LEU A 212 -22.17 42.84 11.05
C LEU A 212 -22.91 44.18 10.99
N ARG A 213 -23.32 44.60 9.79
CA ARG A 213 -24.07 45.83 9.56
C ARG A 213 -25.35 45.80 10.37
N HIS A 214 -26.00 44.62 10.37
CA HIS A 214 -27.24 44.42 11.09
C HIS A 214 -26.99 44.48 12.59
N CYS A 215 -26.09 43.63 13.09
CA CYS A 215 -25.72 43.65 14.51
C CYS A 215 -25.27 45.04 14.99
N HIS A 216 -24.65 45.81 14.09
CA HIS A 216 -24.12 47.13 14.42
C HIS A 216 -25.17 48.22 14.36
N ASP A 217 -26.08 48.12 13.39
CA ASP A 217 -26.90 49.26 13.00
C ASP A 217 -28.35 48.92 12.70
N GLY A 218 -28.59 47.72 12.18
CA GLY A 218 -29.96 47.26 11.90
C GLY A 218 -30.78 47.02 13.15
N THR A 219 -32.07 46.76 12.96
CA THR A 219 -33.00 46.54 14.07
C THR A 219 -33.34 45.06 14.28
N ASN A 220 -33.65 44.74 15.53
CA ASN A 220 -33.90 43.38 15.97
C ASN A 220 -35.30 42.90 15.58
N PHE A 221 -35.37 41.85 14.78
CA PHE A 221 -36.64 41.23 14.34
C PHE A 221 -37.75 41.20 15.40
N PHE A 222 -37.36 40.95 16.65
CA PHE A 222 -38.33 40.70 17.72
C PHE A 222 -38.61 41.92 18.59
N THR A 223 -37.57 42.70 18.87
CA THR A 223 -37.70 43.79 19.84
C THR A 223 -37.73 45.17 19.18
N GLY A 224 -37.50 45.23 17.86
CA GLY A 224 -37.46 46.51 17.13
C GLY A 224 -36.32 47.43 17.56
N GLU A 225 -35.45 46.91 18.41
CA GLU A 225 -34.36 47.66 19.01
C GLU A 225 -33.16 47.74 18.07
N ALA A 226 -32.56 48.92 17.99
CA ALA A 226 -31.39 49.14 17.16
C ALA A 226 -30.14 48.51 17.79
N GLY A 227 -29.46 47.67 17.00
CA GLY A 227 -28.29 46.94 17.47
C GLY A 227 -28.69 45.58 18.00
N VAL A 228 -27.91 44.55 17.64
CA VAL A 228 -28.20 43.18 18.06
C VAL A 228 -26.92 42.55 18.57
N ARG A 229 -27.01 41.95 19.75
CA ARG A 229 -25.87 41.33 20.41
C ARG A 229 -25.05 40.48 19.44
N LEU A 230 -23.73 40.62 19.51
CA LEU A 230 -22.80 39.76 18.79
C LEU A 230 -21.50 39.61 19.59
N ASP A 231 -21.35 38.49 20.28
CA ASP A 231 -20.30 38.28 21.28
C ASP A 231 -18.89 38.05 20.73
N TYR A 232 -18.79 37.33 19.62
CA TYR A 232 -17.52 37.17 18.89
C TYR A 232 -17.76 37.13 17.38
N ILE A 233 -16.74 37.51 16.62
CA ILE A 233 -16.79 37.42 15.14
C ILE A 233 -15.92 36.25 14.71
N SER A 234 -16.53 35.22 14.16
CA SER A 234 -15.79 34.07 13.67
C SER A 234 -15.62 34.17 12.18
N LEU A 235 -14.43 33.77 11.72
CA LEU A 235 -14.14 33.72 10.29
C LEU A 235 -13.40 32.42 9.92
N HIS A 236 -13.38 32.14 8.61
CA HIS A 236 -12.63 31.01 8.06
C HIS A 236 -11.54 31.56 7.15
N ARG A 237 -10.28 31.42 7.59
CA ARG A 237 -9.13 31.75 6.73
C ARG A 237 -8.10 30.63 6.65
N LYS A 238 -7.90 30.12 5.43
CA LYS A 238 -6.99 28.97 5.17
C LYS A 238 -5.74 29.38 4.40
N GLY A 239 -4.62 28.72 4.71
CA GLY A 239 -3.30 29.17 4.25
C GLY A 239 -2.81 28.83 2.86
N ALA A 240 -3.57 28.02 2.11
CA ALA A 240 -3.14 27.50 0.81
C ALA A 240 -1.66 27.05 0.83
N ARG A 241 -1.35 26.17 1.78
CA ARG A 241 -0.02 25.59 1.98
C ARG A 241 1.03 26.50 2.64
N SER A 242 0.65 27.75 2.91
CA SER A 242 1.52 28.73 3.57
C SER A 242 1.03 28.97 4.99
N SER A 243 1.94 28.94 5.96
CA SER A 243 1.54 29.13 7.35
C SER A 243 1.27 30.59 7.69
N ILE A 244 2.15 31.48 7.24
CA ILE A 244 2.03 32.91 7.51
C ILE A 244 0.86 33.56 6.76
N SER A 245 0.47 32.98 5.62
CA SER A 245 -0.61 33.52 4.81
C SER A 245 -1.91 33.63 5.58
N ILE A 246 -2.15 32.66 6.48
CA ILE A 246 -3.30 32.65 7.37
C ILE A 246 -3.34 33.95 8.19
N LEU A 247 -2.26 34.21 8.91
CA LEU A 247 -2.10 35.40 9.74
C LEU A 247 -2.27 36.69 8.94
N GLU A 248 -1.65 36.75 7.77
CA GLU A 248 -1.76 37.91 6.90
C GLU A 248 -3.22 38.21 6.52
N GLN A 249 -3.96 37.18 6.14
CA GLN A 249 -5.38 37.31 5.81
C GLN A 249 -6.24 37.75 7.00
N GLU A 250 -5.85 37.33 8.19
CA GLU A 250 -6.60 37.68 9.38
C GLU A 250 -6.46 39.17 9.70
N LYS A 251 -5.21 39.67 9.66
CA LYS A 251 -4.94 41.10 9.86
C LYS A 251 -5.79 41.96 8.93
N VAL A 252 -5.77 41.65 7.64
CA VAL A 252 -6.52 42.43 6.65
C VAL A 252 -8.02 42.50 6.99
N VAL A 253 -8.62 41.35 7.25
CA VAL A 253 -10.04 41.30 7.58
C VAL A 253 -10.32 42.01 8.91
N ALA A 254 -9.54 41.70 9.94
CA ALA A 254 -9.69 42.30 11.27
C ALA A 254 -9.62 43.84 11.25
N GLN A 255 -8.66 44.38 10.50
CA GLN A 255 -8.54 45.83 10.34
C GLN A 255 -9.75 46.42 9.59
N GLN A 256 -10.27 45.69 8.60
CA GLN A 256 -11.44 46.18 7.86
C GLN A 256 -12.68 46.27 8.74
N ILE A 257 -12.69 45.48 9.82
CA ILE A 257 -13.80 45.45 10.76
C ILE A 257 -13.61 46.49 11.86
N ARG A 258 -12.37 46.70 12.27
CA ARG A 258 -12.02 47.78 13.20
C ARG A 258 -12.48 49.15 12.65
N GLN A 259 -12.24 49.40 11.37
CA GLN A 259 -12.53 50.71 10.79
C GLN A 259 -13.97 50.90 10.33
N LEU A 260 -14.63 49.80 9.95
CA LEU A 260 -15.98 49.86 9.39
C LEU A 260 -17.06 49.69 10.46
N PHE A 261 -16.73 48.91 11.49
CA PHE A 261 -17.65 48.71 12.61
C PHE A 261 -16.93 49.02 13.92
N PRO A 262 -16.81 50.31 14.25
CA PRO A 262 -16.07 50.76 15.42
C PRO A 262 -16.61 50.23 16.76
N LYS A 263 -17.86 49.80 16.78
CA LYS A 263 -18.45 49.17 17.97
C LYS A 263 -17.88 47.79 18.25
N PHE A 264 -17.37 47.13 17.20
CA PHE A 264 -16.83 45.79 17.30
C PHE A 264 -15.31 45.79 17.39
N ALA A 265 -14.72 46.95 17.67
CA ALA A 265 -13.27 47.10 17.84
C ALA A 265 -12.68 46.14 18.88
N ASP A 266 -13.44 45.85 19.93
CA ASP A 266 -12.98 44.98 21.01
C ASP A 266 -13.58 43.58 20.94
N THR A 267 -14.48 43.36 19.99
CA THR A 267 -15.13 42.07 19.82
C THR A 267 -14.11 41.00 19.41
N PRO A 268 -13.99 39.92 20.21
CA PRO A 268 -13.00 38.87 19.93
C PRO A 268 -13.23 38.21 18.57
N ILE A 269 -12.13 38.00 17.83
CA ILE A 269 -12.19 37.30 16.57
C ILE A 269 -11.68 35.87 16.73
N TYR A 270 -12.50 34.92 16.27
CA TYR A 270 -12.11 33.51 16.15
C TYR A 270 -11.79 33.20 14.70
N ASN A 271 -10.83 32.31 14.49
CA ASN A 271 -10.71 31.60 13.21
C ASN A 271 -10.84 30.10 13.44
N ASP A 272 -12.07 29.61 13.31
CA ASP A 272 -12.42 28.25 13.73
C ASP A 272 -12.22 27.19 12.63
N GLU A 273 -11.76 27.66 11.47
CA GLU A 273 -11.22 26.78 10.42
C GLU A 273 -9.92 27.37 9.87
N ALA A 274 -8.85 27.26 10.65
CA ALA A 274 -7.54 27.85 10.30
C ALA A 274 -6.58 26.79 9.79
N ASP A 275 -6.89 26.24 8.63
CA ASP A 275 -6.14 25.10 8.11
C ASP A 275 -5.13 25.49 7.05
N PRO A 276 -3.99 24.76 7.00
CA PRO A 276 -2.99 24.99 5.97
C PRO A 276 -3.57 24.85 4.57
N LEU A 277 -4.50 23.91 4.38
CA LEU A 277 -5.13 23.72 3.07
C LEU A 277 -6.61 23.35 3.12
N VAL A 278 -7.39 24.02 2.27
CA VAL A 278 -8.81 23.70 2.03
C VAL A 278 -8.94 22.32 1.36
N GLY A 279 -9.93 21.55 1.81
CA GLY A 279 -10.17 20.20 1.29
C GLY A 279 -9.60 19.15 2.21
N TRP A 280 -10.38 18.75 3.21
CA TRP A 280 -9.94 17.82 4.25
C TRP A 280 -9.64 16.42 3.71
N SER A 281 -10.43 16.01 2.71
CA SER A 281 -10.42 14.65 2.20
C SER A 281 -9.29 14.40 1.22
N LEU A 282 -8.83 15.49 0.60
CA LEU A 282 -7.68 15.45 -0.31
C LEU A 282 -6.45 14.86 0.39
N PRO A 283 -5.93 13.75 -0.15
CA PRO A 283 -4.76 13.09 0.45
C PRO A 283 -3.48 13.90 0.24
N GLN A 284 -2.72 14.10 1.32
CA GLN A 284 -1.45 14.82 1.27
C GLN A 284 -0.45 14.11 2.18
N PRO A 285 0.74 13.79 1.66
CA PRO A 285 1.70 12.99 2.44
C PRO A 285 2.21 13.73 3.68
N TRP A 286 2.12 15.07 3.67
CA TRP A 286 2.54 15.88 4.82
C TRP A 286 1.49 15.79 5.93
N ARG A 287 0.23 15.66 5.55
CA ARG A 287 -0.86 15.44 6.50
C ARG A 287 -0.69 14.14 7.33
N ALA A 288 0.17 13.24 6.86
CA ALA A 288 0.30 11.94 7.49
C ALA A 288 1.24 11.95 8.68
N ASP A 289 2.23 12.82 8.64
CA ASP A 289 3.36 12.71 9.54
C ASP A 289 3.55 13.97 10.40
N VAL A 290 4.79 14.18 10.83
CA VAL A 290 5.16 15.32 11.68
C VAL A 290 5.23 16.63 10.89
N THR A 291 5.17 16.54 9.56
CA THR A 291 5.11 17.74 8.71
C THR A 291 3.88 18.59 9.08
N TYR A 292 2.70 17.95 9.10
CA TYR A 292 1.47 18.58 9.60
C TYR A 292 1.66 19.04 11.06
N ALA A 293 2.19 18.15 11.89
CA ALA A 293 2.35 18.40 13.33
C ALA A 293 3.21 19.63 13.62
N ALA A 294 4.29 19.81 12.85
CA ALA A 294 5.16 20.95 13.01
C ALA A 294 4.51 22.24 12.50
N MET A 295 3.82 22.15 11.35
CA MET A 295 3.19 23.32 10.74
C MET A 295 2.04 23.91 11.57
N VAL A 296 1.28 23.02 12.21
CA VAL A 296 0.22 23.42 13.13
C VAL A 296 0.78 24.27 14.28
N VAL A 297 1.94 23.85 14.80
CA VAL A 297 2.62 24.57 15.89
C VAL A 297 3.21 25.89 15.39
N LYS A 298 3.81 25.88 14.20
CA LYS A 298 4.24 27.12 13.54
C LYS A 298 3.13 28.18 13.47
N VAL A 299 1.90 27.76 13.16
CA VAL A 299 0.78 28.70 13.06
C VAL A 299 0.52 29.32 14.44
N ILE A 300 0.35 28.45 15.43
CA ILE A 300 0.18 28.88 16.82
C ILE A 300 1.32 29.80 17.30
N ALA A 301 2.56 29.48 16.93
CA ALA A 301 3.71 30.32 17.26
C ALA A 301 3.60 31.67 16.58
N GLN A 302 3.40 31.65 15.25
CA GLN A 302 3.22 32.87 14.46
C GLN A 302 2.14 33.74 15.08
N HIS A 303 1.01 33.15 15.44
CA HIS A 303 -0.08 33.88 16.07
C HIS A 303 0.26 34.49 17.42
N GLN A 304 0.71 33.68 18.36
CA GLN A 304 1.12 34.21 19.66
C GLN A 304 2.15 35.34 19.54
N ASN A 305 3.27 35.05 18.87
CA ASN A 305 4.40 35.99 18.80
C ASN A 305 4.16 37.22 17.94
N LEU A 306 3.59 37.02 16.75
CA LEU A 306 3.42 38.11 15.78
C LEU A 306 2.05 38.75 15.79
N LEU A 307 1.25 38.50 16.82
CA LEU A 307 -0.07 39.13 16.91
C LEU A 307 -0.50 39.42 18.34
N LEU A 308 -0.36 38.45 19.23
CA LEU A 308 -0.89 38.56 20.58
C LEU A 308 0.14 38.93 21.65
N ALA A 309 1.38 39.13 21.25
CA ALA A 309 2.44 39.45 22.21
C ALA A 309 2.74 40.95 22.25
N ASN A 310 1.71 41.72 22.64
CA ASN A 310 1.79 43.19 22.76
C ASN A 310 2.42 43.94 21.57
N THR A 311 2.31 43.36 20.36
CA THR A 311 2.80 43.99 19.13
C THR A 311 1.86 45.15 18.78
N THR A 312 2.08 46.28 19.45
CA THR A 312 1.16 47.44 19.43
C THR A 312 0.30 47.56 18.16
N SER A 313 -0.86 46.89 18.22
CA SER A 313 -1.86 46.79 17.16
C SER A 313 -2.92 45.80 17.64
N ALA A 314 -2.49 44.94 18.57
CA ALA A 314 -3.29 43.88 19.21
C ALA A 314 -4.77 43.87 18.84
N PHE A 315 -5.09 43.11 17.79
CA PHE A 315 -6.47 42.73 17.49
C PHE A 315 -6.93 41.71 18.52
N PRO A 316 -8.22 41.71 18.89
CA PRO A 316 -8.67 40.73 19.86
C PRO A 316 -8.87 39.35 19.21
N TYR A 317 -7.82 38.54 19.26
CA TYR A 317 -7.83 37.21 18.68
C TYR A 317 -7.91 36.18 19.81
N ALA A 318 -9.01 35.43 19.84
CA ALA A 318 -9.30 34.55 20.99
C ALA A 318 -9.26 33.06 20.66
N LEU A 319 -9.59 32.71 19.42
CA LEU A 319 -9.65 31.30 19.06
C LEU A 319 -9.09 30.96 17.67
N LEU A 320 -8.30 29.89 17.65
CA LEU A 320 -7.86 29.24 16.43
C LEU A 320 -8.27 27.76 16.49
N SER A 321 -9.05 27.33 15.52
CA SER A 321 -9.45 25.93 15.43
C SER A 321 -8.99 25.27 14.13
N ASN A 322 -8.41 24.06 14.27
CA ASN A 322 -8.06 23.22 13.13
C ASN A 322 -9.17 22.22 12.85
N ASP A 323 -9.86 22.39 11.72
CA ASP A 323 -11.00 21.52 11.40
C ASP A 323 -10.52 20.12 10.99
N ASN A 324 -9.98 19.38 11.95
CA ASN A 324 -9.31 18.12 11.66
C ASN A 324 -9.75 16.91 12.51
N ALA A 325 -11.00 16.90 12.93
CA ALA A 325 -11.53 15.80 13.75
C ALA A 325 -12.28 14.77 12.90
N PHE A 326 -12.28 14.97 11.59
CA PHE A 326 -12.87 14.01 10.65
C PHE A 326 -12.26 12.63 10.86
N LEU A 327 -12.99 11.61 10.42
CA LEU A 327 -12.47 10.26 10.37
C LEU A 327 -12.03 9.95 8.94
N SER A 328 -10.85 9.36 8.80
CA SER A 328 -10.31 8.99 7.50
C SER A 328 -11.10 7.84 6.87
N TYR A 329 -11.10 7.79 5.55
CA TYR A 329 -11.61 6.62 4.85
C TYR A 329 -10.60 6.01 3.88
N HIS A 330 -10.80 4.73 3.58
CA HIS A 330 -9.98 3.96 2.63
C HIS A 330 -10.04 4.56 1.21
N PRO A 331 -8.94 4.51 0.44
CA PRO A 331 -7.63 3.91 0.72
C PRO A 331 -6.61 4.92 1.23
N HIS A 332 -7.03 5.84 2.08
CA HIS A 332 -6.18 6.95 2.54
C HIS A 332 -6.19 7.10 4.06
N PRO A 333 -5.73 6.08 4.79
CA PRO A 333 -5.89 6.10 6.24
C PRO A 333 -5.08 7.17 6.99
N PHE A 334 -3.96 7.62 6.42
CA PHE A 334 -3.11 8.65 7.08
C PHE A 334 -3.12 10.01 6.37
N ALA A 335 -3.25 9.99 5.05
CA ALA A 335 -3.03 11.17 4.22
C ALA A 335 -4.09 12.28 4.30
N GLN A 336 -5.18 12.04 5.01
CA GLN A 336 -6.27 13.02 5.08
C GLN A 336 -6.15 13.94 6.30
N ARG A 337 -6.90 15.04 6.31
CA ARG A 337 -6.79 16.01 7.40
C ARG A 337 -7.51 15.56 8.68
N THR A 338 -6.88 14.64 9.40
CA THR A 338 -7.54 14.06 10.56
C THR A 338 -6.56 13.91 11.72
N LEU A 339 -7.07 13.92 12.94
CA LEU A 339 -6.23 13.75 14.12
C LEU A 339 -5.81 12.32 14.29
N THR A 340 -6.72 11.40 13.98
CA THR A 340 -6.48 9.95 14.06
C THR A 340 -6.43 9.28 12.70
N ALA A 341 -5.82 8.11 12.65
CA ALA A 341 -5.85 7.25 11.46
C ALA A 341 -6.82 6.10 11.69
N ARG A 342 -7.82 5.98 10.82
CA ARG A 342 -8.82 4.90 10.93
C ARG A 342 -8.44 3.64 10.15
N PHE A 343 -8.66 2.50 10.78
CA PHE A 343 -8.57 1.24 10.07
C PHE A 343 -9.83 0.44 10.31
N GLN A 344 -10.56 0.24 9.22
CA GLN A 344 -11.74 -0.60 9.21
C GLN A 344 -11.28 -2.03 8.89
N VAL A 345 -10.98 -2.80 9.94
CA VAL A 345 -10.49 -4.17 9.81
C VAL A 345 -11.66 -5.11 9.48
N ASN A 346 -11.93 -5.28 8.19
CA ASN A 346 -13.11 -6.01 7.71
C ASN A 346 -13.05 -7.54 7.70
N ASN A 347 -11.95 -8.14 8.14
CA ASN A 347 -11.78 -9.58 8.01
C ASN A 347 -11.76 -10.35 9.32
N THR A 348 -12.29 -9.75 10.38
CA THR A 348 -12.46 -10.48 11.64
C THR A 348 -13.95 -10.76 11.88
N ARG A 349 -14.26 -11.60 12.86
CA ARG A 349 -15.64 -11.91 13.24
C ARG A 349 -15.90 -11.31 14.64
N PRO A 350 -16.59 -10.16 14.68
CA PRO A 350 -17.10 -9.41 13.55
C PRO A 350 -16.14 -8.29 13.11
N PRO A 351 -16.41 -7.65 11.95
CA PRO A 351 -15.61 -6.49 11.52
C PRO A 351 -15.51 -5.44 12.63
N HIS A 352 -14.30 -4.96 12.92
CA HIS A 352 -14.09 -3.99 13.99
C HIS A 352 -13.19 -2.85 13.53
N VAL A 353 -13.34 -1.67 14.15
CA VAL A 353 -12.52 -0.49 13.82
C VAL A 353 -11.41 -0.21 14.85
N GLN A 354 -10.29 0.29 14.33
CA GLN A 354 -9.11 0.66 15.11
C GLN A 354 -8.64 2.03 14.66
N LEU A 355 -8.24 2.88 15.63
CA LEU A 355 -7.70 4.21 15.36
C LEU A 355 -6.26 4.37 15.85
N LEU A 356 -5.47 5.13 15.11
CA LEU A 356 -4.10 5.44 15.48
C LEU A 356 -3.86 6.94 15.68
N ARG A 357 -3.00 7.25 16.64
CA ARG A 357 -2.72 8.62 17.03
C ARG A 357 -1.71 9.24 16.09
N LYS A 358 -2.17 10.09 15.17
CA LYS A 358 -1.29 10.77 14.22
C LYS A 358 -0.35 11.75 14.93
N PRO A 359 0.78 12.10 14.30
CA PRO A 359 1.68 13.11 14.89
C PRO A 359 1.00 14.43 15.31
N VAL A 360 0.11 14.97 14.48
CA VAL A 360 -0.56 16.24 14.83
C VAL A 360 -1.18 16.15 16.22
N LEU A 361 -1.91 15.06 16.48
CA LEU A 361 -2.66 14.86 17.71
C LEU A 361 -1.73 14.66 18.91
N THR A 362 -0.59 14.05 18.66
CA THR A 362 0.42 13.91 19.70
C THR A 362 0.95 15.31 20.06
N ALA A 363 1.14 16.14 19.04
CA ALA A 363 1.66 17.50 19.21
C ALA A 363 0.68 18.45 19.93
N MET A 364 -0.62 18.15 19.84
CA MET A 364 -1.62 18.93 20.58
C MET A 364 -1.44 18.73 22.07
N GLY A 365 -0.77 17.65 22.45
CA GLY A 365 -0.46 17.36 23.85
C GLY A 365 0.86 17.96 24.27
N LEU A 366 1.69 18.29 23.30
CA LEU A 366 2.93 18.99 23.55
C LEU A 366 2.65 20.47 23.82
N LEU A 367 1.90 21.08 22.90
CA LEU A 367 1.36 22.42 23.08
C LEU A 367 0.67 22.56 24.42
N ALA A 368 -0.06 21.51 24.80
CA ALA A 368 -0.86 21.51 26.04
C ALA A 368 -0.03 21.70 27.32
N LEU A 369 1.27 21.42 27.24
CA LEU A 369 2.18 21.55 28.38
C LEU A 369 2.63 22.98 28.68
N LEU A 370 2.26 23.92 27.82
CA LEU A 370 2.52 25.35 28.03
C LEU A 370 1.66 25.92 29.15
N ASP A 371 2.11 27.04 29.73
CA ASP A 371 1.44 27.59 30.91
C ASP A 371 1.03 29.04 30.71
N GLU A 372 0.45 29.63 31.76
CA GLU A 372 -0.28 30.91 31.68
C GLU A 372 0.55 32.17 31.35
N GLU A 373 1.87 32.04 31.29
CA GLU A 373 2.73 33.18 31.04
C GLU A 373 3.81 32.91 29.99
N GLN A 374 3.99 33.87 29.09
CA GLN A 374 5.03 33.77 28.07
C GLN A 374 6.35 34.29 28.61
N LEU A 375 7.42 33.56 28.34
CA LEU A 375 8.76 34.02 28.69
C LEU A 375 9.37 34.72 27.49
N TRP A 376 10.41 35.51 27.73
CA TRP A 376 11.13 36.19 26.66
C TRP A 376 11.95 35.16 25.88
N ALA A 377 11.85 35.20 24.55
CA ALA A 377 12.61 34.28 23.71
C ALA A 377 13.06 34.90 22.41
N GLU A 378 14.26 34.53 21.95
CA GLU A 378 14.81 35.06 20.71
C GLU A 378 15.52 34.01 19.86
N VAL A 379 15.15 33.95 18.58
CA VAL A 379 15.76 33.04 17.63
C VAL A 379 16.60 33.83 16.64
N SER A 380 17.88 33.50 16.57
CA SER A 380 18.82 34.16 15.64
C SER A 380 19.70 33.15 14.92
N GLN A 381 20.10 33.50 13.69
CA GLN A 381 21.07 32.71 12.93
C GLN A 381 22.27 33.58 12.56
N ALA A 382 23.39 33.36 13.24
CA ALA A 382 24.62 34.11 13.05
C ALA A 382 24.36 35.62 13.07
N GLY A 383 23.80 36.11 14.17
CA GLY A 383 23.57 37.55 14.36
C GLY A 383 22.21 38.07 13.96
N THR A 384 21.69 37.58 12.83
CA THR A 384 20.38 38.00 12.29
C THR A 384 19.21 37.39 13.09
N VAL A 385 18.36 38.27 13.64
CA VAL A 385 17.21 37.86 14.45
C VAL A 385 16.07 37.38 13.55
N LEU A 386 15.57 36.18 13.83
CA LEU A 386 14.48 35.57 13.06
C LEU A 386 13.24 35.40 13.91
N ASP A 387 12.14 35.97 13.43
CA ASP A 387 10.84 35.78 14.07
C ASP A 387 10.16 34.50 13.57
N SER A 388 8.99 34.20 14.11
CA SER A 388 8.29 32.95 13.81
C SER A 388 7.84 32.82 12.35
N ASN A 389 8.12 33.86 11.56
CA ASN A 389 7.91 33.82 10.12
C ASN A 389 9.13 33.18 9.43
N HIS A 390 9.71 32.15 10.08
CA HIS A 390 10.89 31.43 9.59
C HIS A 390 10.80 29.92 9.89
N THR A 391 11.68 29.13 9.29
CA THR A 391 11.67 27.65 9.44
C THR A 391 11.82 27.19 10.88
N VAL A 392 12.47 28.00 11.71
CA VAL A 392 12.62 27.69 13.13
C VAL A 392 11.96 28.78 13.97
N GLY A 393 11.41 28.39 15.12
CA GLY A 393 10.80 29.34 16.08
C GLY A 393 10.60 28.70 17.45
N VAL A 394 10.14 29.49 18.42
CA VAL A 394 9.96 28.97 19.77
C VAL A 394 8.80 29.63 20.52
N LEU A 395 8.08 28.82 21.29
CA LEU A 395 7.19 29.32 22.33
C LEU A 395 7.64 28.82 23.71
N ALA A 396 7.92 29.77 24.59
CA ALA A 396 8.37 29.47 25.95
C ALA A 396 7.35 29.96 26.96
N SER A 397 7.14 29.16 28.01
CA SER A 397 6.17 29.50 29.02
C SER A 397 6.74 29.33 30.43
N ALA A 398 6.09 29.95 31.41
CA ALA A 398 6.36 29.71 32.81
C ALA A 398 5.06 29.69 33.63
N HIS A 399 5.10 28.96 34.75
CA HIS A 399 3.94 28.73 35.60
C HIS A 399 4.19 29.27 37.02
N ARG A 400 3.19 29.96 37.57
CA ARG A 400 3.23 30.43 38.94
C ARG A 400 2.53 29.38 39.82
N PRO A 401 3.27 28.77 40.77
CA PRO A 401 2.77 27.71 41.65
C PRO A 401 1.41 28.02 42.29
N GLN A 402 0.44 27.12 42.07
CA GLN A 402 -0.93 27.29 42.56
C GLN A 402 -1.11 26.77 43.99
N GLY A 403 -1.19 25.45 44.14
CA GLY A 403 -1.27 24.82 45.47
C GLY A 403 0.00 24.06 45.81
N PRO A 404 -0.06 23.19 46.85
CA PRO A 404 1.06 22.28 47.14
C PRO A 404 1.20 21.21 46.05
N ALA A 405 0.14 21.07 45.25
CA ALA A 405 0.08 20.14 44.12
C ALA A 405 1.15 20.41 43.05
N ASP A 406 1.28 21.66 42.62
CA ASP A 406 2.26 22.03 41.59
C ASP A 406 3.39 22.91 42.11
N ALA A 407 4.45 23.01 41.32
CA ALA A 407 5.54 23.93 41.58
C ALA A 407 5.85 24.71 40.30
N TRP A 408 7.05 25.29 40.22
CA TRP A 408 7.43 26.12 39.09
C TRP A 408 7.71 25.29 37.84
N ARG A 409 7.24 25.79 36.69
CA ARG A 409 7.42 25.11 35.41
C ARG A 409 7.92 26.05 34.33
N ALA A 410 8.70 25.49 33.40
CA ALA A 410 9.01 26.16 32.15
C ALA A 410 8.78 25.21 30.98
N ALA A 411 8.01 25.65 30.01
CA ALA A 411 7.76 24.87 28.79
C ALA A 411 8.33 25.57 27.56
N VAL A 412 9.33 24.94 26.97
CA VAL A 412 10.01 25.50 25.80
C VAL A 412 9.74 24.64 24.56
N LEU A 413 8.78 25.07 23.75
CA LEU A 413 8.47 24.35 22.53
C LEU A 413 9.18 24.96 21.32
N ILE A 414 10.17 24.26 20.80
CA ILE A 414 10.89 24.67 19.60
C ILE A 414 10.38 23.87 18.41
N TYR A 415 10.22 24.53 17.27
CA TYR A 415 9.76 23.85 16.05
C TYR A 415 10.69 24.08 14.87
N ALA A 416 10.81 23.05 14.03
CA ALA A 416 11.50 23.15 12.74
C ALA A 416 10.50 22.74 11.66
N SER A 417 10.18 23.64 10.74
CA SER A 417 9.11 23.38 9.78
C SER A 417 9.16 24.23 8.54
N ASP A 418 9.19 23.58 7.37
CA ASP A 418 9.09 24.32 6.11
C ASP A 418 7.69 24.19 5.55
N ASP A 419 6.69 24.35 6.42
CA ASP A 419 5.28 24.30 6.03
C ASP A 419 4.82 22.94 5.51
N THR A 420 4.38 22.91 4.24
CA THR A 420 3.88 21.69 3.60
C THR A 420 4.97 20.95 2.84
N ARG A 421 6.22 21.41 2.96
CA ARG A 421 7.36 20.72 2.39
C ARG A 421 8.22 20.15 3.51
N ALA A 422 8.59 18.88 3.38
CA ALA A 422 9.50 18.20 4.32
C ALA A 422 10.89 18.09 3.68
N HIS A 423 11.92 18.01 4.51
CA HIS A 423 13.30 17.87 4.02
C HIS A 423 14.04 16.78 4.79
N PRO A 424 13.95 15.52 4.33
CA PRO A 424 14.56 14.39 5.03
C PRO A 424 16.09 14.38 4.96
N ASN A 425 16.63 15.01 3.92
CA ASN A 425 18.06 14.99 3.64
C ASN A 425 18.85 16.07 4.39
N ARG A 426 18.14 16.92 5.13
CA ARG A 426 18.76 18.02 5.86
C ARG A 426 18.59 17.87 7.37
N SER A 427 19.60 18.36 8.10
CA SER A 427 19.59 18.43 9.56
C SER A 427 19.83 19.88 10.00
N VAL A 428 19.13 20.34 11.02
CA VAL A 428 19.22 21.73 11.46
C VAL A 428 19.83 21.82 12.85
N ALA A 429 21.06 22.32 12.90
CA ALA A 429 21.78 22.48 14.16
C ALA A 429 21.19 23.64 14.97
N VAL A 430 20.88 23.36 16.23
CA VAL A 430 20.31 24.37 17.12
C VAL A 430 21.05 24.36 18.45
N THR A 431 21.33 25.55 18.96
CA THR A 431 21.88 25.70 20.30
C THR A 431 20.87 26.43 21.18
N LEU A 432 20.33 25.72 22.17
CA LEU A 432 19.39 26.31 23.12
C LEU A 432 20.13 26.87 24.32
N ARG A 433 20.01 28.17 24.54
CA ARG A 433 20.55 28.78 25.74
C ARG A 433 19.48 29.28 26.69
N LEU A 434 19.24 28.50 27.73
CA LEU A 434 18.26 28.80 28.75
C LEU A 434 18.95 29.41 29.96
N ARG A 435 18.45 30.57 30.40
CA ARG A 435 19.01 31.29 31.54
C ARG A 435 17.89 31.86 32.42
N GLY A 436 18.21 32.14 33.67
CA GLY A 436 17.31 32.86 34.57
C GLY A 436 16.22 32.03 35.22
N VAL A 437 16.52 30.75 35.47
CA VAL A 437 15.56 29.86 36.11
C VAL A 437 15.54 30.13 37.61
N PRO A 438 14.39 30.61 38.13
CA PRO A 438 14.31 30.87 39.56
C PRO A 438 14.72 29.65 40.39
N PRO A 439 15.66 29.83 41.33
CA PRO A 439 16.16 28.73 42.17
C PRO A 439 15.03 28.07 42.99
N GLY A 440 15.17 26.77 43.24
CA GLY A 440 14.14 26.01 43.96
C GLY A 440 14.49 24.53 44.13
N PRO A 441 13.63 23.78 44.84
CA PRO A 441 13.93 22.38 45.20
C PRO A 441 13.85 21.39 44.02
N GLY A 442 14.89 20.57 43.88
CA GLY A 442 14.96 19.47 42.90
C GLY A 442 14.60 19.78 41.47
N LEU A 443 15.29 20.76 40.88
CA LEU A 443 15.02 21.18 39.50
C LEU A 443 15.56 20.18 38.48
N VAL A 444 14.68 19.70 37.60
CA VAL A 444 15.04 18.75 36.54
C VAL A 444 14.45 19.14 35.18
N TYR A 445 15.03 18.60 34.11
CA TYR A 445 14.52 18.85 32.78
C TYR A 445 14.25 17.56 32.01
N VAL A 446 13.28 17.61 31.10
CA VAL A 446 12.90 16.45 30.29
C VAL A 446 12.65 16.85 28.84
N THR A 447 13.44 16.28 27.94
CA THR A 447 13.29 16.51 26.51
C THR A 447 12.24 15.58 25.88
N ARG A 448 11.51 16.11 24.91
CA ARG A 448 10.52 15.33 24.16
C ARG A 448 10.61 15.72 22.70
N TYR A 449 10.83 14.73 21.84
CA TYR A 449 11.16 15.01 20.45
C TYR A 449 10.36 14.18 19.46
N LEU A 450 9.95 14.80 18.36
CA LEU A 450 9.18 14.15 17.31
C LEU A 450 9.76 14.45 15.94
N ASP A 451 10.06 13.41 15.16
CA ASP A 451 10.32 13.58 13.72
C ASP A 451 9.73 12.43 12.89
N ASN A 452 9.90 12.51 11.57
CA ASN A 452 9.36 11.49 10.68
C ASN A 452 10.11 10.16 10.73
N GLY A 453 11.39 10.22 11.10
CA GLY A 453 12.19 9.02 11.30
C GLY A 453 11.72 8.21 12.48
N LEU A 454 11.57 8.85 13.64
CA LEU A 454 11.41 8.14 14.92
C LEU A 454 9.99 8.09 15.49
N CYS A 455 9.08 8.88 14.93
CA CYS A 455 7.74 9.03 15.50
C CYS A 455 6.67 9.21 14.42
N SER A 456 6.71 8.36 13.38
CA SER A 456 5.67 8.36 12.36
C SER A 456 5.01 6.98 12.29
N PRO A 457 3.82 6.84 12.90
CA PRO A 457 2.96 5.68 12.68
C PRO A 457 2.70 5.40 11.21
N ASP A 458 2.63 6.45 10.39
CA ASP A 458 2.57 6.29 8.94
C ASP A 458 3.88 5.70 8.42
N GLY A 459 4.99 6.15 9.01
CA GLY A 459 6.31 5.60 8.68
C GLY A 459 6.36 4.10 8.92
N GLU A 460 5.93 3.67 10.11
CA GLU A 460 5.88 2.25 10.46
C GLU A 460 4.93 1.44 9.60
N TRP A 461 3.74 1.97 9.38
CA TRP A 461 2.76 1.36 8.48
C TRP A 461 3.41 1.01 7.15
N ARG A 462 4.26 1.91 6.65
CA ARG A 462 4.88 1.69 5.35
C ARG A 462 6.07 0.73 5.38
N ARG A 463 6.83 0.75 6.47
CA ARG A 463 7.85 -0.27 6.73
C ARG A 463 7.22 -1.66 6.71
N LEU A 464 6.05 -1.79 7.34
CA LEU A 464 5.29 -3.05 7.33
C LEU A 464 4.55 -3.33 6.01
N GLY A 465 4.75 -2.46 5.02
CA GLY A 465 4.30 -2.73 3.66
C GLY A 465 2.84 -2.47 3.41
N ARG A 466 2.28 -1.48 4.12
CA ARG A 466 0.92 -0.95 3.88
C ARG A 466 -0.22 -1.97 4.05
N PRO A 467 -0.19 -2.77 5.14
CA PRO A 467 -1.28 -3.74 5.30
C PRO A 467 -2.63 -3.06 5.37
N VAL A 468 -3.60 -3.55 4.60
CA VAL A 468 -4.94 -2.95 4.60
C VAL A 468 -5.73 -3.33 5.85
N PHE A 469 -5.65 -4.59 6.26
CA PHE A 469 -6.27 -5.03 7.51
C PHE A 469 -5.20 -5.46 8.53
N PRO A 470 -4.61 -4.49 9.24
CA PRO A 470 -3.45 -4.81 10.09
C PRO A 470 -3.74 -5.82 11.19
N THR A 471 -2.78 -6.69 11.45
CA THR A 471 -2.88 -7.65 12.55
C THR A 471 -2.62 -6.99 13.91
N ALA A 472 -2.88 -7.74 14.97
CA ALA A 472 -2.55 -7.30 16.34
C ALA A 472 -1.10 -6.82 16.47
N GLU A 473 -0.16 -7.59 15.93
CA GLU A 473 1.26 -7.25 16.05
C GLU A 473 1.61 -6.01 15.24
N GLN A 474 1.14 -5.97 14.00
CA GLN A 474 1.27 -4.80 13.16
C GLN A 474 0.71 -3.55 13.87
N PHE A 475 -0.45 -3.70 14.51
CA PHE A 475 -1.04 -2.60 15.27
C PHE A 475 -0.18 -2.17 16.48
N ARG A 476 0.41 -3.15 17.17
CA ARG A 476 1.35 -2.84 18.26
C ARG A 476 2.54 -2.03 17.75
N ARG A 477 3.12 -2.48 16.64
CA ARG A 477 4.31 -1.83 16.08
C ARG A 477 4.01 -0.40 15.63
N MET A 478 2.94 -0.22 14.86
CA MET A 478 2.49 1.11 14.42
C MET A 478 2.24 2.07 15.59
N ARG A 479 1.67 1.54 16.67
CA ARG A 479 1.40 2.35 17.86
C ARG A 479 2.68 2.82 18.54
N ALA A 480 3.72 1.98 18.53
CA ALA A 480 4.99 2.31 19.18
C ALA A 480 5.60 3.62 18.65
N ALA A 481 5.16 4.05 17.46
CA ALA A 481 5.64 5.29 16.82
C ALA A 481 4.80 6.55 17.12
N GLU A 482 3.79 6.42 17.98
CA GLU A 482 2.94 7.56 18.35
C GLU A 482 3.62 8.59 19.28
N ASP A 483 4.11 8.10 20.43
CA ASP A 483 4.73 8.95 21.45
C ASP A 483 6.09 9.47 21.04
N PRO A 484 6.45 10.67 21.49
CA PRO A 484 7.76 11.25 21.19
C PRO A 484 8.87 10.63 22.03
N VAL A 485 10.08 10.59 21.47
CA VAL A 485 11.26 10.11 22.17
C VAL A 485 11.55 11.00 23.37
N ALA A 486 11.63 10.40 24.54
CA ALA A 486 11.87 11.15 25.77
C ALA A 486 13.12 10.67 26.50
N ALA A 487 13.70 11.54 27.32
CA ALA A 487 14.88 11.24 28.10
C ALA A 487 14.60 11.40 29.60
N ALA A 488 15.13 10.47 30.39
CA ALA A 488 14.96 10.47 31.84
C ALA A 488 15.28 11.83 32.46
N PRO A 489 14.47 12.26 33.45
CA PRO A 489 14.70 13.50 34.21
C PRO A 489 16.13 13.67 34.73
N ARG A 490 16.88 14.58 34.11
CA ARG A 490 18.25 14.92 34.53
C ARG A 490 18.23 16.19 35.39
N PRO A 491 19.07 16.27 36.44
CA PRO A 491 19.06 17.48 37.28
C PRO A 491 19.67 18.67 36.54
N LEU A 492 19.13 19.86 36.80
CA LEU A 492 19.58 21.07 36.12
C LEU A 492 20.93 21.54 36.68
N PRO A 493 21.84 21.98 35.79
CA PRO A 493 23.09 22.58 36.27
C PRO A 493 22.84 23.82 37.14
N ALA A 494 23.75 24.08 38.08
CA ALA A 494 23.62 25.22 38.99
C ALA A 494 23.64 26.54 38.21
N GLY A 495 23.00 27.56 38.79
CA GLY A 495 22.89 28.87 38.17
C GLY A 495 21.56 29.07 37.47
N GLY A 496 20.77 28.01 37.39
CA GLY A 496 19.51 28.03 36.66
C GLY A 496 19.72 28.27 35.18
N ARG A 497 20.69 27.55 34.61
CA ARG A 497 21.02 27.65 33.19
C ARG A 497 21.11 26.27 32.54
N LEU A 498 20.64 26.19 31.30
CA LEU A 498 20.78 24.96 30.51
C LEU A 498 21.20 25.29 29.08
N THR A 499 22.20 24.54 28.60
CA THR A 499 22.63 24.64 27.21
C THR A 499 22.61 23.26 26.56
N LEU A 500 21.83 23.14 25.50
CA LEU A 500 21.76 21.92 24.70
C LEU A 500 22.07 22.23 23.25
N ARG A 501 22.52 21.22 22.51
CA ARG A 501 22.81 21.38 21.10
C ARG A 501 22.17 20.28 20.26
N PRO A 502 20.83 20.24 20.23
CA PRO A 502 20.14 19.19 19.49
C PRO A 502 20.29 19.35 17.98
N ALA A 503 20.46 18.23 17.28
CA ALA A 503 20.37 18.23 15.82
C ALA A 503 18.92 17.92 15.46
N LEU A 504 18.20 18.95 15.03
CA LEU A 504 16.78 18.82 14.68
C LEU A 504 16.64 18.45 13.22
N ARG A 505 15.58 17.71 12.91
CA ARG A 505 15.27 17.41 11.51
C ARG A 505 14.14 18.31 10.99
N LEU A 506 13.86 18.18 9.69
CA LEU A 506 12.91 19.04 9.01
C LEU A 506 11.87 18.18 8.31
N PRO A 507 10.69 17.98 8.94
CA PRO A 507 10.22 18.68 10.12
C PRO A 507 10.58 17.97 11.42
N SER A 508 10.60 18.73 12.52
CA SER A 508 10.56 18.15 13.86
C SER A 508 9.97 19.11 14.90
N LEU A 509 9.90 18.64 16.14
CA LEU A 509 9.41 19.41 17.26
C LEU A 509 10.21 18.97 18.48
N LEU A 510 10.57 19.94 19.32
CA LEU A 510 11.35 19.67 20.52
C LEU A 510 10.81 20.47 21.71
N LEU A 511 10.37 19.75 22.74
CA LEU A 511 9.90 20.40 23.95
C LEU A 511 10.78 20.09 25.14
N VAL A 512 11.57 21.09 25.56
CA VAL A 512 12.33 21.04 26.80
C VAL A 512 11.44 21.51 27.94
N HIS A 513 11.39 20.70 29.00
CA HIS A 513 10.46 20.88 30.10
C HIS A 513 11.21 20.94 31.43
N VAL A 514 11.21 22.12 32.06
CA VAL A 514 11.93 22.31 33.30
C VAL A 514 10.95 22.43 34.45
N CYS A 515 11.12 21.57 35.45
CA CYS A 515 10.18 21.45 36.56
C CYS A 515 10.89 21.42 37.92
N ALA A 516 10.39 22.23 38.85
CA ALA A 516 10.83 22.15 40.23
C ALA A 516 9.93 21.15 40.95
N ARG A 517 10.49 20.43 41.92
CA ARG A 517 9.75 19.42 42.67
C ARG A 517 8.73 20.06 43.62
N PRO A 518 7.43 19.76 43.43
CA PRO A 518 6.41 20.31 44.32
C PRO A 518 6.43 19.66 45.70
N GLU A 519 5.66 20.21 46.62
CA GLU A 519 5.61 19.71 47.99
C GLU A 519 5.01 18.31 48.07
N LYS A 520 3.76 18.18 47.63
CA LYS A 520 3.06 16.90 47.67
C LYS A 520 3.12 16.15 46.34
N PRO A 521 3.04 14.80 46.37
CA PRO A 521 2.95 13.96 45.17
C PRO A 521 1.71 14.29 44.31
N PRO A 522 1.61 13.72 43.10
CA PRO A 522 0.49 14.03 42.19
C PRO A 522 -0.90 13.64 42.70
N GLY A 523 -1.94 14.13 42.01
CA GLY A 523 -3.32 13.80 42.34
C GLY A 523 -3.79 12.46 41.81
N GLN A 524 -5.04 12.12 42.11
CA GLN A 524 -5.64 10.83 41.75
C GLN A 524 -6.26 10.84 40.34
N VAL A 525 -5.88 9.87 39.52
CA VAL A 525 -6.50 9.65 38.22
C VAL A 525 -7.99 9.38 38.43
N THR A 526 -8.83 9.89 37.54
CA THR A 526 -10.27 9.69 37.66
C THR A 526 -10.90 9.41 36.31
N ARG A 527 -12.19 9.05 36.35
CA ARG A 527 -13.02 8.82 35.16
C ARG A 527 -12.46 7.75 34.22
N LEU A 528 -11.92 6.67 34.82
CA LEU A 528 -11.35 5.58 34.06
C LEU A 528 -12.41 4.73 33.35
N ARG A 529 -12.14 4.40 32.09
CA ARG A 529 -13.05 3.60 31.28
C ARG A 529 -12.32 2.57 30.43
N ALA A 530 -12.96 1.41 30.28
CA ALA A 530 -12.50 0.38 29.36
C ALA A 530 -13.43 0.35 28.15
N LEU A 531 -12.86 0.36 26.96
CA LEU A 531 -13.66 0.39 25.75
C LEU A 531 -13.23 -0.74 24.81
N PRO A 532 -14.16 -1.66 24.49
CA PRO A 532 -13.84 -2.83 23.67
C PRO A 532 -13.42 -2.45 22.24
N LEU A 533 -12.36 -3.10 21.76
CA LEU A 533 -11.91 -2.92 20.39
C LEU A 533 -12.23 -4.14 19.56
N THR A 534 -11.68 -5.28 19.98
CA THR A 534 -11.96 -6.59 19.38
C THR A 534 -11.50 -7.69 20.33
N GLN A 535 -11.62 -8.94 19.91
CA GLN A 535 -11.19 -10.08 20.73
C GLN A 535 -9.77 -9.82 21.26
N GLY A 536 -9.62 -9.88 22.59
CA GLY A 536 -8.34 -9.70 23.25
C GLY A 536 -7.63 -8.38 22.97
N GLN A 537 -8.39 -7.29 22.95
CA GLN A 537 -7.88 -5.97 22.56
C GLN A 537 -8.88 -4.90 23.01
N LEU A 538 -8.40 -3.89 23.74
CA LEU A 538 -9.27 -2.80 24.25
C LEU A 538 -8.55 -1.44 24.40
N VAL A 539 -9.34 -0.40 24.67
CA VAL A 539 -8.85 0.96 24.96
C VAL A 539 -9.03 1.29 26.44
N LEU A 540 -7.96 1.75 27.08
CA LEU A 540 -8.08 2.33 28.40
C LEU A 540 -7.93 3.84 28.31
N VAL A 541 -8.89 4.56 28.91
CA VAL A 541 -8.94 6.02 28.84
C VAL A 541 -9.32 6.60 30.21
N TRP A 542 -8.77 7.76 30.56
CA TRP A 542 -9.00 8.36 31.87
C TRP A 542 -9.04 9.89 31.81
N SER A 543 -8.71 10.53 32.94
CA SER A 543 -8.74 11.99 33.08
C SER A 543 -7.73 12.46 34.11
N ASP A 544 -7.05 13.56 33.79
CA ASP A 544 -6.01 14.10 34.68
C ASP A 544 -6.44 15.33 35.50
N GLU A 545 -7.71 15.70 35.44
CA GLU A 545 -8.18 16.94 36.06
C GLU A 545 -7.81 17.09 37.55
N HIS A 546 -7.83 15.99 38.29
CA HIS A 546 -7.50 16.00 39.71
C HIS A 546 -6.03 15.71 40.00
N VAL A 547 -5.25 15.52 38.94
CA VAL A 547 -3.80 15.30 39.08
C VAL A 547 -3.10 16.58 39.50
N GLY A 548 -3.48 17.71 38.89
CA GLY A 548 -3.07 19.04 39.34
C GLY A 548 -1.61 19.42 39.14
N SER A 549 -0.92 18.71 38.25
CA SER A 549 0.46 19.01 37.88
C SER A 549 0.78 18.51 36.47
N LYS A 550 1.70 19.19 35.79
CA LYS A 550 2.06 18.83 34.44
C LYS A 550 3.40 18.10 34.36
N CYS A 551 4.08 17.98 35.51
CA CYS A 551 5.43 17.42 35.55
C CYS A 551 5.42 15.89 35.63
N LEU A 552 4.74 15.26 34.68
CA LEU A 552 4.51 13.81 34.69
C LEU A 552 5.35 13.05 33.68
N TRP A 553 5.86 11.90 34.11
CA TRP A 553 6.66 11.02 33.25
C TRP A 553 5.76 10.04 32.48
N THR A 554 4.90 9.32 33.19
CA THR A 554 4.03 8.29 32.62
C THR A 554 2.86 7.92 33.53
N TYR A 555 1.97 7.08 33.01
CA TYR A 555 0.86 6.55 33.79
C TYR A 555 1.03 5.04 33.96
N GLU A 556 1.20 4.61 35.21
CA GLU A 556 1.26 3.19 35.58
C GLU A 556 -0.11 2.55 35.42
N ILE A 557 -0.17 1.48 34.63
CA ILE A 557 -1.39 0.70 34.46
C ILE A 557 -1.22 -0.70 35.05
N GLN A 558 -2.08 -1.04 36.00
CA GLN A 558 -2.04 -2.36 36.63
C GLN A 558 -3.28 -3.18 36.27
N PHE A 559 -3.08 -4.50 36.19
CA PHE A 559 -4.12 -5.43 35.76
C PHE A 559 -4.25 -6.57 36.77
N SER A 560 -5.51 -6.94 37.07
CA SER A 560 -5.82 -7.98 38.03
C SER A 560 -6.70 -9.08 37.46
N GLN A 561 -6.39 -10.32 37.83
CA GLN A 561 -7.21 -11.48 37.56
C GLN A 561 -7.27 -12.35 38.82
N ASP A 562 -6.36 -12.04 39.75
CA ASP A 562 -6.16 -12.78 41.00
C ASP A 562 -5.76 -14.23 40.78
N TYR A 566 -3.06 -7.47 41.46
CA TYR A 566 -2.64 -6.46 40.51
C TYR A 566 -1.14 -6.53 40.22
N THR A 567 -0.80 -6.61 38.94
CA THR A 567 0.59 -6.52 38.49
C THR A 567 0.69 -5.53 37.31
N PRO A 568 1.79 -4.75 37.26
CA PRO A 568 1.89 -3.65 36.29
C PRO A 568 2.06 -4.11 34.84
N VAL A 569 1.27 -3.50 33.94
CA VAL A 569 1.45 -3.68 32.50
C VAL A 569 2.71 -2.93 32.07
N SER A 570 3.74 -3.70 31.73
CA SER A 570 5.03 -3.12 31.37
C SER A 570 4.95 -2.45 30.00
N ARG A 571 4.89 -1.12 30.00
CA ARG A 571 4.80 -0.34 28.77
C ARG A 571 5.79 0.82 28.75
N LYS A 572 6.15 1.26 27.54
CA LYS A 572 7.04 2.41 27.38
C LYS A 572 6.29 3.70 27.79
N PRO A 573 7.03 4.68 28.34
CA PRO A 573 6.42 5.89 28.93
C PRO A 573 5.56 6.71 27.95
N SER A 574 4.44 7.22 28.47
CA SER A 574 3.48 8.03 27.72
C SER A 574 2.60 8.77 28.70
N THR A 575 2.31 10.03 28.38
CA THR A 575 1.45 10.86 29.23
C THR A 575 0.08 11.14 28.59
N PHE A 576 -0.10 10.69 27.34
CA PHE A 576 -1.38 10.75 26.67
C PHE A 576 -2.41 9.93 27.47
N ASN A 577 -3.61 10.47 27.64
CA ASN A 577 -4.61 9.85 28.52
C ASN A 577 -5.38 8.71 27.87
N LEU A 578 -4.72 7.98 26.98
CA LEU A 578 -5.30 6.86 26.25
C LEU A 578 -4.27 5.79 25.92
N PHE A 579 -4.53 4.57 26.40
CA PHE A 579 -3.70 3.42 26.10
C PHE A 579 -4.49 2.26 25.52
N VAL A 580 -3.88 1.57 24.57
CA VAL A 580 -4.48 0.38 23.98
C VAL A 580 -3.79 -0.88 24.50
N PHE A 581 -4.54 -1.68 25.26
CA PHE A 581 -4.03 -2.94 25.77
C PHE A 581 -4.27 -4.07 24.80
N SER A 582 -3.18 -4.53 24.18
CA SER A 582 -3.22 -5.62 23.23
C SER A 582 -2.13 -6.63 23.60
N PRO A 583 -2.38 -7.44 24.65
CA PRO A 583 -1.37 -8.30 25.24
C PRO A 583 -1.16 -9.61 24.46
N ASP A 584 0.02 -10.21 24.63
CA ASP A 584 0.42 -11.44 23.95
C ASP A 584 -0.48 -12.64 24.24
N THR A 585 -0.93 -12.71 25.49
CA THR A 585 -1.74 -13.83 25.96
C THR A 585 -3.19 -13.80 25.48
N GLY A 586 -3.67 -12.64 25.01
CA GLY A 586 -5.07 -12.44 24.64
C GLY A 586 -5.97 -12.22 25.85
N ALA A 587 -5.39 -12.35 27.05
CA ALA A 587 -6.11 -12.22 28.31
C ALA A 587 -6.33 -10.76 28.71
N VAL A 588 -7.59 -10.35 28.74
CA VAL A 588 -7.98 -8.95 29.01
C VAL A 588 -9.05 -8.79 30.10
N SER A 589 -9.75 -9.88 30.43
CA SER A 589 -10.83 -9.86 31.42
C SER A 589 -10.31 -9.78 32.86
N GLY A 590 -10.88 -8.87 33.65
CA GLY A 590 -10.44 -8.66 35.03
C GLY A 590 -10.68 -7.24 35.54
N SER A 591 -9.62 -6.60 36.02
CA SER A 591 -9.71 -5.27 36.60
C SER A 591 -8.50 -4.40 36.32
N TYR A 592 -8.74 -3.12 36.03
CA TYR A 592 -7.68 -2.17 35.70
C TYR A 592 -7.69 -0.96 36.62
N ARG A 593 -6.53 -0.62 37.18
CA ARG A 593 -6.34 0.65 37.88
C ARG A 593 -5.17 1.44 37.27
N VAL A 594 -5.25 2.77 37.37
CA VAL A 594 -4.31 3.67 36.71
C VAL A 594 -3.89 4.79 37.66
N ARG A 595 -2.59 5.10 37.67
CA ARG A 595 -2.06 6.21 38.50
C ARG A 595 -0.95 6.97 37.79
N ALA A 596 -0.67 8.19 38.27
CA ALA A 596 0.35 9.05 37.68
C ALA A 596 1.72 8.89 38.35
N LEU A 597 2.78 9.02 37.54
CA LEU A 597 4.15 8.96 38.02
C LEU A 597 4.92 10.21 37.53
N ASP A 598 5.43 11.00 38.48
CA ASP A 598 6.08 12.28 38.15
C ASP A 598 7.57 12.14 37.81
N TYR A 599 8.23 13.27 37.60
CA TYR A 599 9.64 13.31 37.24
C TYR A 599 10.59 12.93 38.37
N TRP A 600 10.06 12.80 39.59
CA TRP A 600 10.87 12.47 40.76
C TRP A 600 10.44 11.14 41.34
N ALA A 601 9.98 10.25 40.46
CA ALA A 601 9.61 8.86 40.77
C ALA A 601 8.45 8.71 41.76
N ARG A 602 7.83 9.83 42.15
CA ARG A 602 6.75 9.82 43.14
C ARG A 602 5.44 9.29 42.55
N PRO A 603 4.80 8.33 43.26
CA PRO A 603 3.49 7.83 42.85
C PRO A 603 2.33 8.69 43.35
N GLY A 604 1.31 8.85 42.52
CA GLY A 604 0.04 9.43 42.96
C GLY A 604 -0.92 8.32 43.36
N PRO A 605 -2.11 8.68 43.88
CA PRO A 605 -3.11 7.69 44.24
C PRO A 605 -3.67 6.95 43.02
N PHE A 606 -3.92 5.65 43.17
CA PHE A 606 -4.55 4.86 42.12
C PHE A 606 -6.00 5.29 41.94
N SER A 607 -6.45 5.30 40.69
CA SER A 607 -7.86 5.51 40.38
C SER A 607 -8.69 4.38 40.98
N ASP A 608 -10.00 4.56 41.02
CA ASP A 608 -10.89 3.46 41.37
C ASP A 608 -10.71 2.35 40.34
N PRO A 609 -10.65 1.09 40.80
CA PRO A 609 -10.56 -0.04 39.87
C PRO A 609 -11.77 -0.12 38.94
N VAL A 610 -11.52 -0.48 37.68
CA VAL A 610 -12.58 -0.65 36.71
C VAL A 610 -12.56 -2.10 36.20
N PRO A 611 -13.70 -2.82 36.37
CA PRO A 611 -13.81 -4.22 35.92
C PRO A 611 -13.98 -4.33 34.41
N TYR A 612 -13.56 -5.46 33.84
CA TYR A 612 -13.76 -5.72 32.42
C TYR A 612 -14.19 -7.16 32.12
N LEU A 613 -15.37 -7.25 31.51
CA LEU A 613 -16.01 -8.51 31.13
C LEU A 613 -15.97 -8.68 29.61
N GLU A 614 -15.50 -9.84 29.15
CA GLU A 614 -15.41 -10.14 27.72
C GLU A 614 -16.19 -11.41 27.37
N ALA B 2 -23.72 -31.44 -33.00
CA ALA B 2 -22.78 -32.26 -33.84
C ALA B 2 -21.37 -32.33 -33.22
N PRO B 3 -20.79 -33.55 -33.11
CA PRO B 3 -19.52 -33.73 -32.37
C PRO B 3 -18.25 -33.28 -33.11
N HIS B 4 -17.23 -32.91 -32.35
CA HIS B 4 -15.96 -32.46 -32.92
C HIS B 4 -15.04 -33.65 -33.13
N LEU B 5 -14.55 -33.82 -34.35
CA LEU B 5 -13.69 -34.94 -34.69
C LEU B 5 -12.22 -34.51 -34.73
N VAL B 6 -11.36 -35.28 -34.06
CA VAL B 6 -9.94 -34.97 -34.03
C VAL B 6 -9.16 -36.18 -34.51
N GLN B 7 -8.69 -36.12 -35.76
CA GLN B 7 -7.81 -37.15 -36.31
C GLN B 7 -6.35 -36.84 -36.04
N VAL B 8 -5.57 -37.88 -35.75
CA VAL B 8 -4.13 -37.74 -35.57
C VAL B 8 -3.44 -38.93 -36.25
N ASP B 9 -2.42 -38.63 -37.06
CA ASP B 9 -1.65 -39.66 -37.76
C ASP B 9 -0.26 -39.87 -37.14
N ALA B 10 -0.13 -40.87 -36.28
CA ALA B 10 1.12 -41.09 -35.53
C ALA B 10 2.22 -41.74 -36.36
N ALA B 11 2.00 -41.78 -37.68
CA ALA B 11 2.96 -42.32 -38.63
C ALA B 11 3.54 -41.18 -39.47
N ARG B 12 2.71 -40.16 -39.69
CA ARG B 12 3.08 -38.94 -40.40
C ARG B 12 3.77 -37.94 -39.48
N ALA B 13 5.08 -38.09 -39.32
CA ALA B 13 5.87 -37.09 -38.61
C ALA B 13 6.18 -35.98 -39.61
N LEU B 14 5.55 -34.82 -39.45
CA LEU B 14 5.50 -33.79 -40.50
C LEU B 14 6.76 -32.96 -40.67
N TRP B 15 7.25 -32.41 -39.56
CA TRP B 15 8.43 -31.56 -39.52
C TRP B 15 8.82 -31.34 -38.07
N PRO B 16 9.96 -30.66 -37.83
CA PRO B 16 10.26 -30.36 -36.43
C PRO B 16 9.18 -29.48 -35.78
N LEU B 17 9.04 -29.65 -34.46
CA LEU B 17 8.23 -28.77 -33.65
C LEU B 17 9.17 -28.18 -32.61
N ARG B 18 9.20 -26.85 -32.53
N ARG B 18 9.13 -26.85 -32.47
CA ARG B 18 10.08 -26.15 -31.61
CA ARG B 18 10.01 -26.14 -31.57
C ARG B 18 9.28 -25.58 -30.45
C ARG B 18 9.21 -25.61 -30.38
N ARG B 19 9.71 -25.88 -29.23
N ARG B 19 9.70 -25.88 -29.18
CA ARG B 19 9.04 -25.36 -28.05
CA ARG B 19 9.06 -25.34 -27.99
C ARG B 19 9.41 -23.89 -27.85
C ARG B 19 9.43 -23.86 -27.84
N PHE B 20 8.78 -23.04 -28.67
CA PHE B 20 9.10 -21.63 -28.80
C PHE B 20 8.37 -20.70 -27.82
N TRP B 21 7.60 -21.28 -26.91
CA TRP B 21 6.80 -20.53 -25.93
C TRP B 21 7.36 -20.59 -24.49
N ARG B 22 8.55 -21.16 -24.31
CA ARG B 22 9.02 -21.47 -22.96
C ARG B 22 9.64 -20.26 -22.29
N SER B 23 8.87 -19.19 -22.24
CA SER B 23 9.29 -17.91 -21.67
C SER B 23 8.19 -17.22 -20.86
N THR B 24 8.62 -16.47 -19.85
CA THR B 24 7.76 -15.52 -19.16
C THR B 24 8.53 -14.23 -18.91
N GLY B 25 7.87 -13.27 -18.27
CA GLY B 25 8.49 -12.02 -17.88
C GLY B 25 7.67 -11.24 -16.88
N PHE B 26 8.34 -10.31 -16.19
CA PHE B 26 7.70 -9.44 -15.21
C PHE B 26 8.48 -8.15 -14.98
N CYS B 27 7.81 -7.17 -14.40
CA CYS B 27 8.40 -5.90 -14.03
C CYS B 27 8.30 -5.67 -12.51
N PRO B 28 9.43 -5.32 -11.85
CA PRO B 28 9.35 -4.93 -10.44
C PRO B 28 8.64 -3.58 -10.23
N PRO B 29 8.08 -3.33 -9.03
CA PRO B 29 7.35 -2.09 -8.79
C PRO B 29 8.24 -0.93 -8.28
N LEU B 30 7.61 0.23 -8.05
CA LEU B 30 8.26 1.39 -7.44
C LEU B 30 8.68 1.14 -5.97
N PRO B 31 9.80 1.75 -5.53
CA PRO B 31 10.72 2.54 -6.34
C PRO B 31 11.69 1.64 -7.10
N HIS B 32 12.18 2.11 -8.25
CA HIS B 32 13.12 1.30 -9.04
C HIS B 32 14.52 1.21 -8.41
N SER B 33 14.76 1.97 -7.34
CA SER B 33 16.05 1.99 -6.65
C SER B 33 16.14 0.89 -5.58
N GLN B 34 15.38 1.07 -4.49
CA GLN B 34 15.12 0.03 -3.45
C GLN B 34 16.20 -0.28 -2.38
N ALA B 35 17.13 -1.18 -2.68
CA ALA B 35 18.01 -1.83 -1.67
C ALA B 35 17.19 -2.75 -0.75
N ASP B 36 17.66 -4.00 -0.63
CA ASP B 36 16.82 -5.15 -0.22
C ASP B 36 15.63 -5.23 -1.19
N PRO B 37 15.91 -5.45 -2.49
CA PRO B 37 14.87 -5.30 -3.52
C PRO B 37 13.74 -6.33 -3.49
N TYR B 38 12.69 -6.03 -4.26
CA TYR B 38 11.56 -6.91 -4.52
C TYR B 38 12.00 -8.23 -5.14
N VAL B 39 12.95 -8.16 -6.08
CA VAL B 39 13.42 -9.34 -6.81
C VAL B 39 14.22 -10.34 -5.95
N LEU B 40 14.74 -9.91 -4.80
CA LEU B 40 15.47 -10.82 -3.91
C LEU B 40 14.67 -11.17 -2.65
N SER B 41 13.41 -10.74 -2.59
CA SER B 41 12.54 -11.05 -1.46
C SER B 41 12.24 -12.54 -1.41
N TRP B 42 11.82 -13.01 -0.24
CA TRP B 42 11.44 -14.40 -0.07
C TRP B 42 10.25 -14.72 -0.96
N ASP B 43 9.38 -13.73 -1.14
CA ASP B 43 8.28 -13.81 -2.10
C ASP B 43 8.78 -14.21 -3.48
N GLN B 44 9.77 -13.46 -3.99
CA GLN B 44 10.26 -13.69 -5.34
C GLN B 44 10.92 -15.05 -5.49
N GLN B 45 11.73 -15.43 -4.52
CA GLN B 45 12.36 -16.74 -4.49
C GLN B 45 11.32 -17.85 -4.64
N LEU B 46 10.27 -17.82 -3.81
CA LEU B 46 9.18 -18.79 -3.93
C LEU B 46 8.59 -18.78 -5.33
N ASN B 47 8.28 -17.59 -5.83
CA ASN B 47 7.70 -17.42 -7.15
C ASN B 47 8.54 -18.08 -8.23
N LEU B 48 9.86 -17.93 -8.15
CA LEU B 48 10.71 -18.47 -9.19
C LEU B 48 10.86 -19.97 -9.08
N ALA B 49 10.84 -20.48 -7.85
CA ALA B 49 10.84 -21.93 -7.66
C ALA B 49 9.64 -22.51 -8.43
N TYR B 50 8.48 -21.90 -8.25
CA TYR B 50 7.26 -22.28 -8.95
C TYR B 50 7.38 -22.23 -10.47
N VAL B 51 8.05 -21.21 -10.99
CA VAL B 51 8.34 -21.10 -12.43
C VAL B 51 9.29 -22.18 -12.91
N GLY B 52 10.30 -22.48 -12.09
CA GLY B 52 11.38 -23.40 -12.45
C GLY B 52 11.00 -24.87 -12.35
N ALA B 53 9.89 -25.13 -11.67
CA ALA B 53 9.47 -26.49 -11.39
C ALA B 53 8.54 -27.08 -12.46
N VAL B 54 8.16 -26.27 -13.44
CA VAL B 54 7.43 -26.79 -14.58
C VAL B 54 8.27 -27.93 -15.15
N PRO B 55 7.68 -29.12 -15.31
CA PRO B 55 8.49 -30.27 -15.73
C PRO B 55 9.15 -30.08 -17.10
N HIS B 56 10.33 -30.67 -17.25
CA HIS B 56 11.02 -30.77 -18.54
C HIS B 56 11.35 -29.42 -19.20
N ARG B 57 11.85 -28.48 -18.38
CA ARG B 57 12.26 -27.15 -18.84
C ARG B 57 11.10 -26.46 -19.59
N GLY B 58 9.91 -26.56 -19.01
CA GLY B 58 8.70 -26.00 -19.63
C GLY B 58 8.70 -24.48 -19.68
N ILE B 59 9.39 -23.87 -18.72
CA ILE B 59 9.73 -22.45 -18.79
C ILE B 59 11.23 -22.27 -18.63
N LYS B 60 11.83 -21.62 -19.62
CA LYS B 60 13.27 -21.45 -19.70
C LYS B 60 13.69 -20.01 -19.37
N GLN B 61 12.99 -19.04 -19.96
CA GLN B 61 13.34 -17.62 -19.87
C GLN B 61 12.42 -16.78 -18.96
N VAL B 62 13.03 -15.87 -18.20
CA VAL B 62 12.33 -14.93 -17.32
C VAL B 62 12.73 -13.49 -17.69
N ARG B 63 11.98 -12.90 -18.62
CA ARG B 63 12.29 -11.56 -19.14
C ARG B 63 12.03 -10.48 -18.09
N THR B 64 13.10 -9.89 -17.59
CA THR B 64 13.03 -9.00 -16.44
C THR B 64 13.23 -7.53 -16.80
N HIS B 65 12.48 -6.64 -16.14
CA HIS B 65 12.71 -5.20 -16.25
C HIS B 65 13.68 -4.69 -15.18
N TRP B 66 14.35 -3.58 -15.49
CA TRP B 66 15.12 -2.81 -14.52
C TRP B 66 16.30 -3.55 -13.89
N LEU B 67 16.88 -4.45 -14.67
CA LEU B 67 17.98 -5.29 -14.20
C LEU B 67 19.16 -4.45 -13.74
N LEU B 68 19.42 -3.36 -14.45
CA LEU B 68 20.59 -2.54 -14.20
C LEU B 68 20.36 -1.51 -13.08
N GLU B 69 19.14 -1.51 -12.53
CA GLU B 69 18.91 -0.80 -11.29
C GLU B 69 19.32 -1.67 -10.09
N LEU B 70 19.69 -2.92 -10.37
CA LEU B 70 20.27 -3.78 -9.34
C LEU B 70 21.77 -3.53 -9.20
N VAL B 71 22.31 -2.65 -10.04
CA VAL B 71 23.73 -2.29 -9.97
C VAL B 71 23.88 -0.90 -9.38
N THR B 72 24.72 -0.78 -8.35
CA THR B 72 24.98 0.52 -7.74
C THR B 72 26.35 1.06 -8.14
N THR B 73 26.61 2.31 -7.82
CA THR B 73 27.75 3.03 -8.35
C THR B 73 28.49 3.86 -7.28
N ARG B 74 29.81 3.80 -7.30
CA ARG B 74 30.65 4.63 -6.44
C ARG B 74 31.54 5.55 -7.29
N GLY B 75 32.07 6.59 -6.66
CA GLY B 75 32.88 7.60 -7.36
C GLY B 75 32.05 8.34 -8.41
N SER B 76 32.73 8.80 -9.47
CA SER B 76 32.05 9.45 -10.59
C SER B 76 32.92 9.52 -11.86
N THR B 77 32.39 10.18 -12.89
CA THR B 77 33.07 10.40 -14.16
C THR B 77 34.33 11.25 -13.97
N LEU B 81 35.02 5.77 -10.80
CA LEU B 81 33.71 5.19 -11.09
C LEU B 81 33.69 3.67 -10.97
N SER B 82 33.25 3.18 -9.81
CA SER B 82 33.12 1.75 -9.55
C SER B 82 31.67 1.28 -9.68
N TYR B 83 31.50 0.00 -10.01
CA TYR B 83 30.19 -0.62 -9.99
C TYR B 83 30.10 -1.69 -8.91
N ASN B 84 28.95 -1.76 -8.26
CA ASN B 84 28.65 -2.83 -7.31
C ASN B 84 27.58 -3.73 -7.88
N PHE B 85 27.96 -4.99 -8.14
CA PHE B 85 27.13 -5.97 -8.82
C PHE B 85 26.40 -6.94 -7.89
N THR B 86 26.54 -6.75 -6.58
CA THR B 86 26.03 -7.73 -5.62
C THR B 86 24.57 -8.08 -5.86
N HIS B 87 23.69 -7.09 -5.83
CA HIS B 87 22.27 -7.36 -6.00
C HIS B 87 21.91 -8.04 -7.33
N LEU B 88 22.65 -7.71 -8.39
CA LEU B 88 22.45 -8.38 -9.68
C LEU B 88 22.98 -9.81 -9.68
N ASP B 89 24.12 -10.03 -9.03
CA ASP B 89 24.63 -11.36 -8.78
C ASP B 89 23.55 -12.18 -8.09
N GLY B 90 23.09 -11.69 -6.94
CA GLY B 90 22.06 -12.35 -6.14
C GLY B 90 20.93 -12.89 -6.98
N TYR B 91 20.36 -12.01 -7.82
CA TYR B 91 19.22 -12.35 -8.66
C TYR B 91 19.58 -13.37 -9.71
N LEU B 92 20.63 -13.07 -10.49
CA LEU B 92 21.04 -13.98 -11.56
C LEU B 92 21.39 -15.38 -11.05
N ASP B 93 22.04 -15.47 -9.88
CA ASP B 93 22.25 -16.76 -9.21
C ASP B 93 20.94 -17.50 -8.93
N LEU B 94 19.96 -16.78 -8.39
CA LEU B 94 18.64 -17.33 -8.11
C LEU B 94 18.01 -17.97 -9.36
N LEU B 95 18.08 -17.27 -10.49
CA LEU B 95 17.60 -17.82 -11.76
C LEU B 95 18.38 -19.07 -12.16
N ARG B 96 19.70 -19.01 -11.97
CA ARG B 96 20.59 -20.18 -12.18
C ARG B 96 20.16 -21.36 -11.32
N GLU B 97 19.76 -21.08 -10.08
CA GLU B 97 19.37 -22.12 -9.13
C GLU B 97 18.08 -22.82 -9.54
N ASN B 98 17.32 -22.19 -10.42
CA ASN B 98 16.05 -22.74 -10.89
C ASN B 98 16.10 -23.07 -12.37
N GLN B 99 17.30 -23.21 -12.92
CA GLN B 99 17.49 -23.55 -14.34
C GLN B 99 16.70 -22.62 -15.24
N LEU B 100 16.72 -21.34 -14.90
CA LEU B 100 16.05 -20.31 -15.67
C LEU B 100 17.10 -19.33 -16.17
N LEU B 101 16.91 -18.82 -17.38
CA LEU B 101 17.82 -17.84 -17.96
C LEU B 101 17.15 -16.48 -17.94
N PRO B 102 17.93 -15.40 -17.70
CA PRO B 102 17.28 -14.10 -17.75
C PRO B 102 16.99 -13.70 -19.18
N GLY B 103 15.95 -12.90 -19.37
CA GLY B 103 15.73 -12.18 -20.63
C GLY B 103 16.40 -10.86 -20.39
N PHE B 104 17.69 -10.77 -20.69
CA PHE B 104 18.52 -9.70 -20.15
C PHE B 104 18.29 -8.37 -20.85
N GLU B 105 17.24 -7.68 -20.41
CA GLU B 105 16.98 -6.31 -20.84
C GLU B 105 18.06 -5.42 -20.23
N LEU B 106 18.77 -4.70 -21.10
CA LEU B 106 19.84 -3.81 -20.66
C LEU B 106 19.21 -2.47 -20.27
N MET B 107 18.56 -2.48 -19.12
CA MET B 107 17.58 -1.47 -18.76
C MET B 107 17.82 -1.00 -17.34
N GLY B 108 18.06 0.30 -17.21
CA GLY B 108 18.31 0.91 -15.91
C GLY B 108 19.31 2.05 -15.98
N SER B 109 19.74 2.52 -14.82
CA SER B 109 20.57 3.72 -14.72
C SER B 109 21.78 3.55 -13.82
N ALA B 110 22.03 2.33 -13.35
CA ALA B 110 23.03 2.06 -12.32
C ALA B 110 22.78 2.96 -11.10
N SER B 111 21.51 3.18 -10.80
CA SER B 111 21.06 3.96 -9.64
C SER B 111 21.52 5.42 -9.69
N GLY B 112 21.03 6.13 -10.70
CA GLY B 112 21.25 7.56 -10.79
C GLY B 112 22.35 8.02 -11.73
N HIS B 113 23.38 7.20 -11.89
CA HIS B 113 24.55 7.59 -12.70
C HIS B 113 24.27 7.86 -14.18
N PHE B 114 23.42 7.06 -14.81
CA PHE B 114 23.15 7.27 -16.22
C PHE B 114 21.94 8.17 -16.40
N THR B 115 22.17 9.31 -17.07
CA THR B 115 21.16 10.36 -17.19
C THR B 115 20.93 10.85 -18.61
N ASP B 116 21.90 10.62 -19.49
CA ASP B 116 21.93 11.30 -20.78
C ASP B 116 22.67 10.50 -21.87
N PHE B 117 21.90 9.84 -22.75
CA PHE B 117 22.49 9.05 -23.84
C PHE B 117 22.81 9.89 -25.07
N GLU B 118 22.62 11.20 -24.96
CA GLU B 118 23.12 12.15 -25.95
C GLU B 118 24.57 12.52 -25.61
N ASP B 119 24.87 12.51 -24.30
CA ASP B 119 26.19 12.81 -23.74
C ASP B 119 27.22 11.75 -24.14
N LYS B 120 28.19 12.16 -24.93
CA LYS B 120 29.29 11.30 -25.41
C LYS B 120 30.02 10.50 -24.30
N GLN B 121 30.28 11.16 -23.18
CA GLN B 121 31.05 10.59 -22.08
C GLN B 121 30.34 9.36 -21.51
N GLN B 122 29.03 9.48 -21.34
CA GLN B 122 28.19 8.41 -20.77
C GLN B 122 28.05 7.23 -21.73
N VAL B 123 27.86 7.52 -23.02
CA VAL B 123 27.72 6.48 -24.04
C VAL B 123 28.93 5.54 -24.03
N PHE B 124 30.11 6.09 -23.75
CA PHE B 124 31.34 5.31 -23.58
C PHE B 124 31.40 4.53 -22.26
N GLU B 125 30.81 5.10 -21.22
CA GLU B 125 30.77 4.43 -19.92
C GLU B 125 29.80 3.25 -19.93
N TRP B 126 28.75 3.37 -20.74
CA TRP B 126 27.75 2.32 -20.90
C TRP B 126 28.36 1.10 -21.56
N LYS B 127 29.04 1.33 -22.67
CA LYS B 127 29.80 0.31 -23.38
C LYS B 127 30.66 -0.49 -22.39
N ASP B 128 31.53 0.20 -21.65
CA ASP B 128 32.40 -0.47 -20.67
C ASP B 128 31.64 -1.21 -19.57
N LEU B 129 30.46 -0.70 -19.20
CA LEU B 129 29.62 -1.35 -18.21
C LEU B 129 29.05 -2.65 -18.77
N VAL B 130 28.43 -2.58 -19.96
CA VAL B 130 27.88 -3.76 -20.62
C VAL B 130 28.94 -4.88 -20.71
N SER B 131 30.14 -4.50 -21.16
CA SER B 131 31.29 -5.39 -21.21
C SER B 131 31.68 -5.90 -19.83
N SER B 132 31.71 -5.02 -18.83
CA SER B 132 32.15 -5.43 -17.50
C SER B 132 31.29 -6.57 -16.98
N LEU B 133 29.98 -6.43 -17.17
CA LEU B 133 29.04 -7.41 -16.67
C LEU B 133 28.93 -8.64 -17.57
N ALA B 134 29.07 -8.47 -18.88
CA ALA B 134 29.13 -9.61 -19.79
C ALA B 134 30.27 -10.54 -19.37
N ARG B 135 31.46 -9.97 -19.23
CA ARG B 135 32.64 -10.71 -18.78
C ARG B 135 32.49 -11.25 -17.38
N ARG B 136 31.80 -10.49 -16.53
CA ARG B 136 31.57 -10.95 -15.16
C ARG B 136 30.80 -12.26 -15.18
N TYR B 137 29.76 -12.31 -16.01
CA TYR B 137 28.85 -13.44 -15.99
C TYR B 137 29.28 -14.56 -16.93
N ILE B 138 30.15 -14.24 -17.88
CA ILE B 138 30.87 -15.26 -18.63
C ILE B 138 31.90 -15.91 -17.71
N GLY B 139 32.46 -15.11 -16.80
CA GLY B 139 33.38 -15.64 -15.80
C GLY B 139 32.68 -16.57 -14.84
N ARG B 140 31.51 -16.12 -14.38
CA ARG B 140 30.78 -16.76 -13.28
C ARG B 140 30.07 -18.04 -13.71
N TYR B 141 29.53 -18.02 -14.93
CA TYR B 141 28.65 -19.09 -15.39
C TYR B 141 29.20 -19.93 -16.57
N GLY B 142 30.25 -19.44 -17.22
CA GLY B 142 30.76 -20.06 -18.45
C GLY B 142 30.19 -19.41 -19.70
N LEU B 143 30.97 -19.37 -20.78
CA LEU B 143 30.52 -18.73 -22.01
C LEU B 143 29.31 -19.43 -22.63
N ALA B 144 29.32 -20.77 -22.63
CA ALA B 144 28.20 -21.57 -23.12
C ALA B 144 26.87 -21.17 -22.46
N HIS B 145 26.85 -21.06 -21.13
CA HIS B 145 25.62 -20.65 -20.42
C HIS B 145 25.12 -19.27 -20.85
N VAL B 146 26.02 -18.29 -20.86
CA VAL B 146 25.68 -16.89 -21.12
C VAL B 146 25.35 -16.64 -22.60
N SER B 147 25.84 -17.52 -23.46
CA SER B 147 25.56 -17.46 -24.89
C SER B 147 24.10 -17.73 -25.21
N LYS B 148 23.39 -18.30 -24.24
CA LYS B 148 21.99 -18.68 -24.41
C LYS B 148 21.03 -17.51 -24.18
N TRP B 149 21.52 -16.45 -23.53
CA TRP B 149 20.69 -15.34 -23.09
C TRP B 149 20.20 -14.45 -24.23
N ASN B 150 18.95 -14.02 -24.15
CA ASN B 150 18.49 -12.97 -25.04
C ASN B 150 18.74 -11.62 -24.38
N PHE B 151 19.91 -11.04 -24.65
CA PHE B 151 20.18 -9.64 -24.28
C PHE B 151 19.26 -8.74 -25.09
N GLU B 152 18.75 -7.69 -24.47
CA GLU B 152 17.72 -6.89 -25.11
C GLU B 152 17.82 -5.43 -24.78
N THR B 153 17.23 -4.61 -25.66
CA THR B 153 17.12 -3.17 -25.42
C THR B 153 16.19 -2.90 -24.25
N TRP B 154 16.37 -1.73 -23.63
CA TRP B 154 15.42 -1.12 -22.72
C TRP B 154 13.97 -1.37 -23.17
N ASN B 155 13.10 -1.72 -22.21
CA ASN B 155 11.71 -2.08 -22.53
C ASN B 155 10.90 -0.93 -23.10
N GLU B 156 10.13 -1.25 -24.15
CA GLU B 156 9.18 -0.32 -24.78
C GLU B 156 9.68 1.12 -24.90
N PRO B 157 10.73 1.36 -25.71
CA PRO B 157 11.27 2.70 -25.89
C PRO B 157 10.24 3.75 -26.31
N ASP B 158 9.31 3.40 -27.20
CA ASP B 158 8.25 4.35 -27.61
C ASP B 158 7.12 4.55 -26.59
N HIS B 159 7.29 3.98 -25.39
CA HIS B 159 6.32 4.15 -24.31
C HIS B 159 6.91 5.01 -23.19
N HIS B 160 8.16 5.44 -23.39
CA HIS B 160 8.86 6.40 -22.52
C HIS B 160 9.04 5.93 -21.07
N ASP B 161 9.36 4.65 -20.94
CA ASP B 161 9.55 3.99 -19.65
C ASP B 161 10.99 4.20 -19.17
N PHE B 162 11.41 5.45 -19.09
CA PHE B 162 12.83 5.75 -18.91
C PHE B 162 13.25 6.29 -17.54
N ASP B 163 12.27 6.59 -16.68
CA ASP B 163 12.54 7.24 -15.40
C ASP B 163 13.15 8.64 -15.64
N ASN B 164 14.20 8.95 -14.89
CA ASN B 164 14.92 10.22 -15.05
C ASN B 164 16.11 10.14 -16.00
N VAL B 165 15.97 9.29 -17.04
CA VAL B 165 16.98 9.17 -18.07
C VAL B 165 16.50 9.86 -19.35
N SER B 166 17.31 10.78 -19.85
CA SER B 166 17.07 11.40 -21.14
C SER B 166 17.43 10.39 -22.23
N MET B 167 16.44 10.00 -23.01
CA MET B 167 16.63 9.05 -24.10
C MET B 167 15.89 9.51 -25.34
N THR B 168 16.56 10.35 -26.14
CA THR B 168 15.97 10.82 -27.39
C THR B 168 16.09 9.78 -28.48
N MET B 169 15.52 10.08 -29.64
CA MET B 169 15.60 9.23 -30.82
C MET B 169 17.06 8.92 -31.16
N GLN B 170 17.92 9.93 -31.10
CA GLN B 170 19.35 9.76 -31.35
C GLN B 170 20.07 9.18 -30.12
N GLY B 171 19.61 9.55 -28.93
CA GLY B 171 20.16 9.02 -27.68
C GLY B 171 19.97 7.52 -27.59
N PHE B 172 18.82 7.03 -28.06
CA PHE B 172 18.48 5.61 -28.04
C PHE B 172 19.39 4.81 -28.98
N LEU B 173 19.71 5.40 -30.13
CA LEU B 173 20.60 4.77 -31.10
C LEU B 173 22.02 4.70 -30.59
N ASN B 174 22.48 5.78 -29.95
CA ASN B 174 23.77 5.76 -29.24
C ASN B 174 23.75 4.62 -28.23
N TYR B 175 22.73 4.63 -27.37
CA TYR B 175 22.52 3.60 -26.35
C TYR B 175 22.63 2.18 -26.91
N TYR B 176 22.00 1.93 -28.05
CA TYR B 176 22.08 0.62 -28.67
C TYR B 176 23.50 0.27 -29.08
N ASP B 177 24.14 1.18 -29.83
CA ASP B 177 25.50 0.98 -30.29
C ASP B 177 26.41 0.64 -29.11
N ALA B 178 26.16 1.23 -27.95
CA ALA B 178 26.95 0.93 -26.75
C ALA B 178 26.65 -0.47 -26.22
N CYS B 179 25.38 -0.88 -26.24
CA CYS B 179 25.01 -2.26 -25.88
C CYS B 179 25.67 -3.24 -26.83
N SER B 180 25.42 -3.06 -28.13
CA SER B 180 25.90 -3.97 -29.18
C SER B 180 27.41 -4.18 -29.10
N GLU B 181 28.15 -3.07 -28.91
CA GLU B 181 29.61 -3.11 -28.86
C GLU B 181 30.12 -3.62 -27.51
N GLY B 182 29.46 -3.24 -26.43
CA GLY B 182 29.77 -3.75 -25.11
C GLY B 182 29.73 -5.28 -25.13
N LEU B 183 28.70 -5.82 -25.77
CA LEU B 183 28.56 -7.27 -25.91
C LEU B 183 29.65 -7.85 -26.79
N ARG B 184 29.92 -7.17 -27.90
CA ARG B 184 30.95 -7.61 -28.84
C ARG B 184 32.33 -7.64 -28.17
N ALA B 185 32.68 -6.57 -27.47
CA ALA B 185 33.95 -6.48 -26.73
C ALA B 185 34.27 -7.72 -25.87
N ALA B 186 33.26 -8.27 -25.22
CA ALA B 186 33.43 -9.48 -24.42
C ALA B 186 33.51 -10.74 -25.28
N SER B 187 32.50 -10.96 -26.12
CA SER B 187 32.50 -12.09 -27.03
C SER B 187 31.51 -11.88 -28.17
N PRO B 188 31.87 -12.36 -29.38
CA PRO B 188 30.92 -12.30 -30.50
C PRO B 188 29.86 -13.40 -30.40
N ALA B 189 30.04 -14.32 -29.45
CA ALA B 189 29.10 -15.40 -29.21
C ALA B 189 27.78 -14.92 -28.59
N LEU B 190 27.79 -13.72 -28.01
CA LEU B 190 26.62 -13.16 -27.36
C LEU B 190 25.64 -12.55 -28.36
N ARG B 191 24.37 -12.50 -27.98
CA ARG B 191 23.27 -12.17 -28.87
C ARG B 191 22.51 -10.92 -28.42
N LEU B 192 21.97 -10.14 -29.36
CA LEU B 192 21.24 -8.92 -29.04
C LEU B 192 20.14 -8.58 -30.05
N GLY B 193 18.99 -8.18 -29.52
CA GLY B 193 17.86 -7.73 -30.31
C GLY B 193 17.03 -6.70 -29.58
N GLY B 194 16.06 -6.14 -30.30
CA GLY B 194 15.12 -5.16 -29.76
C GLY B 194 14.09 -4.90 -30.84
N PRO B 195 13.29 -3.80 -30.70
CA PRO B 195 13.29 -2.80 -29.63
C PRO B 195 12.44 -3.20 -28.42
N GLY B 196 11.63 -4.25 -28.56
CA GLY B 196 10.63 -4.61 -27.57
C GLY B 196 9.55 -3.54 -27.44
N ASP B 197 8.80 -3.31 -28.53
CA ASP B 197 7.69 -2.36 -28.56
C ASP B 197 6.67 -2.69 -29.66
N SER B 198 5.68 -1.82 -29.82
CA SER B 198 4.46 -2.08 -30.60
C SER B 198 4.65 -2.22 -32.10
N PHE B 199 5.47 -1.35 -32.69
CA PHE B 199 5.58 -1.21 -34.15
C PHE B 199 4.26 -0.80 -34.79
N HIS B 200 3.69 0.29 -34.30
CA HIS B 200 2.49 0.85 -34.94
C HIS B 200 2.87 1.52 -36.26
N THR B 201 1.87 1.95 -37.03
CA THR B 201 2.12 2.52 -38.36
C THR B 201 2.80 3.89 -38.26
N PRO B 202 3.94 4.09 -38.97
CA PRO B 202 4.67 5.35 -38.92
C PRO B 202 3.78 6.53 -39.33
N PRO B 203 3.96 7.72 -38.72
CA PRO B 203 5.02 8.19 -37.80
C PRO B 203 5.04 7.56 -36.39
N ARG B 204 3.97 6.86 -36.04
CA ARG B 204 3.88 6.18 -34.74
C ARG B 204 4.99 5.15 -34.56
N SER B 205 5.33 4.88 -33.30
CA SER B 205 6.45 4.00 -32.92
C SER B 205 7.78 4.42 -33.54
N PRO B 206 8.18 5.69 -33.33
CA PRO B 206 9.39 6.25 -33.98
C PRO B 206 10.69 5.53 -33.64
N LEU B 207 10.93 5.26 -32.35
CA LEU B 207 12.18 4.67 -31.89
C LEU B 207 12.31 3.22 -32.31
N SER B 208 11.17 2.53 -32.43
CA SER B 208 11.14 1.16 -32.93
C SER B 208 11.61 1.11 -34.38
N TRP B 209 10.88 1.79 -35.27
CA TRP B 209 11.25 1.86 -36.69
C TRP B 209 12.63 2.48 -36.87
N GLY B 210 12.98 3.41 -36.00
CA GLY B 210 14.29 4.04 -36.00
C GLY B 210 15.41 3.03 -35.88
N LEU B 211 15.36 2.23 -34.81
CA LEU B 211 16.42 1.26 -34.53
C LEU B 211 16.63 0.27 -35.68
N LEU B 212 15.54 -0.08 -36.36
CA LEU B 212 15.63 -1.00 -37.49
C LEU B 212 16.34 -0.33 -38.66
N ARG B 213 15.98 0.92 -38.94
CA ARG B 213 16.61 1.68 -40.02
C ARG B 213 18.09 1.86 -39.72
N HIS B 214 18.40 2.18 -38.46
CA HIS B 214 19.78 2.35 -37.99
C HIS B 214 20.62 1.11 -38.20
N CYS B 215 20.14 -0.02 -37.70
CA CYS B 215 20.86 -1.28 -37.78
C CYS B 215 21.02 -1.74 -39.23
N HIS B 216 20.03 -1.41 -40.05
CA HIS B 216 20.05 -1.76 -41.47
C HIS B 216 20.97 -0.83 -42.27
N ASP B 217 20.84 0.48 -42.05
CA ASP B 217 21.45 1.49 -42.92
C ASP B 217 22.30 2.56 -42.23
N GLY B 218 22.04 2.81 -40.95
CA GLY B 218 22.77 3.81 -40.17
C GLY B 218 24.22 3.46 -39.91
N THR B 219 24.90 4.30 -39.12
CA THR B 219 26.35 4.13 -38.89
C THR B 219 26.69 3.94 -37.41
N ASN B 220 27.55 2.95 -37.15
CA ASN B 220 27.97 2.59 -35.80
C ASN B 220 28.75 3.71 -35.09
N PHE B 221 28.15 4.22 -34.02
CA PHE B 221 28.72 5.24 -33.13
C PHE B 221 30.20 5.04 -32.77
N PHE B 222 30.66 3.80 -32.71
CA PHE B 222 32.03 3.49 -32.25
C PHE B 222 33.01 3.12 -33.36
N THR B 223 32.66 2.15 -34.18
CA THR B 223 33.52 1.68 -35.26
C THR B 223 33.29 2.46 -36.57
N GLY B 224 32.24 3.29 -36.58
CA GLY B 224 31.91 4.10 -37.75
C GLY B 224 31.46 3.34 -38.99
N GLU B 225 31.29 2.02 -38.89
CA GLU B 225 30.85 1.22 -40.03
C GLU B 225 29.34 1.34 -40.25
N ALA B 226 28.94 1.30 -41.51
CA ALA B 226 27.52 1.34 -41.89
C ALA B 226 26.87 -0.03 -41.71
N GLY B 227 25.68 -0.04 -41.10
CA GLY B 227 25.01 -1.29 -40.74
C GLY B 227 25.47 -1.78 -39.37
N VAL B 228 24.51 -2.10 -38.51
CA VAL B 228 24.79 -2.56 -37.14
C VAL B 228 24.08 -3.89 -36.83
N ARG B 229 24.70 -4.68 -35.96
CA ARG B 229 24.21 -5.99 -35.59
C ARG B 229 22.83 -5.91 -34.94
N LEU B 230 21.92 -6.78 -35.39
CA LEU B 230 20.61 -6.96 -34.79
C LEU B 230 20.20 -8.41 -34.98
N ASP B 231 20.35 -9.19 -33.91
CA ASP B 231 20.17 -10.63 -33.99
C ASP B 231 18.71 -11.06 -34.06
N TYR B 232 17.84 -10.39 -33.31
CA TYR B 232 16.40 -10.63 -33.38
C TYR B 232 15.63 -9.34 -33.26
N ILE B 233 14.39 -9.37 -33.73
CA ILE B 233 13.48 -8.26 -33.56
C ILE B 233 12.38 -8.68 -32.59
N SER B 234 12.32 -8.02 -31.45
CA SER B 234 11.26 -8.30 -30.50
C SER B 234 10.17 -7.23 -30.57
N LEU B 235 8.94 -7.69 -30.68
CA LEU B 235 7.78 -6.80 -30.63
C LEU B 235 6.85 -7.18 -29.49
N HIS B 236 6.03 -6.22 -29.08
CA HIS B 236 5.00 -6.43 -28.09
C HIS B 236 3.68 -6.21 -28.80
N ARG B 237 2.85 -7.25 -28.84
CA ARG B 237 1.51 -7.11 -29.40
C ARG B 237 0.52 -7.99 -28.65
N LYS B 238 -0.47 -7.35 -28.05
CA LYS B 238 -1.44 -8.01 -27.19
C LYS B 238 -2.81 -8.12 -27.89
N GLY B 239 -3.69 -8.98 -27.37
CA GLY B 239 -4.85 -9.43 -28.12
C GLY B 239 -6.16 -8.68 -27.95
N ALA B 240 -6.22 -7.80 -26.95
CA ALA B 240 -7.48 -7.11 -26.60
C ALA B 240 -8.62 -8.12 -26.40
N ARG B 241 -8.28 -9.25 -25.76
CA ARG B 241 -9.19 -10.38 -25.49
C ARG B 241 -9.39 -11.38 -26.66
N SER B 242 -8.87 -11.06 -27.84
CA SER B 242 -8.93 -11.99 -28.98
C SER B 242 -7.57 -12.67 -29.20
N SER B 243 -7.57 -14.00 -29.28
CA SER B 243 -6.35 -14.76 -29.49
C SER B 243 -5.82 -14.59 -30.91
N ILE B 244 -6.67 -14.91 -31.89
CA ILE B 244 -6.34 -14.78 -33.31
C ILE B 244 -5.83 -13.38 -33.68
N SER B 245 -6.32 -12.37 -32.96
CA SER B 245 -5.86 -11.00 -33.11
C SER B 245 -4.35 -10.87 -32.96
N ILE B 246 -3.78 -11.48 -31.91
CA ILE B 246 -2.34 -11.43 -31.65
C ILE B 246 -1.61 -11.78 -32.94
N LEU B 247 -1.89 -12.96 -33.47
CA LEU B 247 -1.26 -13.44 -34.69
C LEU B 247 -1.46 -12.46 -35.86
N GLU B 248 -2.70 -12.06 -36.12
CA GLU B 248 -3.02 -11.18 -37.24
C GLU B 248 -2.22 -9.89 -37.23
N GLN B 249 -1.96 -9.37 -36.03
CA GLN B 249 -1.19 -8.13 -35.86
C GLN B 249 0.27 -8.37 -36.19
N GLU B 250 0.78 -9.52 -35.77
CA GLU B 250 2.18 -9.89 -36.01
C GLU B 250 2.45 -10.02 -37.50
N LYS B 251 1.50 -10.60 -38.23
CA LYS B 251 1.68 -10.79 -39.67
C LYS B 251 1.82 -9.46 -40.40
N VAL B 252 1.11 -8.43 -39.93
CA VAL B 252 1.17 -7.11 -40.55
C VAL B 252 2.54 -6.47 -40.31
N VAL B 253 2.97 -6.43 -39.04
CA VAL B 253 4.28 -5.88 -38.69
C VAL B 253 5.39 -6.63 -39.43
N ALA B 254 5.36 -7.96 -39.36
CA ALA B 254 6.33 -8.81 -40.05
C ALA B 254 6.41 -8.53 -41.55
N GLN B 255 5.26 -8.37 -42.20
CA GLN B 255 5.19 -8.03 -43.61
C GLN B 255 5.90 -6.70 -43.88
N GLN B 256 5.58 -5.69 -43.08
CA GLN B 256 6.20 -4.37 -43.18
C GLN B 256 7.72 -4.43 -43.01
N ILE B 257 8.18 -5.24 -42.07
CA ILE B 257 9.62 -5.50 -41.90
C ILE B 257 10.19 -6.11 -43.18
N ARG B 258 9.57 -7.19 -43.65
CA ARG B 258 10.02 -7.93 -44.83
C ARG B 258 10.21 -7.03 -46.05
N GLN B 259 9.22 -6.17 -46.33
CA GLN B 259 9.29 -5.30 -47.50
C GLN B 259 10.33 -4.19 -47.38
N LEU B 260 10.36 -3.51 -46.24
CA LEU B 260 11.22 -2.34 -46.07
C LEU B 260 12.69 -2.69 -45.76
N PHE B 261 12.92 -3.87 -45.20
CA PHE B 261 14.27 -4.23 -44.74
C PHE B 261 14.77 -5.58 -45.28
N PRO B 262 15.10 -5.65 -46.59
CA PRO B 262 15.52 -6.91 -47.22
C PRO B 262 16.62 -7.68 -46.48
N LYS B 263 17.51 -6.98 -45.78
CA LYS B 263 18.59 -7.65 -45.02
C LYS B 263 18.07 -8.32 -43.75
N PHE B 264 16.83 -8.01 -43.37
CA PHE B 264 16.21 -8.58 -42.17
C PHE B 264 15.23 -9.71 -42.46
N ALA B 265 15.12 -10.08 -43.73
CA ALA B 265 14.18 -11.10 -44.20
C ALA B 265 14.20 -12.35 -43.33
N ASP B 266 15.38 -12.74 -42.89
CA ASP B 266 15.56 -13.97 -42.15
C ASP B 266 15.73 -13.74 -40.66
N THR B 267 15.70 -12.47 -40.24
CA THR B 267 15.92 -12.13 -38.84
C THR B 267 14.78 -12.64 -37.97
N PRO B 268 15.11 -13.47 -36.96
CA PRO B 268 14.12 -14.04 -36.07
C PRO B 268 13.25 -12.95 -35.45
N ILE B 269 11.95 -13.23 -35.33
CA ILE B 269 11.05 -12.30 -34.64
C ILE B 269 10.62 -12.88 -33.30
N TYR B 270 10.53 -12.02 -32.30
CA TYR B 270 10.03 -12.38 -31.00
C TYR B 270 8.81 -11.51 -30.72
N ASN B 271 7.78 -12.12 -30.14
CA ASN B 271 6.74 -11.37 -29.44
C ASN B 271 6.86 -11.74 -27.97
N ASP B 272 7.69 -10.99 -27.24
CA ASP B 272 7.98 -11.34 -25.86
C ASP B 272 7.02 -10.67 -24.88
N GLU B 273 5.89 -10.21 -25.41
CA GLU B 273 4.70 -9.86 -24.62
C GLU B 273 3.42 -10.08 -25.44
N ALA B 274 3.06 -11.35 -25.62
CA ALA B 274 1.95 -11.76 -26.48
C ALA B 274 0.68 -12.07 -25.69
N ASP B 275 0.38 -11.24 -24.70
CA ASP B 275 -0.69 -11.51 -23.75
C ASP B 275 -2.08 -11.25 -24.33
N PRO B 276 -3.12 -11.92 -23.79
CA PRO B 276 -4.51 -11.70 -24.22
C PRO B 276 -4.98 -10.28 -23.97
N LEU B 277 -4.63 -9.73 -22.81
CA LEU B 277 -5.02 -8.36 -22.44
C LEU B 277 -3.89 -7.60 -21.78
N VAL B 278 -3.73 -6.35 -22.22
CA VAL B 278 -2.75 -5.42 -21.67
C VAL B 278 -3.17 -4.96 -20.26
N GLY B 279 -2.21 -4.84 -19.34
CA GLY B 279 -2.51 -4.41 -17.98
C GLY B 279 -2.66 -5.61 -17.07
N TRP B 280 -1.57 -6.02 -16.43
CA TRP B 280 -1.54 -7.29 -15.72
C TRP B 280 -2.28 -7.27 -14.40
N SER B 281 -2.24 -6.13 -13.70
CA SER B 281 -2.79 -6.01 -12.34
C SER B 281 -4.28 -5.81 -12.30
N LEU B 282 -4.86 -5.45 -13.45
CA LEU B 282 -6.29 -5.31 -13.60
C LEU B 282 -6.99 -6.66 -13.38
N PRO B 283 -7.81 -6.77 -12.30
CA PRO B 283 -8.50 -8.04 -12.06
C PRO B 283 -9.51 -8.35 -13.16
N GLN B 284 -9.42 -9.58 -13.66
CA GLN B 284 -10.35 -10.16 -14.61
C GLN B 284 -10.62 -11.56 -14.09
N PRO B 285 -11.89 -12.00 -14.05
CA PRO B 285 -12.17 -13.36 -13.54
C PRO B 285 -11.49 -14.47 -14.36
N TRP B 286 -11.54 -14.35 -15.69
CA TRP B 286 -10.99 -15.39 -16.57
C TRP B 286 -9.49 -15.62 -16.38
N ARG B 287 -8.77 -14.58 -15.98
CA ARG B 287 -7.35 -14.71 -15.64
C ARG B 287 -7.07 -15.67 -14.47
N ALA B 288 -8.08 -15.97 -13.66
CA ALA B 288 -7.88 -16.74 -12.44
C ALA B 288 -7.92 -18.26 -12.59
N ASP B 289 -8.37 -18.75 -13.74
CA ASP B 289 -8.54 -20.20 -13.92
C ASP B 289 -8.24 -20.77 -15.32
N VAL B 290 -8.85 -21.90 -15.63
CA VAL B 290 -8.61 -22.60 -16.90
C VAL B 290 -9.08 -21.81 -18.15
N THR B 291 -9.76 -20.68 -17.95
CA THR B 291 -10.17 -19.87 -19.09
C THR B 291 -8.94 -19.26 -19.76
N TYR B 292 -8.03 -18.76 -18.92
CA TYR B 292 -6.78 -18.14 -19.33
C TYR B 292 -5.83 -19.21 -19.90
N ALA B 293 -5.67 -20.33 -19.18
CA ALA B 293 -4.81 -21.42 -19.63
C ALA B 293 -5.24 -21.93 -21.02
N ALA B 294 -6.49 -22.32 -21.17
CA ALA B 294 -7.01 -22.71 -22.48
C ALA B 294 -6.72 -21.68 -23.58
N MET B 295 -6.73 -20.40 -23.23
CA MET B 295 -6.40 -19.36 -24.20
C MET B 295 -4.91 -19.31 -24.56
N VAL B 296 -4.05 -19.37 -23.53
CA VAL B 296 -2.60 -19.46 -23.71
C VAL B 296 -2.27 -20.54 -24.74
N VAL B 297 -2.79 -21.74 -24.50
CA VAL B 297 -2.60 -22.89 -25.40
C VAL B 297 -3.18 -22.62 -26.79
N LYS B 298 -4.43 -22.15 -26.86
CA LYS B 298 -5.05 -21.80 -28.14
C LYS B 298 -4.13 -20.89 -28.96
N VAL B 299 -3.57 -19.86 -28.31
CA VAL B 299 -2.66 -18.90 -28.96
C VAL B 299 -1.43 -19.59 -29.56
N ILE B 300 -0.77 -20.40 -28.74
CA ILE B 300 0.40 -21.18 -29.17
C ILE B 300 0.06 -22.09 -30.35
N ALA B 301 -1.03 -22.84 -30.23
CA ALA B 301 -1.50 -23.70 -31.30
C ALA B 301 -1.71 -22.92 -32.59
N GLN B 302 -2.38 -21.78 -32.49
CA GLN B 302 -2.61 -20.93 -33.66
C GLN B 302 -1.31 -20.48 -34.31
N HIS B 303 -0.33 -20.13 -33.46
CA HIS B 303 0.98 -19.75 -33.95
C HIS B 303 1.68 -20.90 -34.65
N GLN B 304 1.55 -22.08 -34.09
CA GLN B 304 2.17 -23.27 -34.66
C GLN B 304 1.52 -23.70 -35.97
N ASN B 305 0.21 -23.89 -35.95
CA ASN B 305 -0.50 -24.45 -37.12
C ASN B 305 -0.73 -23.44 -38.23
N LEU B 306 -0.87 -22.16 -37.87
CA LEU B 306 -1.20 -21.10 -38.84
C LEU B 306 -0.02 -20.24 -39.25
N LEU B 307 1.10 -20.36 -38.55
CA LEU B 307 2.26 -19.58 -38.90
C LEU B 307 3.46 -20.47 -39.21
N LEU B 308 4.00 -21.13 -38.19
CA LEU B 308 5.24 -21.87 -38.32
C LEU B 308 5.16 -23.15 -39.15
N ALA B 309 3.98 -23.75 -39.23
CA ALA B 309 3.80 -25.03 -39.91
C ALA B 309 3.23 -24.87 -41.31
N ASN B 310 3.84 -25.58 -42.26
CA ASN B 310 3.37 -25.68 -43.64
C ASN B 310 3.56 -24.42 -44.49
N THR B 311 3.01 -23.29 -44.02
CA THR B 311 2.88 -22.08 -44.83
C THR B 311 4.08 -21.82 -45.72
N THR B 312 3.79 -21.50 -46.98
CA THR B 312 4.83 -21.21 -47.97
C THR B 312 5.43 -19.82 -47.76
N SER B 313 4.61 -18.88 -47.28
CA SER B 313 5.07 -17.51 -46.98
C SER B 313 6.04 -17.47 -45.79
N ALA B 314 5.69 -18.19 -44.72
CA ALA B 314 6.55 -18.46 -43.54
C ALA B 314 7.44 -17.32 -43.07
N PHE B 315 6.92 -16.49 -42.16
CA PHE B 315 7.69 -15.43 -41.50
C PHE B 315 8.55 -16.08 -40.41
N PRO B 316 9.67 -15.44 -40.04
CA PRO B 316 10.61 -16.08 -39.11
C PRO B 316 10.29 -15.83 -37.62
N TYR B 317 9.12 -16.29 -37.19
CA TYR B 317 8.73 -16.21 -35.77
C TYR B 317 9.57 -17.21 -34.97
N ALA B 318 10.15 -16.76 -33.86
CA ALA B 318 11.07 -17.62 -33.11
C ALA B 318 10.74 -17.78 -31.64
N LEU B 319 10.01 -16.83 -31.06
CA LEU B 319 9.72 -16.84 -29.61
C LEU B 319 8.43 -16.10 -29.22
N LEU B 320 7.64 -16.74 -28.35
CA LEU B 320 6.40 -16.17 -27.81
C LEU B 320 6.43 -16.23 -26.30
N SER B 321 6.13 -15.10 -25.66
CA SER B 321 6.24 -15.02 -24.20
C SER B 321 5.08 -14.31 -23.52
N ASN B 322 4.38 -15.07 -22.69
CA ASN B 322 3.32 -14.55 -21.85
C ASN B 322 3.95 -13.90 -20.61
N ASP B 323 3.78 -12.59 -20.49
CA ASP B 323 4.41 -11.84 -19.41
C ASP B 323 3.50 -11.98 -18.19
N ASN B 324 3.73 -13.05 -17.44
CA ASN B 324 2.84 -13.41 -16.34
C ASN B 324 3.61 -13.95 -15.13
N ALA B 325 4.82 -13.43 -14.92
CA ALA B 325 5.64 -13.86 -13.80
C ALA B 325 5.48 -12.92 -12.60
N PHE B 326 4.62 -11.93 -12.74
CA PHE B 326 4.24 -11.02 -11.65
C PHE B 326 3.71 -11.72 -10.40
N LEU B 327 3.67 -10.97 -9.30
CA LEU B 327 3.07 -11.44 -8.06
C LEU B 327 1.77 -10.70 -7.86
N SER B 328 0.76 -11.39 -7.34
CA SER B 328 -0.57 -10.80 -7.24
C SER B 328 -0.72 -9.98 -5.96
N TYR B 329 -1.67 -9.04 -5.99
CA TYR B 329 -1.93 -8.18 -4.86
C TYR B 329 -3.35 -8.36 -4.29
N HIS B 330 -3.47 -8.31 -2.96
CA HIS B 330 -4.76 -8.16 -2.30
C HIS B 330 -5.52 -6.96 -2.88
N PRO B 331 -6.83 -7.11 -3.16
CA PRO B 331 -7.71 -8.23 -2.87
C PRO B 331 -7.94 -9.19 -4.06
N HIS B 332 -7.00 -9.24 -5.00
CA HIS B 332 -7.15 -10.12 -6.16
C HIS B 332 -6.00 -11.12 -6.29
N PRO B 333 -5.94 -12.12 -5.39
CA PRO B 333 -4.79 -13.03 -5.43
C PRO B 333 -4.80 -13.90 -6.69
N PHE B 334 -5.99 -14.18 -7.22
CA PHE B 334 -6.14 -15.06 -8.38
C PHE B 334 -6.40 -14.28 -9.67
N ALA B 335 -7.13 -13.18 -9.60
CA ALA B 335 -7.65 -12.51 -10.81
C ALA B 335 -6.65 -11.68 -11.61
N GLN B 336 -5.42 -11.57 -11.12
CA GLN B 336 -4.38 -10.85 -11.85
C GLN B 336 -3.61 -11.78 -12.79
N ARG B 337 -3.13 -11.21 -13.90
CA ARG B 337 -2.40 -11.96 -14.94
C ARG B 337 -1.04 -12.46 -14.44
N THR B 338 -1.09 -13.52 -13.63
CA THR B 338 0.11 -14.11 -13.00
C THR B 338 0.09 -15.62 -13.09
N LEU B 339 1.28 -16.22 -13.08
CA LEU B 339 1.42 -17.68 -13.03
C LEU B 339 0.95 -18.23 -11.68
N THR B 340 1.24 -17.53 -10.60
CA THR B 340 0.92 -18.03 -9.27
C THR B 340 0.07 -17.06 -8.47
N ALA B 341 -0.84 -17.61 -7.66
CA ALA B 341 -1.68 -16.85 -6.75
C ALA B 341 -1.01 -16.60 -5.39
N ARG B 342 -0.68 -15.33 -5.10
CA ARG B 342 0.02 -14.98 -3.88
C ARG B 342 -0.91 -14.69 -2.72
N PHE B 343 -0.60 -15.32 -1.58
CA PHE B 343 -1.31 -15.10 -0.35
C PHE B 343 -0.35 -14.65 0.74
N GLN B 344 -0.50 -13.40 1.17
CA GLN B 344 0.31 -12.87 2.27
C GLN B 344 -0.39 -13.14 3.61
N VAL B 345 0.01 -14.24 4.26
CA VAL B 345 -0.60 -14.65 5.52
C VAL B 345 0.01 -13.84 6.64
N ASN B 346 -0.57 -12.67 6.89
CA ASN B 346 0.02 -11.71 7.81
C ASN B 346 -0.09 -12.12 9.28
N ASN B 347 -1.12 -12.91 9.60
CA ASN B 347 -1.47 -13.23 10.99
C ASN B 347 -0.78 -14.43 11.62
N THR B 348 0.36 -14.82 11.09
CA THR B 348 1.20 -15.83 11.72
C THR B 348 2.35 -15.09 12.44
N ARG B 349 3.07 -15.79 13.31
CA ARG B 349 4.20 -15.21 14.05
C ARG B 349 5.51 -15.88 13.66
N PRO B 350 6.24 -15.31 12.70
CA PRO B 350 6.01 -14.07 11.95
C PRO B 350 5.10 -14.29 10.75
N PRO B 351 4.65 -13.20 10.09
CA PRO B 351 3.85 -13.35 8.86
C PRO B 351 4.61 -14.15 7.80
N HIS B 352 3.87 -14.82 6.92
CA HIS B 352 4.51 -15.56 5.83
C HIS B 352 3.77 -15.44 4.50
N VAL B 353 4.34 -16.08 3.48
CA VAL B 353 3.78 -16.06 2.14
C VAL B 353 3.41 -17.47 1.71
N GLN B 354 2.39 -17.57 0.86
CA GLN B 354 2.00 -18.83 0.26
C GLN B 354 1.64 -18.58 -1.19
N LEU B 355 2.07 -19.48 -2.07
CA LEU B 355 1.73 -19.36 -3.47
C LEU B 355 0.84 -20.52 -3.90
N LEU B 356 -0.04 -20.28 -4.85
CA LEU B 356 -0.81 -21.36 -5.42
C LEU B 356 -0.62 -21.39 -6.93
N ARG B 357 -0.35 -22.58 -7.43
CA ARG B 357 -0.16 -22.79 -8.85
C ARG B 357 -1.50 -22.60 -9.55
N LYS B 358 -1.60 -21.59 -10.39
CA LYS B 358 -2.82 -21.37 -11.16
C LYS B 358 -2.85 -22.28 -12.38
N PRO B 359 -4.04 -22.55 -12.94
CA PRO B 359 -4.21 -23.37 -14.15
C PRO B 359 -3.30 -23.01 -15.32
N VAL B 360 -3.05 -21.70 -15.51
CA VAL B 360 -2.11 -21.24 -16.53
C VAL B 360 -0.75 -21.91 -16.33
N LEU B 361 -0.17 -21.77 -15.13
CA LEU B 361 1.11 -22.41 -14.80
C LEU B 361 1.06 -23.92 -15.04
N THR B 362 0.01 -24.55 -14.54
CA THR B 362 -0.18 -25.98 -14.76
C THR B 362 -0.19 -26.35 -16.24
N ALA B 363 -0.90 -25.57 -17.06
CA ALA B 363 -0.97 -25.81 -18.51
C ALA B 363 0.39 -25.83 -19.17
N MET B 364 1.32 -25.02 -18.67
CA MET B 364 2.68 -24.96 -19.21
C MET B 364 3.41 -26.30 -19.04
N GLY B 365 3.05 -27.02 -17.99
CA GLY B 365 3.55 -28.37 -17.73
C GLY B 365 2.99 -29.39 -18.68
N LEU B 366 1.82 -29.07 -19.26
CA LEU B 366 1.21 -29.92 -20.27
C LEU B 366 1.83 -29.63 -21.62
N LEU B 367 2.09 -28.35 -21.86
CA LEU B 367 2.79 -27.92 -23.08
C LEU B 367 4.18 -28.53 -23.17
N ALA B 368 4.82 -28.71 -22.01
CA ALA B 368 6.18 -29.21 -21.93
C ALA B 368 6.31 -30.68 -22.35
N LEU B 369 5.22 -31.43 -22.27
CA LEU B 369 5.22 -32.84 -22.70
C LEU B 369 5.26 -33.01 -24.22
N LEU B 370 5.12 -31.90 -24.96
CA LEU B 370 5.23 -31.94 -26.41
C LEU B 370 6.66 -32.21 -26.85
N ASP B 371 6.81 -33.06 -27.86
CA ASP B 371 8.11 -33.51 -28.32
C ASP B 371 8.52 -32.91 -29.67
N GLU B 372 9.62 -33.39 -30.22
CA GLU B 372 10.34 -32.65 -31.25
C GLU B 372 9.79 -32.73 -32.70
N GLU B 373 8.80 -33.60 -32.93
CA GLU B 373 8.21 -33.71 -34.27
C GLU B 373 6.70 -33.49 -34.23
N GLN B 374 6.19 -32.68 -35.16
CA GLN B 374 4.74 -32.44 -35.24
C GLN B 374 4.05 -33.48 -36.11
N LEU B 375 3.01 -34.10 -35.55
CA LEU B 375 2.20 -35.08 -36.25
C LEU B 375 1.05 -34.37 -36.94
N TRP B 376 0.61 -34.94 -38.07
CA TRP B 376 -0.55 -34.47 -38.84
C TRP B 376 -1.81 -34.58 -37.98
N ALA B 377 -2.63 -33.54 -38.01
CA ALA B 377 -3.90 -33.53 -37.28
C ALA B 377 -4.97 -32.75 -38.05
N GLU B 378 -6.23 -33.16 -37.88
CA GLU B 378 -7.32 -32.45 -38.50
C GLU B 378 -8.56 -32.45 -37.61
N VAL B 379 -9.05 -31.25 -37.34
CA VAL B 379 -10.28 -31.05 -36.59
C VAL B 379 -11.41 -30.77 -37.56
N SER B 380 -12.52 -31.48 -37.39
CA SER B 380 -13.71 -31.28 -38.21
C SER B 380 -15.01 -31.32 -37.40
N GLN B 381 -16.08 -30.77 -37.96
CA GLN B 381 -17.41 -30.83 -37.37
C GLN B 381 -18.44 -30.97 -38.48
N ALA B 382 -19.11 -32.12 -38.52
CA ALA B 382 -20.06 -32.44 -39.58
C ALA B 382 -19.41 -32.33 -40.97
N GLY B 383 -18.13 -32.70 -41.05
CA GLY B 383 -17.41 -32.72 -42.32
C GLY B 383 -16.71 -31.44 -42.75
N THR B 384 -16.83 -30.37 -41.96
CA THR B 384 -16.16 -29.10 -42.27
C THR B 384 -14.86 -28.98 -41.48
N VAL B 385 -13.75 -28.94 -42.22
CA VAL B 385 -12.40 -28.86 -41.65
C VAL B 385 -12.21 -27.55 -40.89
N LEU B 386 -11.84 -27.67 -39.61
CA LEU B 386 -11.70 -26.52 -38.72
C LEU B 386 -10.24 -26.28 -38.28
N ASP B 387 -9.64 -25.19 -38.76
CA ASP B 387 -8.30 -24.81 -38.33
C ASP B 387 -8.33 -24.17 -36.94
N SER B 388 -7.16 -23.87 -36.39
CA SER B 388 -7.05 -23.42 -35.01
C SER B 388 -7.73 -22.07 -34.72
N ASN B 389 -7.96 -21.26 -35.77
CA ASN B 389 -8.80 -20.05 -35.70
C ASN B 389 -10.26 -20.40 -35.37
N HIS B 390 -10.42 -21.41 -34.52
CA HIS B 390 -11.72 -21.84 -34.05
C HIS B 390 -11.66 -22.24 -32.59
N THR B 391 -12.82 -22.59 -32.04
CA THR B 391 -13.02 -22.73 -30.62
C THR B 391 -12.45 -24.04 -30.03
N VAL B 392 -12.24 -25.03 -30.90
CA VAL B 392 -11.62 -26.30 -30.52
C VAL B 392 -10.41 -26.53 -31.42
N GLY B 393 -9.32 -27.02 -30.83
CA GLY B 393 -8.13 -27.33 -31.61
C GLY B 393 -7.16 -28.30 -30.95
N VAL B 394 -6.04 -28.54 -31.64
CA VAL B 394 -5.13 -29.62 -31.26
C VAL B 394 -3.68 -29.35 -31.66
N LEU B 395 -2.77 -29.87 -30.84
CA LEU B 395 -1.37 -30.02 -31.19
C LEU B 395 -0.93 -31.44 -30.88
N ALA B 396 -0.35 -32.12 -31.87
CA ALA B 396 0.13 -33.49 -31.70
C ALA B 396 1.61 -33.63 -32.08
N SER B 397 2.39 -34.10 -31.12
CA SER B 397 3.81 -34.30 -31.32
C SER B 397 4.16 -35.78 -31.27
N ALA B 398 5.32 -36.11 -31.82
CA ALA B 398 5.93 -37.43 -31.62
C ALA B 398 7.39 -37.30 -31.20
N HIS B 399 7.91 -38.38 -30.61
CA HIS B 399 9.30 -38.44 -30.20
C HIS B 399 10.01 -39.56 -30.94
N ARG B 400 11.22 -39.28 -31.40
CA ARG B 400 12.08 -40.29 -31.98
C ARG B 400 12.96 -40.86 -30.84
N PRO B 401 12.88 -42.18 -30.60
CA PRO B 401 13.64 -42.85 -29.55
C PRO B 401 15.14 -42.63 -29.63
N GLN B 402 15.82 -42.83 -28.50
CA GLN B 402 17.24 -42.52 -28.35
C GLN B 402 17.96 -43.48 -27.40
N GLY B 403 17.75 -44.79 -27.60
CA GLY B 403 18.46 -45.81 -26.84
C GLY B 403 17.65 -46.50 -25.76
N PRO B 404 18.28 -46.78 -24.61
CA PRO B 404 17.71 -47.65 -23.58
C PRO B 404 16.78 -46.98 -22.57
N ALA B 405 17.10 -45.75 -22.13
CA ALA B 405 16.31 -45.04 -21.11
C ALA B 405 15.20 -44.21 -21.73
N ASP B 406 14.97 -44.45 -23.02
CA ASP B 406 14.07 -43.65 -23.83
C ASP B 406 13.41 -44.55 -24.87
N ALA B 407 12.17 -44.23 -25.23
CA ALA B 407 11.41 -44.97 -26.23
C ALA B 407 10.41 -44.04 -26.97
N TRP B 408 9.68 -44.55 -27.95
CA TRP B 408 8.74 -43.73 -28.75
C TRP B 408 7.61 -43.12 -27.91
N ARG B 409 7.31 -41.86 -28.19
CA ARG B 409 6.24 -41.10 -27.53
C ARG B 409 5.35 -40.33 -28.51
N ALA B 410 4.09 -40.13 -28.12
CA ALA B 410 3.22 -39.17 -28.79
C ALA B 410 2.37 -38.45 -27.77
N ALA B 411 2.37 -37.11 -27.82
CA ALA B 411 1.45 -36.31 -27.03
C ALA B 411 0.39 -35.63 -27.92
N VAL B 412 -0.88 -35.73 -27.52
CA VAL B 412 -1.96 -35.01 -28.19
C VAL B 412 -2.61 -34.02 -27.21
N LEU B 413 -2.38 -32.74 -27.45
CA LEU B 413 -2.99 -31.67 -26.67
C LEU B 413 -4.19 -31.06 -27.40
N ILE B 414 -5.36 -31.20 -26.79
CA ILE B 414 -6.59 -30.65 -27.32
C ILE B 414 -7.05 -29.52 -26.41
N TYR B 415 -7.59 -28.45 -27.02
CA TYR B 415 -8.11 -27.33 -26.24
C TYR B 415 -9.55 -27.02 -26.59
N ALA B 416 -10.31 -26.62 -25.56
CA ALA B 416 -11.62 -26.05 -25.76
C ALA B 416 -11.57 -24.64 -25.17
N SER B 417 -11.56 -23.63 -26.05
CA SER B 417 -11.47 -22.23 -25.61
C SER B 417 -12.10 -21.19 -26.55
N ASP B 418 -13.09 -20.48 -26.02
CA ASP B 418 -13.66 -19.29 -26.67
C ASP B 418 -13.03 -18.02 -26.05
N ASP B 419 -11.71 -17.92 -26.20
CA ASP B 419 -10.91 -16.84 -25.61
C ASP B 419 -11.21 -16.60 -24.13
N THR B 420 -11.57 -15.36 -23.80
CA THR B 420 -11.81 -14.92 -22.42
C THR B 420 -13.18 -15.33 -21.88
N ARG B 421 -14.00 -15.92 -22.75
CA ARG B 421 -15.34 -16.31 -22.36
C ARG B 421 -15.40 -17.77 -21.90
N ALA B 422 -16.02 -17.95 -20.72
CA ALA B 422 -16.32 -19.27 -20.17
C ALA B 422 -17.77 -19.61 -20.51
N HIS B 423 -18.07 -20.91 -20.59
CA HIS B 423 -19.43 -21.34 -20.88
C HIS B 423 -19.75 -22.54 -19.98
N PRO B 424 -20.04 -22.28 -18.68
CA PRO B 424 -20.17 -23.28 -17.61
C PRO B 424 -21.25 -24.33 -17.85
N ASN B 425 -22.24 -24.01 -18.67
CA ASN B 425 -23.33 -24.95 -18.95
C ASN B 425 -23.04 -25.85 -20.15
N ARG B 426 -22.14 -25.41 -21.02
CA ARG B 426 -21.87 -26.12 -22.28
C ARG B 426 -20.97 -27.36 -22.13
N SER B 427 -21.29 -28.37 -22.93
CA SER B 427 -20.49 -29.58 -23.05
C SER B 427 -20.16 -29.79 -24.52
N VAL B 428 -18.89 -30.10 -24.80
CA VAL B 428 -18.45 -30.32 -26.16
C VAL B 428 -18.01 -31.77 -26.36
N ALA B 429 -18.77 -32.48 -27.20
CA ALA B 429 -18.45 -33.85 -27.55
C ALA B 429 -17.27 -33.87 -28.52
N VAL B 430 -16.23 -34.61 -28.16
CA VAL B 430 -15.08 -34.80 -29.04
C VAL B 430 -14.82 -36.28 -29.26
N THR B 431 -14.61 -36.65 -30.53
CA THR B 431 -14.19 -38.00 -30.89
C THR B 431 -12.76 -37.96 -31.45
N LEU B 432 -11.82 -38.49 -30.67
CA LEU B 432 -10.42 -38.53 -31.05
C LEU B 432 -10.07 -39.88 -31.69
N ARG B 433 -9.92 -39.86 -33.01
CA ARG B 433 -9.45 -41.03 -33.74
C ARG B 433 -7.95 -40.92 -33.98
N LEU B 434 -7.17 -41.67 -33.22
CA LEU B 434 -5.72 -41.72 -33.40
C LEU B 434 -5.34 -43.00 -34.12
N ARG B 435 -4.69 -42.87 -35.27
CA ARG B 435 -4.26 -44.00 -36.08
C ARG B 435 -2.76 -43.93 -36.41
N GLY B 436 -2.22 -45.02 -36.96
CA GLY B 436 -0.83 -45.07 -37.38
C GLY B 436 0.22 -45.25 -36.30
N VAL B 437 -0.21 -45.58 -35.08
CA VAL B 437 0.73 -45.78 -33.95
C VAL B 437 1.70 -46.93 -34.22
N PRO B 438 3.00 -46.62 -34.30
CA PRO B 438 3.98 -47.66 -34.63
C PRO B 438 4.20 -48.66 -33.49
N PRO B 439 4.38 -49.95 -33.84
CA PRO B 439 4.57 -51.01 -32.85
C PRO B 439 5.70 -50.67 -31.91
N GLY B 440 5.63 -51.18 -30.68
CA GLY B 440 6.68 -50.95 -29.69
C GLY B 440 6.27 -51.62 -28.41
N PRO B 441 7.24 -51.89 -27.52
CA PRO B 441 6.92 -52.63 -26.29
C PRO B 441 6.02 -51.84 -25.35
N GLY B 442 5.16 -52.54 -24.62
CA GLY B 442 4.34 -51.96 -23.53
C GLY B 442 3.61 -50.65 -23.80
N LEU B 443 3.17 -50.46 -25.04
CA LEU B 443 2.41 -49.28 -25.44
C LEU B 443 1.24 -49.01 -24.52
N VAL B 444 1.32 -47.91 -23.78
CA VAL B 444 0.24 -47.49 -22.89
C VAL B 444 -0.18 -46.06 -23.23
N TYR B 445 -1.29 -45.62 -22.65
CA TYR B 445 -1.65 -44.21 -22.73
C TYR B 445 -2.18 -43.71 -21.39
N VAL B 446 -2.03 -42.40 -21.18
CA VAL B 446 -2.47 -41.71 -19.98
C VAL B 446 -3.10 -40.39 -20.39
N THR B 447 -4.24 -40.07 -19.80
CA THR B 447 -4.92 -38.80 -20.06
C THR B 447 -4.79 -37.88 -18.85
N ARG B 448 -4.54 -36.61 -19.13
CA ARG B 448 -4.57 -35.54 -18.12
C ARG B 448 -5.61 -34.51 -18.55
N TYR B 449 -6.46 -34.10 -17.61
CA TYR B 449 -7.59 -33.22 -17.90
C TYR B 449 -7.66 -32.00 -16.98
N LEU B 450 -8.05 -30.85 -17.53
CA LEU B 450 -8.27 -29.60 -16.75
C LEU B 450 -9.56 -28.89 -17.14
N ASP B 451 -10.36 -28.54 -16.14
CA ASP B 451 -11.48 -27.60 -16.30
C ASP B 451 -11.79 -26.89 -15.00
N ASN B 452 -12.66 -25.88 -15.07
CA ASN B 452 -12.93 -25.02 -13.91
C ASN B 452 -13.69 -25.68 -12.77
N GLY B 453 -14.39 -26.77 -13.08
CA GLY B 453 -15.13 -27.51 -12.07
C GLY B 453 -14.18 -28.38 -11.24
N LEU B 454 -13.20 -28.97 -11.92
CA LEU B 454 -12.36 -30.01 -11.32
C LEU B 454 -11.02 -29.51 -10.78
N CYS B 455 -10.41 -28.57 -11.50
CA CYS B 455 -9.03 -28.16 -11.23
C CYS B 455 -8.83 -26.64 -11.15
N SER B 456 -9.67 -25.95 -10.38
CA SER B 456 -9.61 -24.49 -10.25
C SER B 456 -9.45 -24.07 -8.80
N PRO B 457 -8.20 -23.88 -8.33
CA PRO B 457 -7.96 -23.49 -6.93
C PRO B 457 -8.64 -22.17 -6.55
N ASP B 458 -8.99 -21.37 -7.57
CA ASP B 458 -9.79 -20.16 -7.40
C ASP B 458 -11.17 -20.56 -6.93
N GLY B 459 -11.77 -21.52 -7.64
CA GLY B 459 -13.10 -22.05 -7.32
C GLY B 459 -13.13 -22.57 -5.90
N GLU B 460 -12.10 -23.31 -5.52
CA GLU B 460 -12.00 -23.80 -4.15
C GLU B 460 -11.89 -22.65 -3.15
N TRP B 461 -11.12 -21.64 -3.52
CA TRP B 461 -11.04 -20.42 -2.71
C TRP B 461 -12.46 -19.81 -2.51
N ARG B 462 -13.18 -19.58 -3.62
CA ARG B 462 -14.54 -19.02 -3.55
C ARG B 462 -15.51 -19.88 -2.73
N ARG B 463 -15.52 -21.19 -3.00
CA ARG B 463 -16.36 -22.14 -2.27
C ARG B 463 -16.11 -22.08 -0.77
N LEU B 464 -14.86 -21.80 -0.38
CA LEU B 464 -14.50 -21.68 1.02
C LEU B 464 -14.85 -20.32 1.62
N GLY B 465 -15.37 -19.41 0.79
CA GLY B 465 -15.80 -18.08 1.25
C GLY B 465 -14.81 -16.94 1.05
N ARG B 466 -13.78 -17.16 0.22
CA ARG B 466 -12.74 -16.17 -0.09
C ARG B 466 -11.90 -15.69 1.11
N PRO B 467 -11.40 -16.62 1.95
CA PRO B 467 -10.64 -16.17 3.12
C PRO B 467 -9.40 -15.35 2.76
N VAL B 468 -9.30 -14.17 3.37
CA VAL B 468 -8.16 -13.27 3.21
C VAL B 468 -6.86 -13.89 3.75
N PHE B 469 -6.92 -14.51 4.92
CA PHE B 469 -5.81 -15.32 5.42
C PHE B 469 -6.26 -16.77 5.58
N PRO B 470 -6.24 -17.56 4.49
CA PRO B 470 -6.64 -18.96 4.57
C PRO B 470 -5.90 -19.72 5.67
N THR B 471 -6.63 -20.60 6.34
CA THR B 471 -6.08 -21.44 7.38
C THR B 471 -5.27 -22.55 6.72
N ALA B 472 -4.38 -23.19 7.48
CA ALA B 472 -3.59 -24.28 6.94
C ALA B 472 -4.45 -25.27 6.14
N GLU B 473 -5.55 -25.71 6.77
CA GLU B 473 -6.48 -26.66 6.18
C GLU B 473 -7.08 -26.15 4.87
N GLN B 474 -7.41 -24.86 4.84
CA GLN B 474 -7.99 -24.24 3.64
C GLN B 474 -7.00 -24.20 2.48
N PHE B 475 -5.70 -24.15 2.79
CA PHE B 475 -4.69 -24.16 1.74
C PHE B 475 -4.63 -25.54 1.08
N ARG B 476 -4.55 -26.58 1.91
CA ARG B 476 -4.61 -27.97 1.46
C ARG B 476 -5.81 -28.19 0.53
N ARG B 477 -6.97 -27.69 0.92
CA ARG B 477 -8.17 -27.78 0.09
C ARG B 477 -7.99 -27.16 -1.29
N MET B 478 -7.42 -25.95 -1.35
CA MET B 478 -7.24 -25.25 -2.62
C MET B 478 -6.15 -25.91 -3.50
N ARG B 479 -5.14 -26.51 -2.84
CA ARG B 479 -4.02 -27.13 -3.54
C ARG B 479 -4.41 -28.46 -4.18
N ALA B 480 -5.47 -29.07 -3.63
CA ALA B 480 -5.99 -30.30 -4.19
C ALA B 480 -6.60 -30.06 -5.57
N ALA B 481 -6.68 -28.81 -6.00
CA ALA B 481 -7.22 -28.47 -7.32
C ALA B 481 -6.16 -27.95 -8.31
N GLU B 482 -4.88 -28.00 -7.92
CA GLU B 482 -3.81 -27.54 -8.79
C GLU B 482 -3.62 -28.49 -9.97
N ASP B 483 -3.26 -29.73 -9.65
CA ASP B 483 -2.93 -30.74 -10.65
C ASP B 483 -4.11 -31.13 -11.55
N PRO B 484 -3.81 -31.64 -12.76
CA PRO B 484 -4.91 -32.09 -13.62
C PRO B 484 -5.39 -33.47 -13.18
N VAL B 485 -6.58 -33.86 -13.63
CA VAL B 485 -7.13 -35.18 -13.28
C VAL B 485 -6.51 -36.24 -14.20
N ALA B 486 -5.79 -37.17 -13.57
CA ALA B 486 -5.08 -38.19 -14.33
C ALA B 486 -5.73 -39.56 -14.23
N ALA B 487 -6.02 -40.14 -15.38
CA ALA B 487 -6.43 -41.55 -15.47
C ALA B 487 -5.19 -42.42 -15.60
N ALA B 488 -5.15 -43.49 -14.81
CA ALA B 488 -4.01 -44.42 -14.77
C ALA B 488 -3.64 -45.01 -16.16
N PRO B 489 -2.41 -45.53 -16.28
CA PRO B 489 -1.94 -46.08 -17.56
C PRO B 489 -2.70 -47.31 -18.03
N ARG B 490 -3.48 -47.14 -19.09
CA ARG B 490 -4.21 -48.23 -19.74
C ARG B 490 -3.43 -48.69 -20.97
N PRO B 491 -3.37 -50.02 -21.22
CA PRO B 491 -2.74 -50.50 -22.44
C PRO B 491 -3.53 -50.08 -23.67
N LEU B 492 -2.82 -49.74 -24.74
CA LEU B 492 -3.40 -49.39 -26.02
C LEU B 492 -4.06 -50.64 -26.61
N PRO B 493 -5.19 -50.48 -27.34
CA PRO B 493 -5.77 -51.62 -28.06
C PRO B 493 -4.80 -52.27 -29.06
N ALA B 494 -5.14 -53.46 -29.55
CA ALA B 494 -4.35 -54.12 -30.57
C ALA B 494 -4.52 -53.39 -31.91
N GLY B 495 -3.52 -53.48 -32.78
CA GLY B 495 -3.44 -52.64 -33.97
C GLY B 495 -2.88 -51.27 -33.59
N GLY B 496 -2.75 -50.39 -34.57
CA GLY B 496 -2.16 -49.07 -34.32
C GLY B 496 -3.14 -47.98 -33.95
N ARG B 497 -4.28 -48.35 -33.38
CA ARG B 497 -5.39 -47.41 -33.18
C ARG B 497 -5.78 -47.16 -31.72
N LEU B 498 -6.36 -45.97 -31.50
CA LEU B 498 -7.02 -45.62 -30.24
C LEU B 498 -8.07 -44.57 -30.53
N THR B 499 -9.30 -44.86 -30.13
CA THR B 499 -10.41 -43.94 -30.35
C THR B 499 -11.07 -43.64 -29.01
N LEU B 500 -11.10 -42.36 -28.63
CA LEU B 500 -11.73 -41.94 -27.38
C LEU B 500 -12.79 -40.89 -27.62
N ARG B 501 -13.84 -40.94 -26.81
CA ARG B 501 -14.95 -40.00 -26.92
C ARG B 501 -15.15 -39.23 -25.60
N PRO B 502 -14.29 -38.21 -25.35
CA PRO B 502 -14.54 -37.40 -24.16
C PRO B 502 -15.57 -36.29 -24.42
N ALA B 503 -16.23 -35.86 -23.35
CA ALA B 503 -17.02 -34.67 -23.33
C ALA B 503 -16.17 -33.64 -22.63
N LEU B 504 -15.81 -32.57 -23.33
CA LEU B 504 -14.96 -31.53 -22.78
C LEU B 504 -15.76 -30.31 -22.35
N ARG B 505 -15.45 -29.77 -21.19
CA ARG B 505 -16.03 -28.50 -20.75
C ARG B 505 -15.42 -27.35 -21.53
N LEU B 506 -15.83 -26.13 -21.23
CA LEU B 506 -15.47 -24.98 -22.04
C LEU B 506 -15.31 -23.77 -21.12
N PRO B 507 -14.09 -23.53 -20.63
CA PRO B 507 -12.81 -24.08 -21.07
C PRO B 507 -12.41 -25.44 -20.51
N SER B 508 -11.52 -26.12 -21.24
CA SER B 508 -10.89 -27.37 -20.82
C SER B 508 -9.67 -27.69 -21.68
N LEU B 509 -8.73 -28.41 -21.07
CA LEU B 509 -7.60 -28.99 -21.80
C LEU B 509 -7.56 -30.49 -21.55
N LEU B 510 -7.13 -31.23 -22.56
CA LEU B 510 -6.92 -32.67 -22.42
C LEU B 510 -5.62 -33.12 -23.07
N LEU B 511 -4.71 -33.69 -22.28
CA LEU B 511 -3.49 -34.26 -22.87
C LEU B 511 -3.46 -35.79 -22.90
N VAL B 512 -3.60 -36.34 -24.12
CA VAL B 512 -3.50 -37.78 -24.33
C VAL B 512 -2.04 -38.14 -24.57
N HIS B 513 -1.49 -38.94 -23.65
CA HIS B 513 -0.08 -39.28 -23.70
C HIS B 513 0.12 -40.76 -23.96
N VAL B 514 0.52 -41.09 -25.20
CA VAL B 514 0.81 -42.47 -25.59
C VAL B 514 2.31 -42.74 -25.52
N CYS B 515 2.70 -43.71 -24.71
N CYS B 515 2.70 -43.70 -24.69
CA CYS B 515 4.12 -44.00 -24.51
CA CYS B 515 4.10 -44.02 -24.46
C CYS B 515 4.49 -45.47 -24.64
C CYS B 515 4.44 -45.49 -24.71
N ALA B 516 5.49 -45.73 -25.48
CA ALA B 516 6.09 -47.05 -25.60
C ALA B 516 7.09 -47.16 -24.44
N ARG B 517 7.39 -48.39 -24.02
CA ARG B 517 8.16 -48.63 -22.80
C ARG B 517 9.68 -48.57 -23.01
N PRO B 518 10.36 -47.61 -22.38
CA PRO B 518 11.84 -47.60 -22.39
C PRO B 518 12.40 -48.87 -21.76
N GLU B 519 13.53 -49.34 -22.29
CA GLU B 519 14.19 -50.55 -21.77
C GLU B 519 14.59 -50.37 -20.32
N LYS B 520 15.23 -49.26 -20.02
CA LYS B 520 15.68 -48.95 -18.66
C LYS B 520 14.64 -48.12 -17.89
N PRO B 521 14.68 -48.21 -16.54
CA PRO B 521 13.81 -47.36 -15.72
C PRO B 521 14.32 -45.91 -15.72
N PRO B 522 13.55 -44.97 -15.15
CA PRO B 522 13.97 -43.57 -15.14
C PRO B 522 15.23 -43.29 -14.31
N GLY B 523 15.86 -42.15 -14.59
CA GLY B 523 17.05 -41.72 -13.88
C GLY B 523 16.76 -41.08 -12.53
N GLN B 524 17.80 -40.48 -11.96
CA GLN B 524 17.74 -39.99 -10.60
C GLN B 524 17.22 -38.56 -10.52
N VAL B 525 16.43 -38.31 -9.48
CA VAL B 525 16.07 -36.97 -9.08
C VAL B 525 17.32 -36.26 -8.52
N THR B 526 17.59 -35.04 -9.00
CA THR B 526 18.72 -34.24 -8.53
C THR B 526 18.27 -32.91 -7.93
N ARG B 527 19.14 -32.28 -7.16
CA ARG B 527 18.97 -30.89 -6.67
C ARG B 527 17.79 -30.74 -5.72
N LEU B 528 17.43 -31.82 -5.03
CA LEU B 528 16.39 -31.73 -4.02
C LEU B 528 16.83 -30.78 -2.90
N ARG B 529 15.98 -29.81 -2.60
CA ARG B 529 16.18 -28.95 -1.43
C ARG B 529 14.85 -28.64 -0.73
N ALA B 530 14.94 -28.38 0.58
CA ALA B 530 13.79 -28.08 1.43
C ALA B 530 13.84 -26.64 1.92
N LEU B 531 12.77 -25.89 1.65
CA LEU B 531 12.70 -24.48 2.01
C LEU B 531 11.52 -24.23 2.93
N PRO B 532 11.76 -23.58 4.09
CA PRO B 532 10.70 -23.31 5.08
C PRO B 532 9.58 -22.43 4.53
N LEU B 533 8.38 -22.57 5.07
CA LEU B 533 7.32 -21.65 4.78
C LEU B 533 6.85 -20.96 6.05
N THR B 534 6.48 -21.78 7.04
CA THR B 534 5.84 -21.31 8.25
C THR B 534 5.89 -22.49 9.21
N GLN B 535 5.70 -22.28 10.51
CA GLN B 535 5.81 -23.41 11.45
C GLN B 535 4.94 -24.59 11.00
N GLY B 536 5.57 -25.74 10.81
CA GLY B 536 4.86 -26.97 10.43
C GLY B 536 4.65 -27.18 8.94
N GLN B 537 5.26 -26.34 8.10
CA GLN B 537 5.18 -26.47 6.64
C GLN B 537 6.51 -26.16 5.94
N LEU B 538 6.80 -26.92 4.89
CA LEU B 538 7.92 -26.59 4.02
C LEU B 538 7.59 -26.87 2.56
N VAL B 539 8.48 -26.44 1.66
CA VAL B 539 8.31 -26.68 0.22
C VAL B 539 9.54 -27.44 -0.30
N LEU B 540 9.29 -28.56 -0.98
CA LEU B 540 10.34 -29.35 -1.58
C LEU B 540 10.48 -29.02 -3.07
N VAL B 541 11.72 -28.79 -3.48
CA VAL B 541 12.03 -28.53 -4.89
C VAL B 541 13.14 -29.46 -5.36
N TRP B 542 13.01 -29.94 -6.59
CA TRP B 542 13.99 -30.82 -7.20
C TRP B 542 14.03 -30.58 -8.71
N SER B 543 15.06 -31.10 -9.36
CA SER B 543 15.18 -31.03 -10.80
C SER B 543 14.95 -32.39 -11.42
N ASP B 544 14.36 -32.38 -12.62
CA ASP B 544 14.17 -33.59 -13.40
C ASP B 544 15.16 -33.65 -14.58
N GLU B 545 16.32 -33.02 -14.40
CA GLU B 545 17.35 -32.96 -15.45
C GLU B 545 17.86 -34.35 -15.88
N HIS B 546 17.83 -35.31 -14.98
CA HIS B 546 18.42 -36.62 -15.24
C HIS B 546 17.47 -37.83 -15.17
N VAL B 547 16.17 -37.59 -15.21
CA VAL B 547 15.21 -38.70 -15.18
C VAL B 547 15.08 -39.39 -16.53
N GLY B 548 15.29 -38.64 -17.61
CA GLY B 548 15.42 -39.23 -18.93
C GLY B 548 14.17 -39.39 -19.78
N SER B 549 13.00 -39.52 -19.17
CA SER B 549 11.77 -39.73 -19.95
C SER B 549 10.61 -38.89 -19.45
N LYS B 550 9.66 -38.62 -20.34
CA LYS B 550 8.46 -37.85 -20.00
C LYS B 550 7.29 -38.77 -19.55
N CYS B 551 7.42 -40.06 -19.86
N CYS B 551 7.39 -40.07 -19.80
CA CYS B 551 6.54 -41.10 -19.39
CA CYS B 551 6.32 -41.03 -19.43
C CYS B 551 6.65 -41.18 -17.88
C CYS B 551 6.29 -41.30 -17.93
N LEU B 552 6.01 -40.26 -17.18
CA LEU B 552 6.05 -40.27 -15.73
C LEU B 552 4.67 -40.08 -15.15
N TRP B 553 4.35 -40.90 -14.16
CA TRP B 553 3.06 -40.84 -13.48
C TRP B 553 3.11 -39.77 -12.39
N THR B 554 4.06 -39.92 -11.46
CA THR B 554 4.22 -39.01 -10.33
C THR B 554 5.64 -39.10 -9.75
N TYR B 555 5.95 -38.18 -8.84
CA TYR B 555 7.17 -38.27 -8.05
C TYR B 555 6.79 -38.73 -6.66
N GLU B 556 7.36 -39.84 -6.22
CA GLU B 556 7.08 -40.33 -4.87
C GLU B 556 7.95 -39.61 -3.89
N ILE B 557 7.34 -39.01 -2.88
CA ILE B 557 8.11 -38.36 -1.82
C ILE B 557 8.09 -39.22 -0.57
N GLN B 558 9.27 -39.38 0.03
CA GLN B 558 9.36 -40.11 1.30
C GLN B 558 9.92 -39.23 2.40
N PHE B 559 9.62 -39.60 3.64
CA PHE B 559 9.94 -38.81 4.82
C PHE B 559 10.29 -39.74 5.97
N SER B 560 11.40 -39.45 6.63
CA SER B 560 11.84 -40.21 7.79
C SER B 560 12.03 -39.29 8.98
N GLN B 561 11.32 -39.58 10.08
CA GLN B 561 11.39 -38.77 11.29
C GLN B 561 12.60 -39.12 12.17
N ASP B 562 12.33 -39.71 13.33
CA ASP B 562 13.35 -39.96 14.37
C ASP B 562 14.36 -41.06 14.00
N GLY B 563 14.74 -41.14 12.73
CA GLY B 563 15.71 -42.12 12.27
C GLY B 563 15.11 -43.42 11.77
N LYS B 564 13.80 -43.60 12.00
CA LYS B 564 13.09 -44.80 11.51
C LYS B 564 12.88 -44.77 9.97
N ALA B 565 12.24 -45.81 9.43
CA ALA B 565 12.07 -45.97 7.98
C ALA B 565 11.44 -44.77 7.27
N TYR B 566 11.80 -44.59 6.01
CA TYR B 566 11.18 -43.56 5.17
C TYR B 566 9.74 -43.96 4.88
N THR B 567 8.83 -42.99 4.92
CA THR B 567 7.41 -43.26 4.69
C THR B 567 6.85 -42.48 3.49
N PRO B 568 6.19 -43.18 2.56
CA PRO B 568 5.46 -42.54 1.47
C PRO B 568 4.58 -41.41 2.00
N VAL B 569 4.71 -40.24 1.39
CA VAL B 569 3.83 -39.12 1.68
C VAL B 569 2.66 -39.22 0.67
N SER B 570 1.47 -39.53 1.16
CA SER B 570 0.29 -39.70 0.31
C SER B 570 -0.14 -38.39 -0.34
N ARG B 571 -0.30 -38.41 -1.66
CA ARG B 571 -0.67 -37.20 -2.39
C ARG B 571 -1.14 -37.45 -3.81
N LYS B 572 -1.97 -36.55 -4.33
CA LYS B 572 -2.35 -36.56 -5.76
C LYS B 572 -1.11 -36.75 -6.64
N PRO B 573 -1.27 -37.51 -7.74
CA PRO B 573 -0.20 -37.66 -8.74
C PRO B 573 0.14 -36.33 -9.40
N SER B 574 1.43 -36.16 -9.68
CA SER B 574 1.97 -34.87 -10.08
C SER B 574 3.39 -35.05 -10.59
N THR B 575 3.63 -34.56 -11.80
CA THR B 575 4.97 -34.50 -12.37
C THR B 575 5.53 -33.07 -12.29
N PHE B 576 4.84 -32.21 -11.55
CA PHE B 576 5.35 -30.88 -11.23
C PHE B 576 6.51 -30.98 -10.22
N ASN B 577 7.64 -30.33 -10.53
CA ASN B 577 8.88 -30.53 -9.77
C ASN B 577 8.93 -29.80 -8.43
N LEU B 578 7.79 -29.69 -7.78
CA LEU B 578 7.67 -28.97 -6.52
C LEU B 578 6.49 -29.49 -5.71
N PHE B 579 6.67 -29.64 -4.40
CA PHE B 579 5.58 -30.00 -3.51
C PHE B 579 5.63 -29.29 -2.16
N VAL B 580 4.54 -28.60 -1.83
CA VAL B 580 4.34 -27.98 -0.52
C VAL B 580 3.89 -29.05 0.48
N PHE B 581 4.73 -29.32 1.47
CA PHE B 581 4.44 -30.35 2.45
C PHE B 581 3.88 -29.73 3.72
N SER B 582 2.62 -30.03 3.98
CA SER B 582 1.88 -29.42 5.08
C SER B 582 1.12 -30.50 5.89
N PRO B 583 1.87 -31.30 6.68
CA PRO B 583 1.25 -32.36 7.47
C PRO B 583 0.26 -31.79 8.48
N ASP B 584 -0.79 -32.55 8.76
CA ASP B 584 -1.79 -32.17 9.76
C ASP B 584 -1.21 -32.13 11.17
N THR B 585 -0.16 -32.91 11.40
CA THR B 585 0.46 -33.00 12.72
C THR B 585 1.54 -31.93 12.90
N GLY B 586 1.82 -31.21 11.80
CA GLY B 586 2.84 -30.18 11.76
C GLY B 586 4.28 -30.67 11.84
N ALA B 587 4.47 -32.00 11.86
CA ALA B 587 5.82 -32.59 11.99
C ALA B 587 6.51 -32.68 10.64
N VAL B 588 7.64 -31.97 10.54
CA VAL B 588 8.37 -31.82 9.27
C VAL B 588 9.87 -32.06 9.41
N SER B 589 10.33 -32.07 10.67
CA SER B 589 11.75 -32.27 10.97
C SER B 589 12.17 -33.70 10.72
N GLY B 590 13.15 -33.86 9.83
CA GLY B 590 13.66 -35.19 9.44
C GLY B 590 14.36 -35.18 8.09
N SER B 591 14.43 -36.34 7.45
CA SER B 591 15.05 -36.48 6.12
C SER B 591 14.00 -36.72 5.04
N TYR B 592 14.29 -36.23 3.84
CA TYR B 592 13.38 -36.40 2.70
C TYR B 592 14.12 -36.92 1.48
N ARG B 593 13.50 -37.86 0.78
CA ARG B 593 14.01 -38.30 -0.52
C ARG B 593 12.88 -38.37 -1.56
N VAL B 594 13.23 -38.12 -2.83
CA VAL B 594 12.27 -38.15 -3.94
C VAL B 594 12.78 -39.00 -5.10
N ARG B 595 11.91 -39.83 -5.67
CA ARG B 595 12.23 -40.58 -6.89
C ARG B 595 11.13 -40.49 -7.95
N ALA B 596 11.51 -40.72 -9.20
CA ALA B 596 10.52 -40.74 -10.29
C ALA B 596 9.75 -42.07 -10.30
N LEU B 597 8.56 -42.03 -10.88
CA LEU B 597 7.75 -43.22 -11.13
C LEU B 597 7.16 -43.14 -12.53
N ASP B 598 7.46 -44.17 -13.33
CA ASP B 598 7.07 -44.18 -14.74
C ASP B 598 5.68 -44.80 -14.94
N TYR B 599 5.28 -44.97 -16.21
CA TYR B 599 3.95 -45.50 -16.49
C TYR B 599 3.80 -46.98 -16.13
N TRP B 600 4.93 -47.68 -16.03
CA TRP B 600 4.94 -49.12 -15.82
C TRP B 600 5.39 -49.45 -14.40
N ALA B 601 5.08 -48.54 -13.47
CA ALA B 601 5.36 -48.72 -12.04
C ALA B 601 6.84 -48.96 -11.69
N ARG B 602 7.74 -48.60 -12.60
CA ARG B 602 9.17 -48.68 -12.34
C ARG B 602 9.65 -47.39 -11.71
N PRO B 603 10.21 -47.49 -10.49
CA PRO B 603 10.83 -46.35 -9.82
C PRO B 603 12.17 -46.04 -10.44
N GLY B 604 12.59 -44.79 -10.36
CA GLY B 604 13.98 -44.43 -10.62
C GLY B 604 14.73 -44.48 -9.30
N PRO B 605 16.05 -44.24 -9.31
CA PRO B 605 16.75 -44.24 -8.03
C PRO B 605 16.38 -43.01 -7.22
N PHE B 606 16.29 -43.18 -5.91
CA PHE B 606 16.04 -42.07 -5.02
C PHE B 606 17.12 -41.00 -5.15
N SER B 607 16.72 -39.74 -4.98
CA SER B 607 17.67 -38.64 -4.85
C SER B 607 18.46 -38.81 -3.55
N ASP B 608 19.52 -38.02 -3.40
CA ASP B 608 20.20 -37.98 -2.12
C ASP B 608 19.19 -37.54 -1.07
N PRO B 609 19.31 -38.08 0.16
CA PRO B 609 18.48 -37.60 1.27
C PRO B 609 18.80 -36.13 1.59
N VAL B 610 17.77 -35.36 1.96
CA VAL B 610 17.95 -33.96 2.34
C VAL B 610 17.38 -33.75 3.73
N PRO B 611 18.27 -33.42 4.71
CA PRO B 611 17.83 -33.23 6.09
C PRO B 611 17.18 -31.87 6.29
N TYR B 612 16.16 -31.84 7.14
CA TYR B 612 15.47 -30.61 7.48
C TYR B 612 15.18 -30.58 8.97
N LEU B 613 15.58 -29.49 9.60
CA LEU B 613 15.33 -29.26 11.01
C LEU B 613 14.71 -27.88 11.16
N GLU B 614 13.52 -27.84 11.75
CA GLU B 614 12.78 -26.60 11.92
C GLU B 614 13.33 -25.80 13.10
N VAL B 615 13.53 -24.49 12.89
CA VAL B 615 14.04 -23.61 13.94
C VAL B 615 12.88 -23.11 14.81
N PRO B 616 12.91 -23.42 16.12
CA PRO B 616 11.78 -23.04 16.98
C PRO B 616 11.86 -21.58 17.43
C1 NAG C . 6.94 36.77 6.18
C2 NAG C . 6.31 38.14 5.92
C3 NAG C . 6.05 38.32 4.43
C4 NAG C . 7.34 38.18 3.64
C5 NAG C . 8.02 36.86 4.00
C6 NAG C . 9.43 36.77 3.45
C7 NAG C . 4.99 38.80 7.90
C8 NAG C . 3.62 38.91 8.48
N2 NAG C . 5.07 38.31 6.66
O3 NAG C . 5.44 39.56 4.14
O4 NAG C . 7.03 38.21 2.26
O5 NAG C . 8.12 36.67 5.41
O6 NAG C . 9.70 35.42 3.14
O7 NAG C . 5.97 39.13 8.55
C1 NAG C . 7.67 39.32 1.57
C2 NAG C . 7.81 38.95 0.09
C3 NAG C . 8.18 40.16 -0.79
C4 NAG C . 7.32 41.36 -0.43
C5 NAG C . 7.46 41.65 1.06
C6 NAG C . 6.68 42.89 1.48
C7 NAG C . 8.59 36.73 -0.67
C8 NAG C . 9.77 35.81 -0.77
N2 NAG C . 8.82 37.92 -0.10
O3 NAG C . 8.01 39.83 -2.15
O4 NAG C . 7.72 42.47 -1.22
O5 NAG C . 6.98 40.53 1.78
O6 NAG C . 7.62 43.88 1.96
O7 NAG C . 7.49 36.38 -1.11
C1 NAG D . -14.34 -2.07 4.99
C2 NAG D . -13.89 -1.57 3.62
C3 NAG D . -14.28 -0.10 3.42
C4 NAG D . -15.71 0.24 3.87
C5 NAG D . -16.10 -0.52 5.13
C6 NAG D . -17.61 -0.45 5.34
C7 NAG D . -11.96 -2.29 2.32
C8 NAG D . -10.48 -2.49 2.28
N2 NAG D . -12.46 -1.81 3.45
O3 NAG D . -14.18 0.22 2.05
O4 NAG D . -15.84 1.63 4.13
O5 NAG D . -15.74 -1.89 5.06
O6 NAG D . -17.97 -1.46 6.26
O7 NAG D . -12.64 -2.56 1.32
C1 NAG D . -16.30 2.37 2.98
C2 NAG D . -17.20 3.52 3.43
C3 NAG D . -17.58 4.41 2.26
C4 NAG D . -16.39 4.88 1.42
C5 NAG D . -15.40 3.72 1.18
C6 NAG D . -14.04 4.28 0.81
C7 NAG D . -18.52 3.03 5.42
C8 NAG D . -19.83 2.55 5.99
N2 NAG D . -18.41 3.07 4.09
O3 NAG D . -18.27 5.54 2.76
O4 NAG D . -16.88 5.37 0.19
O5 NAG D . -15.17 2.90 2.30
O6 NAG D . -13.79 4.01 -0.55
O7 NAG D . -17.62 3.36 6.18
C1 BMA D . -16.31 6.68 -0.12
C2 BMA D . -16.21 6.83 -1.63
C3 BMA D . -15.64 8.21 -2.01
C4 BMA D . -16.32 9.35 -1.27
C5 BMA D . -16.42 9.05 0.23
C6 BMA D . -17.19 10.16 0.95
O2 BMA D . -17.50 6.66 -2.21
O3 BMA D . -15.80 8.42 -3.42
O4 BMA D . -15.57 10.55 -1.50
O5 BMA D . -17.05 7.77 0.44
O6 BMA D . -18.30 9.62 1.68
C1 MAN D . -14.53 8.74 -4.04
C2 MAN D . -14.80 9.43 -5.38
C3 MAN D . -15.33 8.42 -6.41
C4 MAN D . -14.48 7.15 -6.47
C5 MAN D . -14.21 6.60 -5.06
C6 MAN D . -13.25 5.42 -5.09
O2 MAN D . -13.61 10.04 -5.83
O3 MAN D . -15.41 9.02 -7.68
O4 MAN D . -15.15 6.17 -7.22
O5 MAN D . -13.68 7.62 -4.23
O6 MAN D . -13.40 4.70 -3.88
C1 MAN D . -19.36 10.61 1.86
C2 MAN D . -20.68 10.03 1.29
C3 MAN D . -20.98 10.44 -0.15
C4 MAN D . -20.69 11.92 -0.41
C5 MAN D . -19.29 12.31 0.07
C6 MAN D . -19.05 13.82 -0.10
O2 MAN D . -21.73 10.43 2.15
O3 MAN D . -22.33 10.16 -0.47
O4 MAN D . -20.79 12.15 -1.79
O5 MAN D . -19.06 11.94 1.43
O6 MAN D . -18.61 14.43 1.11
C1 NAG E . -10.20 -15.94 -38.19
C2 NAG E . -9.65 -15.16 -39.39
C3 NAG E . -10.37 -13.82 -39.65
C4 NAG E . -11.88 -13.87 -39.39
C5 NAG E . -12.15 -14.66 -38.11
C6 NAG E . -13.63 -14.70 -37.73
C7 NAG E . -7.30 -15.71 -39.75
C8 NAG E . -5.88 -15.31 -39.52
N2 NAG E . -8.24 -14.90 -39.25
O3 NAG E . -10.13 -13.42 -40.98
O4 NAG E . -12.38 -12.54 -39.28
O5 NAG E . -11.61 -15.96 -38.23
O6 NAG E . -14.09 -16.02 -37.61
O7 NAG E . -7.55 -16.74 -40.37
C1 NAG E . -13.18 -12.17 -40.43
C2 NAG E . -14.23 -11.12 -40.03
C3 NAG E . -14.99 -10.60 -41.26
C4 NAG E . -14.08 -10.25 -42.44
C5 NAG E . -13.06 -11.37 -42.70
C6 NAG E . -12.04 -10.89 -43.73
C7 NAG E . -15.08 -11.65 -37.73
C8 NAG E . -16.23 -12.25 -36.97
N2 NAG E . -15.19 -11.64 -39.07
O3 NAG E . -15.76 -9.45 -40.93
O4 NAG E . -14.87 -10.00 -43.58
O5 NAG E . -12.38 -11.71 -41.52
O6 NAG E . -11.12 -11.93 -44.01
O7 NAG E . -14.11 -11.22 -37.11
C1 NAG F . -0.51 -8.26 4.33
C2 NAG F . -1.62 -7.30 3.92
C3 NAG F . -1.29 -6.61 2.59
C4 NAG F . 0.11 -6.02 2.55
C5 NAG F . 1.10 -7.02 3.13
C6 NAG F . 2.51 -6.42 3.18
C7 NAG F . -4.02 -7.47 4.31
C8 NAG F . -5.26 -8.29 4.14
N2 NAG F . -2.90 -7.98 3.81
O3 NAG F . -2.23 -5.57 2.37
O4 NAG F . 0.49 -5.85 1.20
O5 NAG F . 0.69 -7.50 4.40
O6 NAG F . 3.40 -7.28 3.85
O7 NAG F . -4.09 -6.37 4.89
C1 NAG F . 0.13 -4.60 0.59
C2 NAG F . 1.11 -4.40 -0.55
C3 NAG F . 0.73 -3.18 -1.40
C4 NAG F . -0.75 -3.21 -1.81
C5 NAG F . -1.63 -3.51 -0.61
C6 NAG F . -3.06 -3.79 -1.05
C7 NAG F . 3.44 -5.16 -0.36
C8 NAG F . 4.77 -4.94 0.30
N2 NAG F . 2.46 -4.32 -0.02
O3 NAG F . 1.51 -3.20 -2.57
O4 NAG F . -1.14 -1.95 -2.35
O5 NAG F . -1.18 -4.66 0.08
O6 NAG F . -3.83 -4.00 0.10
O7 NAG F . 3.32 -6.07 -1.17
C1 BMA F . -1.30 -2.05 -3.76
C2 BMA F . -2.40 -1.09 -4.23
C3 BMA F . -2.42 -0.82 -5.75
C4 BMA F . -1.04 -0.84 -6.41
C5 BMA F . -0.17 -1.95 -5.82
C6 BMA F . 1.26 -1.90 -6.30
O2 BMA F . -2.24 0.15 -3.56
O3 BMA F . -2.97 0.48 -5.97
O4 BMA F . -1.21 -1.02 -7.82
O5 BMA F . -0.09 -1.74 -4.43
O6 BMA F . 1.81 -0.69 -5.79
C1 MAN F . 3.13 -0.50 -6.31
C2 MAN F . 3.69 0.76 -5.69
C3 MAN F . 3.09 2.03 -6.32
C4 MAN F . 2.93 1.95 -7.84
C5 MAN F . 2.40 0.59 -8.30
C6 MAN F . 2.45 0.44 -9.81
O2 MAN F . 5.10 0.74 -5.81
O3 MAN F . 3.91 3.14 -6.00
O4 MAN F . 2.04 2.95 -8.28
O5 MAN F . 3.19 -0.45 -7.73
O6 MAN F . 3.79 0.37 -10.22
C1 MAN F . 3.81 0.28 -11.66
C2 MAN F . 5.06 -0.46 -12.16
C3 MAN F . 6.24 0.49 -12.12
C4 MAN F . 5.94 1.72 -12.97
C5 MAN F . 4.67 2.43 -12.46
C6 MAN F . 4.24 3.56 -13.39
O2 MAN F . 4.85 -0.83 -13.50
O3 MAN F . 7.40 -0.17 -12.58
O4 MAN F . 7.04 2.60 -13.01
O5 MAN F . 3.58 1.51 -12.33
O6 MAN F . 2.87 3.84 -13.19
C1 MAN F . 4.41 -2.19 -13.72
C2 MAN F . 4.54 -2.46 -15.23
C3 MAN F . 3.50 -1.62 -15.98
C4 MAN F . 2.09 -1.85 -15.44
C5 MAN F . 2.08 -1.66 -13.92
C6 MAN F . 0.72 -1.94 -13.28
O2 MAN F . 4.38 -3.83 -15.50
O3 MAN F . 3.56 -1.90 -17.37
O4 MAN F . 1.19 -0.96 -16.05
O5 MAN F . 3.08 -2.46 -13.30
O6 MAN F . 0.69 -1.43 -11.96
C1 MAN F . 3.35 3.96 -4.95
C2 MAN F . 4.05 5.30 -5.00
C3 MAN F . 5.52 5.15 -4.53
C4 MAN F . 5.65 4.39 -3.20
C5 MAN F . 4.78 3.14 -3.17
C6 MAN F . 4.74 2.52 -1.78
O2 MAN F . 3.35 6.23 -4.21
O3 MAN F . 6.13 6.41 -4.42
O4 MAN F . 7.00 4.00 -3.02
O5 MAN F . 3.46 3.41 -3.62
O6 MAN F . 5.05 1.14 -1.89
C1 MAN F . -4.27 0.36 -6.60
C2 MAN F . -4.67 1.71 -7.17
C3 MAN F . -4.89 2.70 -6.02
C4 MAN F . -5.90 2.15 -5.02
C5 MAN F . -5.52 0.73 -4.59
C6 MAN F . -6.56 0.11 -3.69
O2 MAN F . -5.87 1.59 -7.90
O3 MAN F . -5.31 3.94 -6.53
O4 MAN F . -5.90 3.00 -3.89
O5 MAN F . -5.29 -0.10 -5.72
O6 MAN F . -5.93 -0.32 -2.51
C1 MAN F . -5.59 1.53 -9.31
C2 MAN F . -6.54 2.48 -10.06
C3 MAN F . -7.92 1.87 -10.35
C4 MAN F . -7.99 0.33 -10.42
C5 MAN F . -6.91 -0.40 -9.62
C6 MAN F . -6.81 -1.88 -9.99
O2 MAN F . -5.93 2.99 -11.22
O3 MAN F . -8.41 2.41 -11.57
O4 MAN F . -9.26 -0.07 -9.95
O5 MAN F . -5.66 0.21 -9.82
O6 MAN F . -7.80 -2.60 -9.32
C1 NAG G . -36.94 9.50 19.47
C2 NAG G . -37.94 8.57 20.19
C3 NAG G . -37.38 7.18 20.54
C4 NAG G . -36.52 6.57 19.44
C5 NAG G . -35.49 7.62 19.03
C6 NAG G . -34.49 7.09 17.99
C7 NAG G . -39.62 9.73 21.55
C8 NAG G . -39.92 10.34 22.89
N2 NAG G . -38.41 9.20 21.41
O3 NAG G . -38.44 6.29 20.84
O4 NAG G . -35.91 5.37 19.89
O5 NAG G . -36.18 8.77 18.53
O6 NAG G . -35.07 7.04 16.71
O7 NAG G . -40.47 9.74 20.64
C1 GOL H . 8.08 28.76 5.39
O1 GOL H . 8.10 27.66 4.50
C2 GOL H . 9.29 29.66 5.14
O2 GOL H . 8.84 30.91 4.60
C3 GOL H . 10.03 29.94 6.43
O3 GOL H . 9.10 30.37 7.44
O6B IDJ I . -12.33 20.59 3.63
C6 IDJ I . -12.68 21.71 4.01
O6A IDJ I . -11.91 22.69 4.05
C5 IDJ I . -14.12 21.89 4.42
N5 IDJ I . -14.69 23.13 3.92
C4 IDJ I . -14.29 21.76 5.95
O4 IDJ I . -13.06 22.05 6.66
C3 IDJ I . -15.40 22.62 6.56
O3 IDJ I . -16.06 21.88 7.59
C2 IDJ I . -16.47 23.23 5.63
O2 IDJ I . -16.79 24.54 6.14
C1 IDJ I . -16.09 23.38 4.15
C1 NAG J . 28.03 -3.76 -2.50
C2 NAG J . 29.01 -3.53 -1.33
C3 NAG J . 28.73 -4.52 -0.20
C4 NAG J . 27.27 -4.52 0.19
C5 NAG J . 26.43 -4.80 -1.06
C6 NAG J . 24.93 -4.82 -0.74
C7 NAG J . 31.31 -2.76 -1.56
C8 NAG J . 32.68 -3.07 -2.12
N2 NAG J . 30.36 -3.67 -1.81
O3 NAG J . 29.51 -4.17 0.92
O4 NAG J . 27.04 -5.48 1.20
O5 NAG J . 26.70 -3.80 -2.03
O6 NAG J . 24.28 -3.75 -1.36
O7 NAG J . 31.11 -1.73 -0.92
C1 GOL K . 1.28 -30.99 -15.21
O1 GOL K . 1.94 -29.76 -14.85
C2 GOL K . 1.72 -32.12 -14.27
O2 GOL K . 1.80 -31.64 -12.92
C3 GOL K . 0.74 -33.28 -14.34
O3 GOL K . 0.94 -34.18 -13.23
C1 GOL L . -4.67 -11.69 -0.44
O1 GOL L . -5.46 -12.52 0.41
C2 GOL L . -3.21 -11.74 -0.04
O2 GOL L . -2.35 -11.68 -1.19
C3 GOL L . -2.87 -10.56 0.89
O3 GOL L . -2.69 -11.00 2.24
C1 GOL M . -2.35 -28.86 -38.42
O1 GOL M . -2.93 -29.62 -37.35
C2 GOL M . -1.07 -29.53 -38.94
O2 GOL M . -1.20 -30.96 -38.90
C3 GOL M . -0.84 -29.09 -40.39
O3 GOL M . -0.09 -27.86 -40.40
C1 GOL N . 15.76 -22.33 -3.90
O1 GOL N . 16.36 -23.62 -4.09
C2 GOL N . 15.31 -21.81 -5.27
O2 GOL N . 14.65 -22.86 -6.02
C3 GOL N . 14.42 -20.60 -5.02
O3 GOL N . 13.69 -20.27 -6.22
O1 TLA O . 13.66 -27.05 -27.40
O11 TLA O . 12.28 -26.94 -29.11
C1 TLA O . 13.29 -26.55 -28.49
C2 TLA O . 14.08 -25.39 -29.07
O2 TLA O . 15.43 -25.40 -28.58
C3 TLA O . 13.38 -24.07 -28.74
O3 TLA O . 13.85 -23.55 -27.49
C4 TLA O . 13.59 -23.03 -29.80
O4 TLA O . 13.08 -21.91 -29.62
O41 TLA O . 14.27 -23.30 -30.82
O6B IDJ P . 0.58 -5.22 -17.88
C6 IDJ P . 1.07 -5.01 -19.01
O6A IDJ P . 0.45 -5.20 -20.07
C5 IDJ P . 2.49 -4.49 -19.07
N5 IDJ P . 2.90 -4.11 -20.43
C4 IDJ P . 3.49 -5.48 -18.47
O4 IDJ P . 3.19 -6.83 -18.89
C3 IDJ P . 4.96 -5.17 -18.80
O3 IDJ P . 5.74 -5.12 -17.58
C2 IDJ P . 5.24 -3.87 -19.60
O2 IDJ P . 6.51 -4.04 -20.26
C1 IDJ P . 4.19 -3.48 -20.64
#